data_3LJE
# 
_entry.id   3LJE 
# 
_audit_conform.dict_name       mmcif_pdbx.dic 
_audit_conform.dict_version    5.399 
_audit_conform.dict_location   http://mmcif.pdb.org/dictionaries/ascii/mmcif_pdbx.dic 
# 
loop_
_database_2.database_id 
_database_2.database_code 
_database_2.pdbx_database_accession 
_database_2.pdbx_DOI 
PDB   3LJE         pdb_00003lje 10.2210/pdb3lje/pdb 
RCSB  RCSB057350   ?            ?                   
WWPDB D_1000057350 ?            ?                   
# 
loop_
_pdbx_audit_revision_history.ordinal 
_pdbx_audit_revision_history.data_content_type 
_pdbx_audit_revision_history.major_revision 
_pdbx_audit_revision_history.minor_revision 
_pdbx_audit_revision_history.revision_date 
1 'Structure model' 1 0 2010-11-24 
2 'Structure model' 1 1 2011-07-13 
3 'Structure model' 1 2 2023-09-06 
4 'Structure model' 1 3 2024-11-27 
# 
_pdbx_audit_revision_details.ordinal             1 
_pdbx_audit_revision_details.revision_ordinal    1 
_pdbx_audit_revision_details.data_content_type   'Structure model' 
_pdbx_audit_revision_details.provider            repository 
_pdbx_audit_revision_details.type                'Initial release' 
_pdbx_audit_revision_details.description         ? 
_pdbx_audit_revision_details.details             ? 
# 
loop_
_pdbx_audit_revision_group.ordinal 
_pdbx_audit_revision_group.revision_ordinal 
_pdbx_audit_revision_group.data_content_type 
_pdbx_audit_revision_group.group 
1 2 'Structure model' 'Version format compliance' 
2 3 'Structure model' 'Data collection'           
3 3 'Structure model' 'Database references'       
4 3 'Structure model' 'Derived calculations'      
5 3 'Structure model' 'Refinement description'    
6 4 'Structure model' 'Structure summary'         
# 
loop_
_pdbx_audit_revision_category.ordinal 
_pdbx_audit_revision_category.revision_ordinal 
_pdbx_audit_revision_category.data_content_type 
_pdbx_audit_revision_category.category 
1 3 'Structure model' chem_comp_atom                
2 3 'Structure model' chem_comp_bond                
3 3 'Structure model' database_2                    
4 3 'Structure model' pdbx_initial_refinement_model 
5 3 'Structure model' struct_site                   
6 4 'Structure model' pdbx_entry_details            
7 4 'Structure model' pdbx_modification_feature     
# 
loop_
_pdbx_audit_revision_item.ordinal 
_pdbx_audit_revision_item.revision_ordinal 
_pdbx_audit_revision_item.data_content_type 
_pdbx_audit_revision_item.item 
1 3 'Structure model' '_database_2.pdbx_DOI'                
2 3 'Structure model' '_database_2.pdbx_database_accession' 
3 3 'Structure model' '_struct_site.pdbx_auth_asym_id'      
4 3 'Structure model' '_struct_site.pdbx_auth_comp_id'      
5 3 'Structure model' '_struct_site.pdbx_auth_seq_id'       
# 
_pdbx_database_status.status_code                     REL 
_pdbx_database_status.entry_id                        3LJE 
_pdbx_database_status.recvd_initial_deposition_date   2010-01-26 
_pdbx_database_status.deposit_site                    RCSB 
_pdbx_database_status.process_site                    RCSB 
_pdbx_database_status.status_code_sf                  REL 
_pdbx_database_status.status_code_mr                  ? 
_pdbx_database_status.SG_entry                        ? 
_pdbx_database_status.status_code_cs                  ? 
_pdbx_database_status.pdb_format_compatible           Y 
_pdbx_database_status.status_code_nmr_data            ? 
_pdbx_database_status.methods_development_category    ? 
# 
loop_
_pdbx_database_related.db_name 
_pdbx_database_related.db_id 
_pdbx_database_related.details 
_pdbx_database_related.content_type 
PDB 2VQ8 'The X-ray structure of zebrafish Rnase 1'                                   unspecified 
PDB 2VQ9 'The X-ray structure of zebrafish Rnase 3'                                   unspecified 
PDB 3LJD 'The X-ray structure of zebrafish Rnase 1 at pH 4.5 from a new crystal form' unspecified 
PDB 3LN8 'The X-ray structure of Zf-RNase-1 from a new crystal form at pH 7.3'        unspecified 
# 
loop_
_audit_author.name 
_audit_author.pdbx_ordinal 
'Russo Krauss, I.' 1 
'Merlino, A.'      2 
'Coscia, F.'       3 
'Mazzarella, L.'   4 
'Sica, F.'         5 
# 
loop_
_citation.id 
_citation.title 
_citation.journal_abbrev 
_citation.journal_volume 
_citation.page_first 
_citation.page_last 
_citation.year 
_citation.journal_id_ASTM 
_citation.country 
_citation.journal_id_ISSN 
_citation.journal_id_CSD 
_citation.book_publisher 
_citation.pdbx_database_id_PubMed 
_citation.pdbx_database_id_DOI 
primary 'A new RNase sheds light on the RNase/angiogenin subfamily from zebrafish.'        Biochem.J.   433 345   355   2010 
BIJOAK UK 0264-6021 0043 ? 21050179 10.1042/BJ20100892 
1       'The success of the RNase scaffold in the advance of bioscience and in evolution.' Gene         406 8     12    2007 
GENED6 NE 0378-1119 0861 ? ?        ?                  
2       'Ribonucleases and angiogenins from fish'                                          J.Biol.Chem. 281 27454 27460 2006 
JBCHA3 US 0021-9258 0071 ? ?        ?                  
# 
loop_
_citation_author.citation_id 
_citation_author.name 
_citation_author.ordinal 
_citation_author.identifier_ORCID 
primary 'Pizzo, E.'        1  ? 
primary 'Merlino, A.'      2  ? 
primary 'Turano, M.'       3  ? 
primary 'Russo Krauss, I.' 4  ? 
primary 'Coscia, F.'       5  ? 
primary 'Zanfardino, A.'   6  ? 
primary 'Varcamonti, M.'   7  ? 
primary 'Furia, A.'        8  ? 
primary 'Giancola, C.'     9  ? 
primary 'Mazzarella, L.'   10 ? 
primary 'Sica, F.'         11 ? 
primary 
;D'Alessio, G.
;
12 ? 
1       'Pizzo, E.'        13 ? 
1       
;D'Alessio, G.
;
14 ? 
2       'Pizzo, E.'        15 ? 
2       'Buonanno, P.'     16 ? 
2       'Di Maro, A.'      17 ? 
2       'Ponticelli, S.'   18 ? 
2       'De Falco, S.'     19 ? 
2       'Quarto, N.'       20 ? 
2       'Cubellis, M.V.'   21 ? 
2       
;D'Alessio, G.
;
22 ? 
# 
loop_
_entity.id 
_entity.type 
_entity.src_method 
_entity.pdbx_description 
_entity.formula_weight 
_entity.pdbx_number_of_molecules 
_entity.pdbx_ec 
_entity.pdbx_mutation 
_entity.pdbx_fragment 
_entity.details 
1 polymer     man 'Zebrafish RNase5' 14533.582 1   ? ? ? ? 
2 non-polymer syn 'ACETATE ION'      59.044    1   ? ? ? ? 
3 non-polymer syn 'SULFATE ION'      96.063    2   ? ? ? ? 
4 water       nat water              18.015    110 ? ? ? ? 
# 
_entity_poly.entity_id                      1 
_entity_poly.type                           'polypeptide(L)' 
_entity_poly.nstd_linkage                   no 
_entity_poly.nstd_monomer                   no 
_entity_poly.pdbx_seq_one_letter_code       
;MKVPPDVDPRYQKFLRQHVDADMSVQKCDRAMSIKKITAGTGNDCKEVNTFIQATKDRITTVCGDAGTPVNNLFKSNQPF
PVVTCKLKSGNRRPNCQYRGTSSTRYIVLGCDKGWPVHYDEGIIDVNRSG
;
_entity_poly.pdbx_seq_one_letter_code_can   
;MKVPPDVDPRYQKFLRQHVDADMSVQKCDRAMSIKKITAGTGNDCKEVNTFIQATKDRITTVCGDAGTPVNNLFKSNQPF
PVVTCKLKSGNRRPNCQYRGTSSTRYIVLGCDKGWPVHYDEGIIDVNRSG
;
_entity_poly.pdbx_strand_id                 A 
_entity_poly.pdbx_target_identifier         ? 
# 
loop_
_pdbx_entity_nonpoly.entity_id 
_pdbx_entity_nonpoly.name 
_pdbx_entity_nonpoly.comp_id 
2 'ACETATE ION' ACT 
3 'SULFATE ION' SO4 
4 water         HOH 
# 
loop_
_entity_poly_seq.entity_id 
_entity_poly_seq.num 
_entity_poly_seq.mon_id 
_entity_poly_seq.hetero 
1 1   MET n 
1 2   LYS n 
1 3   VAL n 
1 4   PRO n 
1 5   PRO n 
1 6   ASP n 
1 7   VAL n 
1 8   ASP n 
1 9   PRO n 
1 10  ARG n 
1 11  TYR n 
1 12  GLN n 
1 13  LYS n 
1 14  PHE n 
1 15  LEU n 
1 16  ARG n 
1 17  GLN n 
1 18  HIS n 
1 19  VAL n 
1 20  ASP n 
1 21  ALA n 
1 22  ASP n 
1 23  MET n 
1 24  SER n 
1 25  VAL n 
1 26  GLN n 
1 27  LYS n 
1 28  CYS n 
1 29  ASP n 
1 30  ARG n 
1 31  ALA n 
1 32  MET n 
1 33  SER n 
1 34  ILE n 
1 35  LYS n 
1 36  LYS n 
1 37  ILE n 
1 38  THR n 
1 39  ALA n 
1 40  GLY n 
1 41  THR n 
1 42  GLY n 
1 43  ASN n 
1 44  ASP n 
1 45  CYS n 
1 46  LYS n 
1 47  GLU n 
1 48  VAL n 
1 49  ASN n 
1 50  THR n 
1 51  PHE n 
1 52  ILE n 
1 53  GLN n 
1 54  ALA n 
1 55  THR n 
1 56  LYS n 
1 57  ASP n 
1 58  ARG n 
1 59  ILE n 
1 60  THR n 
1 61  THR n 
1 62  VAL n 
1 63  CYS n 
1 64  GLY n 
1 65  ASP n 
1 66  ALA n 
1 67  GLY n 
1 68  THR n 
1 69  PRO n 
1 70  VAL n 
1 71  ASN n 
1 72  ASN n 
1 73  LEU n 
1 74  PHE n 
1 75  LYS n 
1 76  SER n 
1 77  ASN n 
1 78  GLN n 
1 79  PRO n 
1 80  PHE n 
1 81  PRO n 
1 82  VAL n 
1 83  VAL n 
1 84  THR n 
1 85  CYS n 
1 86  LYS n 
1 87  LEU n 
1 88  LYS n 
1 89  SER n 
1 90  GLY n 
1 91  ASN n 
1 92  ARG n 
1 93  ARG n 
1 94  PRO n 
1 95  ASN n 
1 96  CYS n 
1 97  GLN n 
1 98  TYR n 
1 99  ARG n 
1 100 GLY n 
1 101 THR n 
1 102 SER n 
1 103 SER n 
1 104 THR n 
1 105 ARG n 
1 106 TYR n 
1 107 ILE n 
1 108 VAL n 
1 109 LEU n 
1 110 GLY n 
1 111 CYS n 
1 112 ASP n 
1 113 LYS n 
1 114 GLY n 
1 115 TRP n 
1 116 PRO n 
1 117 VAL n 
1 118 HIS n 
1 119 TYR n 
1 120 ASP n 
1 121 GLU n 
1 122 GLY n 
1 123 ILE n 
1 124 ILE n 
1 125 ASP n 
1 126 VAL n 
1 127 ASN n 
1 128 ARG n 
1 129 SER n 
1 130 GLY n 
# 
_entity_src_gen.entity_id                          1 
_entity_src_gen.pdbx_src_id                        1 
_entity_src_gen.pdbx_alt_source_flag               sample 
_entity_src_gen.pdbx_seq_type                      ? 
_entity_src_gen.pdbx_beg_seq_num                   ? 
_entity_src_gen.pdbx_end_seq_num                   ? 
_entity_src_gen.gene_src_common_name               zebrafish 
_entity_src_gen.gene_src_genus                     ? 
_entity_src_gen.pdbx_gene_src_gene                 ? 
_entity_src_gen.gene_src_species                   ? 
_entity_src_gen.gene_src_strain                    ? 
_entity_src_gen.gene_src_tissue                    ? 
_entity_src_gen.gene_src_tissue_fraction           ? 
_entity_src_gen.gene_src_details                   ? 
_entity_src_gen.pdbx_gene_src_fragment             ? 
_entity_src_gen.pdbx_gene_src_scientific_name      'Danio rerio' 
_entity_src_gen.pdbx_gene_src_ncbi_taxonomy_id     7955 
_entity_src_gen.pdbx_gene_src_variant              ? 
_entity_src_gen.pdbx_gene_src_cell_line            ? 
_entity_src_gen.pdbx_gene_src_atcc                 ? 
_entity_src_gen.pdbx_gene_src_organ                ? 
_entity_src_gen.pdbx_gene_src_organelle            ? 
_entity_src_gen.pdbx_gene_src_cell                 ? 
_entity_src_gen.pdbx_gene_src_cellular_location    ? 
_entity_src_gen.host_org_common_name               ? 
_entity_src_gen.pdbx_host_org_scientific_name      'Escherichia coli' 
_entity_src_gen.pdbx_host_org_ncbi_taxonomy_id     562 
_entity_src_gen.host_org_genus                     ? 
_entity_src_gen.pdbx_host_org_gene                 ? 
_entity_src_gen.pdbx_host_org_organ                ? 
_entity_src_gen.host_org_species                   ? 
_entity_src_gen.pdbx_host_org_tissue               ? 
_entity_src_gen.pdbx_host_org_tissue_fraction      ? 
_entity_src_gen.pdbx_host_org_strain               ? 
_entity_src_gen.pdbx_host_org_variant              ? 
_entity_src_gen.pdbx_host_org_cell_line            ? 
_entity_src_gen.pdbx_host_org_atcc                 ? 
_entity_src_gen.pdbx_host_org_culture_collection   ? 
_entity_src_gen.pdbx_host_org_cell                 ? 
_entity_src_gen.pdbx_host_org_organelle            ? 
_entity_src_gen.pdbx_host_org_cellular_location    ? 
_entity_src_gen.pdbx_host_org_vector_type          Plasmid 
_entity_src_gen.pdbx_host_org_vector               ? 
_entity_src_gen.host_org_details                   ? 
_entity_src_gen.expression_system_id               ? 
_entity_src_gen.plasmid_name                       'PET22b(+)' 
_entity_src_gen.plasmid_details                    ? 
_entity_src_gen.pdbx_description                   ? 
# 
loop_
_chem_comp.id 
_chem_comp.type 
_chem_comp.mon_nstd_flag 
_chem_comp.name 
_chem_comp.pdbx_synonyms 
_chem_comp.formula 
_chem_comp.formula_weight 
ACT non-polymer         . 'ACETATE ION'   ? 'C2 H3 O2 -1'    59.044  
ALA 'L-peptide linking' y ALANINE         ? 'C3 H7 N O2'     89.093  
ARG 'L-peptide linking' y ARGININE        ? 'C6 H15 N4 O2 1' 175.209 
ASN 'L-peptide linking' y ASPARAGINE      ? 'C4 H8 N2 O3'    132.118 
ASP 'L-peptide linking' y 'ASPARTIC ACID' ? 'C4 H7 N O4'     133.103 
CYS 'L-peptide linking' y CYSTEINE        ? 'C3 H7 N O2 S'   121.158 
GLN 'L-peptide linking' y GLUTAMINE       ? 'C5 H10 N2 O3'   146.144 
GLU 'L-peptide linking' y 'GLUTAMIC ACID' ? 'C5 H9 N O4'     147.129 
GLY 'peptide linking'   y GLYCINE         ? 'C2 H5 N O2'     75.067  
HIS 'L-peptide linking' y HISTIDINE       ? 'C6 H10 N3 O2 1' 156.162 
HOH non-polymer         . WATER           ? 'H2 O'           18.015  
ILE 'L-peptide linking' y ISOLEUCINE      ? 'C6 H13 N O2'    131.173 
LEU 'L-peptide linking' y LEUCINE         ? 'C6 H13 N O2'    131.173 
LYS 'L-peptide linking' y LYSINE          ? 'C6 H15 N2 O2 1' 147.195 
MET 'L-peptide linking' y METHIONINE      ? 'C5 H11 N O2 S'  149.211 
PHE 'L-peptide linking' y PHENYLALANINE   ? 'C9 H11 N O2'    165.189 
PRO 'L-peptide linking' y PROLINE         ? 'C5 H9 N O2'     115.130 
SER 'L-peptide linking' y SERINE          ? 'C3 H7 N O3'     105.093 
SO4 non-polymer         . 'SULFATE ION'   ? 'O4 S -2'        96.063  
THR 'L-peptide linking' y THREONINE       ? 'C4 H9 N O3'     119.119 
TRP 'L-peptide linking' y TRYPTOPHAN      ? 'C11 H12 N2 O2'  204.225 
TYR 'L-peptide linking' y TYROSINE        ? 'C9 H11 N O3'    181.189 
VAL 'L-peptide linking' y VALINE          ? 'C5 H11 N O2'    117.146 
# 
loop_
_pdbx_poly_seq_scheme.asym_id 
_pdbx_poly_seq_scheme.entity_id 
_pdbx_poly_seq_scheme.seq_id 
_pdbx_poly_seq_scheme.mon_id 
_pdbx_poly_seq_scheme.ndb_seq_num 
_pdbx_poly_seq_scheme.pdb_seq_num 
_pdbx_poly_seq_scheme.auth_seq_num 
_pdbx_poly_seq_scheme.pdb_mon_id 
_pdbx_poly_seq_scheme.auth_mon_id 
_pdbx_poly_seq_scheme.pdb_strand_id 
_pdbx_poly_seq_scheme.pdb_ins_code 
_pdbx_poly_seq_scheme.hetero 
A 1 1   MET 1   0   ?   ?   ?   A . n 
A 1 2   LYS 2   1   1   LYS LYS A . n 
A 1 3   VAL 3   2   2   VAL VAL A . n 
A 1 4   PRO 4   3   3   PRO PRO A . n 
A 1 5   PRO 5   4   4   PRO PRO A . n 
A 1 6   ASP 6   5   5   ASP ASP A . n 
A 1 7   VAL 7   6   6   VAL VAL A . n 
A 1 8   ASP 8   7   7   ASP ASP A . n 
A 1 9   PRO 9   8   8   PRO PRO A . n 
A 1 10  ARG 10  9   9   ARG ARG A . n 
A 1 11  TYR 11  10  10  TYR TYR A . n 
A 1 12  GLN 12  11  11  GLN GLN A . n 
A 1 13  LYS 13  12  12  LYS LYS A . n 
A 1 14  PHE 14  13  13  PHE PHE A . n 
A 1 15  LEU 15  14  14  LEU LEU A . n 
A 1 16  ARG 16  15  15  ARG ARG A . n 
A 1 17  GLN 17  16  16  GLN GLN A . n 
A 1 18  HIS 18  17  17  HIS HIS A . n 
A 1 19  VAL 19  18  18  VAL VAL A . n 
A 1 20  ASP 20  19  19  ASP ASP A . n 
A 1 21  ALA 21  20  20  ALA ALA A . n 
A 1 22  ASP 22  21  21  ASP ASP A . n 
A 1 23  MET 23  22  22  MET MET A . n 
A 1 24  SER 24  23  23  SER SER A . n 
A 1 25  VAL 25  24  24  VAL VAL A . n 
A 1 26  GLN 26  25  25  GLN GLN A . n 
A 1 27  LYS 27  26  26  LYS LYS A . n 
A 1 28  CYS 28  27  27  CYS CYS A . n 
A 1 29  ASP 29  28  28  ASP ASP A . n 
A 1 30  ARG 30  29  29  ARG ARG A . n 
A 1 31  ALA 31  30  30  ALA ALA A . n 
A 1 32  MET 32  31  31  MET MET A . n 
A 1 33  SER 33  32  32  SER SER A . n 
A 1 34  ILE 34  33  33  ILE ILE A . n 
A 1 35  LYS 35  34  34  LYS LYS A . n 
A 1 36  LYS 36  35  35  LYS LYS A . n 
A 1 37  ILE 37  36  36  ILE ILE A . n 
A 1 38  THR 38  37  37  THR THR A . n 
A 1 39  ALA 39  38  38  ALA ALA A . n 
A 1 40  GLY 40  39  39  GLY GLY A . n 
A 1 41  THR 41  40  40  THR THR A . n 
A 1 42  GLY 42  41  41  GLY GLY A . n 
A 1 43  ASN 43  42  42  ASN ASN A . n 
A 1 44  ASP 44  43  43  ASP ASP A . n 
A 1 45  CYS 45  44  44  CYS CYS A . n 
A 1 46  LYS 46  45  45  LYS LYS A . n 
A 1 47  GLU 47  46  46  GLU GLU A . n 
A 1 48  VAL 48  47  47  VAL VAL A . n 
A 1 49  ASN 49  48  48  ASN ASN A . n 
A 1 50  THR 50  49  49  THR THR A . n 
A 1 51  PHE 51  50  50  PHE PHE A . n 
A 1 52  ILE 52  51  51  ILE ILE A . n 
A 1 53  GLN 53  52  52  GLN GLN A . n 
A 1 54  ALA 54  53  53  ALA ALA A . n 
A 1 55  THR 55  54  54  THR THR A . n 
A 1 56  LYS 56  55  55  LYS LYS A . n 
A 1 57  ASP 57  56  56  ASP ASP A . n 
A 1 58  ARG 58  57  57  ARG ARG A . n 
A 1 59  ILE 59  58  58  ILE ILE A . n 
A 1 60  THR 60  59  59  THR THR A . n 
A 1 61  THR 61  60  60  THR THR A . n 
A 1 62  VAL 62  61  61  VAL VAL A . n 
A 1 63  CYS 63  62  62  CYS CYS A . n 
A 1 64  GLY 64  63  63  GLY GLY A . n 
A 1 65  ASP 65  64  64  ASP ASP A . n 
A 1 66  ALA 66  65  65  ALA ALA A . n 
A 1 67  GLY 67  66  66  GLY GLY A . n 
A 1 68  THR 68  67  67  THR THR A . n 
A 1 69  PRO 69  68  68  PRO PRO A . n 
A 1 70  VAL 70  69  69  VAL VAL A . n 
A 1 71  ASN 71  70  70  ASN ASN A . n 
A 1 72  ASN 72  71  71  ASN ASN A . n 
A 1 73  LEU 73  72  72  LEU LEU A . n 
A 1 74  PHE 74  73  73  PHE PHE A . n 
A 1 75  LYS 75  74  74  LYS LYS A . n 
A 1 76  SER 76  75  75  SER SER A . n 
A 1 77  ASN 77  76  76  ASN ASN A . n 
A 1 78  GLN 78  77  77  GLN GLN A . n 
A 1 79  PRO 79  78  78  PRO PRO A . n 
A 1 80  PHE 80  79  79  PHE PHE A . n 
A 1 81  PRO 81  80  80  PRO PRO A . n 
A 1 82  VAL 82  81  81  VAL VAL A . n 
A 1 83  VAL 83  82  82  VAL VAL A . n 
A 1 84  THR 84  83  83  THR THR A . n 
A 1 85  CYS 85  84  84  CYS CYS A . n 
A 1 86  LYS 86  85  85  LYS LYS A . n 
A 1 87  LEU 87  86  86  LEU LEU A . n 
A 1 88  LYS 88  87  87  LYS LYS A . n 
A 1 89  SER 89  88  88  SER SER A . n 
A 1 90  GLY 90  89  89  GLY GLY A . n 
A 1 91  ASN 91  90  90  ASN ASN A . n 
A 1 92  ARG 92  91  91  ARG ARG A . n 
A 1 93  ARG 93  92  92  ARG ARG A . n 
A 1 94  PRO 94  93  93  PRO PRO A . n 
A 1 95  ASN 95  94  94  ASN ASN A . n 
A 1 96  CYS 96  95  95  CYS CYS A . n 
A 1 97  GLN 97  96  96  GLN GLN A . n 
A 1 98  TYR 98  97  97  TYR TYR A . n 
A 1 99  ARG 99  98  98  ARG ARG A . n 
A 1 100 GLY 100 99  99  GLY GLY A . n 
A 1 101 THR 101 100 100 THR THR A . n 
A 1 102 SER 102 101 101 SER SER A . n 
A 1 103 SER 103 102 102 SER SER A . n 
A 1 104 THR 104 103 103 THR THR A . n 
A 1 105 ARG 105 104 104 ARG ARG A . n 
A 1 106 TYR 106 105 105 TYR TYR A . n 
A 1 107 ILE 107 106 106 ILE ILE A . n 
A 1 108 VAL 108 107 107 VAL VAL A . n 
A 1 109 LEU 109 108 108 LEU LEU A . n 
A 1 110 GLY 110 109 109 GLY GLY A . n 
A 1 111 CYS 111 110 110 CYS CYS A . n 
A 1 112 ASP 112 111 111 ASP ASP A . n 
A 1 113 LYS 113 112 112 LYS LYS A . n 
A 1 114 GLY 114 113 113 GLY GLY A . n 
A 1 115 TRP 115 114 114 TRP TRP A . n 
A 1 116 PRO 116 115 115 PRO PRO A . n 
A 1 117 VAL 117 116 116 VAL VAL A . n 
A 1 118 HIS 118 117 117 HIS HIS A . n 
A 1 119 TYR 119 118 118 TYR TYR A . n 
A 1 120 ASP 120 119 119 ASP ASP A . n 
A 1 121 GLU 121 120 120 GLU GLU A . n 
A 1 122 GLY 122 121 121 GLY GLY A . n 
A 1 123 ILE 123 122 ?   ?   ?   A . n 
A 1 124 ILE 124 123 ?   ?   ?   A . n 
A 1 125 ASP 125 124 ?   ?   ?   A . n 
A 1 126 VAL 126 125 ?   ?   ?   A . n 
A 1 127 ASN 127 126 ?   ?   ?   A . n 
A 1 128 ARG 128 127 ?   ?   ?   A . n 
A 1 129 SER 129 128 ?   ?   ?   A . n 
A 1 130 GLY 130 129 ?   ?   ?   A . n 
# 
loop_
_pdbx_nonpoly_scheme.asym_id 
_pdbx_nonpoly_scheme.entity_id 
_pdbx_nonpoly_scheme.mon_id 
_pdbx_nonpoly_scheme.ndb_seq_num 
_pdbx_nonpoly_scheme.pdb_seq_num 
_pdbx_nonpoly_scheme.auth_seq_num 
_pdbx_nonpoly_scheme.pdb_mon_id 
_pdbx_nonpoly_scheme.auth_mon_id 
_pdbx_nonpoly_scheme.pdb_strand_id 
_pdbx_nonpoly_scheme.pdb_ins_code 
B 2 ACT 1   5000 5000 ACT ACT A . 
C 3 SO4 1   1000 1000 SO4 SO4 A . 
D 3 SO4 1   1001 1001 SO4 SO4 A . 
E 4 HOH 1   5001 5001 HOH HOH A . 
E 4 HOH 2   5002 5002 HOH HOH A . 
E 4 HOH 3   5003 5003 HOH HOH A . 
E 4 HOH 4   5004 5004 HOH HOH A . 
E 4 HOH 5   5005 5005 HOH HOH A . 
E 4 HOH 6   5006 5006 HOH HOH A . 
E 4 HOH 7   5007 5007 HOH HOH A . 
E 4 HOH 8   5008 5008 HOH HOH A . 
E 4 HOH 9   5009 5009 HOH HOH A . 
E 4 HOH 10  5010 5010 HOH HOH A . 
E 4 HOH 11  5011 5011 HOH HOH A . 
E 4 HOH 12  5012 5012 HOH HOH A . 
E 4 HOH 13  5013 5013 HOH HOH A . 
E 4 HOH 14  5014 5014 HOH HOH A . 
E 4 HOH 15  5015 5015 HOH HOH A . 
E 4 HOH 16  5016 5016 HOH HOH A . 
E 4 HOH 17  5017 5017 HOH HOH A . 
E 4 HOH 18  5018 5018 HOH HOH A . 
E 4 HOH 19  5019 5019 HOH HOH A . 
E 4 HOH 20  5020 5020 HOH HOH A . 
E 4 HOH 21  5021 5021 HOH HOH A . 
E 4 HOH 22  5022 5022 HOH HOH A . 
E 4 HOH 23  5023 5023 HOH HOH A . 
E 4 HOH 24  5024 5024 HOH HOH A . 
E 4 HOH 25  5025 5025 HOH HOH A . 
E 4 HOH 26  5026 5026 HOH HOH A . 
E 4 HOH 27  5027 5027 HOH HOH A . 
E 4 HOH 28  5028 5028 HOH HOH A . 
E 4 HOH 29  5029 5029 HOH HOH A . 
E 4 HOH 30  5030 5030 HOH HOH A . 
E 4 HOH 31  5031 5031 HOH HOH A . 
E 4 HOH 32  5032 5032 HOH HOH A . 
E 4 HOH 33  5033 5033 HOH HOH A . 
E 4 HOH 34  5034 5034 HOH HOH A . 
E 4 HOH 35  5035 5035 HOH HOH A . 
E 4 HOH 36  5036 5036 HOH HOH A . 
E 4 HOH 37  5037 5037 HOH HOH A . 
E 4 HOH 38  5038 5038 HOH HOH A . 
E 4 HOH 39  5039 5039 HOH HOH A . 
E 4 HOH 40  5040 5040 HOH HOH A . 
E 4 HOH 41  5041 5041 HOH HOH A . 
E 4 HOH 42  5042 5042 HOH HOH A . 
E 4 HOH 43  5043 5043 HOH HOH A . 
E 4 HOH 44  5044 5044 HOH HOH A . 
E 4 HOH 45  5045 5045 HOH HOH A . 
E 4 HOH 46  5046 5046 HOH HOH A . 
E 4 HOH 47  5047 5047 HOH HOH A . 
E 4 HOH 48  5048 5048 HOH HOH A . 
E 4 HOH 49  5049 5049 HOH HOH A . 
E 4 HOH 50  5050 5050 HOH HOH A . 
E 4 HOH 51  5051 5051 HOH HOH A . 
E 4 HOH 52  5052 5052 HOH HOH A . 
E 4 HOH 53  5053 5053 HOH HOH A . 
E 4 HOH 54  5054 5054 HOH HOH A . 
E 4 HOH 55  5055 5055 HOH HOH A . 
E 4 HOH 56  5056 5056 HOH HOH A . 
E 4 HOH 57  5057 5057 HOH HOH A . 
E 4 HOH 58  5058 5058 HOH HOH A . 
E 4 HOH 59  5059 5059 HOH HOH A . 
E 4 HOH 60  5060 5060 HOH HOH A . 
E 4 HOH 61  5061 5061 HOH HOH A . 
E 4 HOH 62  5062 5062 HOH HOH A . 
E 4 HOH 63  5063 5063 HOH HOH A . 
E 4 HOH 64  5064 5064 HOH HOH A . 
E 4 HOH 65  5065 5065 HOH HOH A . 
E 4 HOH 66  5066 5066 HOH HOH A . 
E 4 HOH 67  5067 5067 HOH HOH A . 
E 4 HOH 68  5068 5068 HOH HOH A . 
E 4 HOH 69  5070 5070 HOH HOH A . 
E 4 HOH 70  5071 5071 HOH HOH A . 
E 4 HOH 71  5072 5072 HOH HOH A . 
E 4 HOH 72  5073 5073 HOH HOH A . 
E 4 HOH 73  5074 5074 HOH HOH A . 
E 4 HOH 74  5075 5075 HOH HOH A . 
E 4 HOH 75  5076 5076 HOH HOH A . 
E 4 HOH 76  5077 5077 HOH HOH A . 
E 4 HOH 77  5078 5078 HOH HOH A . 
E 4 HOH 78  5079 5079 HOH HOH A . 
E 4 HOH 79  5080 5080 HOH HOH A . 
E 4 HOH 80  5081 5081 HOH HOH A . 
E 4 HOH 81  5082 5082 HOH HOH A . 
E 4 HOH 82  5083 5083 HOH HOH A . 
E 4 HOH 83  5084 5084 HOH HOH A . 
E 4 HOH 84  5085 5085 HOH HOH A . 
E 4 HOH 85  5086 5086 HOH HOH A . 
E 4 HOH 86  5087 5087 HOH HOH A . 
E 4 HOH 87  5088 5088 HOH HOH A . 
E 4 HOH 88  5089 5089 HOH HOH A . 
E 4 HOH 89  5090 5090 HOH HOH A . 
E 4 HOH 90  5091 5091 HOH HOH A . 
E 4 HOH 91  5092 5092 HOH HOH A . 
E 4 HOH 92  5093 5093 HOH HOH A . 
E 4 HOH 93  5095 5095 HOH HOH A . 
E 4 HOH 94  5096 5096 HOH HOH A . 
E 4 HOH 95  5097 5097 HOH HOH A . 
E 4 HOH 96  5098 5098 HOH HOH A . 
E 4 HOH 97  5099 5099 HOH HOH A . 
E 4 HOH 98  5100 5100 HOH HOH A . 
E 4 HOH 99  5102 5102 HOH HOH A . 
E 4 HOH 100 5103 5103 HOH HOH A . 
E 4 HOH 101 5104 5104 HOH HOH A . 
E 4 HOH 102 5105 5105 HOH HOH A . 
E 4 HOH 103 5106 5106 HOH HOH A . 
E 4 HOH 104 5107 5107 HOH HOH A . 
E 4 HOH 105 5110 5110 HOH HOH A . 
E 4 HOH 106 5111 5111 HOH HOH A . 
E 4 HOH 107 5112 5112 HOH HOH A . 
E 4 HOH 108 5114 5114 HOH HOH A . 
E 4 HOH 109 5115 5115 HOH HOH A . 
E 4 HOH 110 5116 5116 HOH HOH A . 
# 
loop_
_software.name 
_software.classification 
_software.version 
_software.citation_id 
_software.pdbx_ordinal 
HKL-2000 'data collection' .   ? 1 
PHASER   phasing           .   ? 2 
REFMAC   refinement        5.0 ? 3 
HKL-2000 'data reduction'  .   ? 4 
HKL-2000 'data scaling'    .   ? 5 
CNS      refinement        1.2 ? 6 
# 
_cell.entry_id           3LJE 
_cell.length_a           126.489 
_cell.length_b           126.489 
_cell.length_c           126.489 
_cell.angle_alpha        90.00 
_cell.angle_beta         90.00 
_cell.angle_gamma        90.00 
_cell.Z_PDB              48 
_cell.pdbx_unique_axis   ? 
_cell.length_a_esd       ? 
_cell.length_b_esd       ? 
_cell.length_c_esd       ? 
_cell.angle_alpha_esd    ? 
_cell.angle_beta_esd     ? 
_cell.angle_gamma_esd    ? 
# 
_symmetry.entry_id                         3LJE 
_symmetry.space_group_name_H-M             'I 41 3 2' 
_symmetry.pdbx_full_space_group_name_H-M   ? 
_symmetry.cell_setting                     ? 
_symmetry.Int_Tables_number                214 
_symmetry.space_group_name_Hall            ? 
# 
_exptl.entry_id          3LJE 
_exptl.method            'X-RAY DIFFRACTION' 
_exptl.crystals_number   1 
# 
_exptl_crystal.id                    1 
_exptl_crystal.density_meas          ? 
_exptl_crystal.density_Matthews      2.90 
_exptl_crystal.density_percent_sol   57.60 
_exptl_crystal.description           ? 
_exptl_crystal.F_000                 ? 
_exptl_crystal.preparation           ? 
# 
_exptl_crystal_grow.crystal_id      1 
_exptl_crystal_grow.method          ? 
_exptl_crystal_grow.temp            293 
_exptl_crystal_grow.temp_details    ? 
_exptl_crystal_grow.pH              4.5 
_exptl_crystal_grow.pdbx_pH_range   ? 
_exptl_crystal_grow.pdbx_details    
'32% MPEG 2K, 0.2M ammonium sulfate, 0.1M sodium acetate , pH 4.5, VAPOR DIFFUSION, HANGING DROP, temperature 293K' 
# 
_diffrn.id                     1 
_diffrn.ambient_temp           100 
_diffrn.ambient_temp_details   ? 
_diffrn.crystal_id             1 
# 
_diffrn_detector.diffrn_id              1 
_diffrn_detector.detector               CCD 
_diffrn_detector.type                   'RIGAKU SATURN 944' 
_diffrn_detector.pdbx_collection_date   2009-07-27 
_diffrn_detector.details                MIRRORS 
# 
_diffrn_radiation.diffrn_id                        1 
_diffrn_radiation.wavelength_id                    1 
_diffrn_radiation.pdbx_monochromatic_or_laue_m_l   M 
_diffrn_radiation.monochromator                    GRAPHITE 
_diffrn_radiation.pdbx_diffrn_protocol             'SINGLE WAVELENGTH' 
_diffrn_radiation.pdbx_scattering_type             x-ray 
# 
_diffrn_radiation_wavelength.id           1 
_diffrn_radiation_wavelength.wavelength   1.5418 
_diffrn_radiation_wavelength.wt           1.0 
# 
_diffrn_source.diffrn_id                   1 
_diffrn_source.source                      'ROTATING ANODE' 
_diffrn_source.type                        RIGAKU 
_diffrn_source.pdbx_synchrotron_site       ? 
_diffrn_source.pdbx_synchrotron_beamline   ? 
_diffrn_source.pdbx_wavelength             1.5418 
_diffrn_source.pdbx_wavelength_list        ? 
# 
_reflns.entry_id                     3LJE 
_reflns.observed_criterion_sigma_I   0.000 
_reflns.observed_criterion_sigma_F   ? 
_reflns.d_resolution_low             50.000 
_reflns.d_resolution_high            1.800 
_reflns.number_obs                   16327 
_reflns.number_all                   ? 
_reflns.percent_possible_obs         99.9 
_reflns.pdbx_Rmerge_I_obs            0.09500 
_reflns.pdbx_Rsym_value              ? 
_reflns.pdbx_netI_over_sigmaI        ? 
_reflns.B_iso_Wilson_estimate        ? 
_reflns.pdbx_redundancy              ? 
_reflns.R_free_details               ? 
_reflns.limit_h_max                  ? 
_reflns.limit_h_min                  ? 
_reflns.limit_k_max                  ? 
_reflns.limit_k_min                  ? 
_reflns.limit_l_max                  ? 
_reflns.limit_l_min                  ? 
_reflns.observed_criterion_F_max     ? 
_reflns.observed_criterion_F_min     ? 
_reflns.pdbx_chi_squared             ? 
_reflns.pdbx_scaling_rejects         ? 
_reflns.pdbx_diffrn_id               1 
_reflns.pdbx_ordinal                 1 
# 
_refine.pdbx_refine_id                           'X-RAY DIFFRACTION' 
_refine.entry_id                                 3LJE 
_refine.ls_number_reflns_obs                     13153 
_refine.ls_number_reflns_all                     31245 
_refine.pdbx_ls_sigma_I                          ? 
_refine.pdbx_ls_sigma_F                          0.000 
_refine.pdbx_data_cutoff_high_absF               ? 
_refine.pdbx_data_cutoff_low_absF                ? 
_refine.pdbx_data_cutoff_high_rms_absF           ? 
_refine.ls_d_res_low                             24.81 
_refine.ls_d_res_high                            1.80 
_refine.ls_percent_reflns_obs                    ? 
_refine.ls_R_factor_obs                          0.169 
_refine.ls_R_factor_all                          ? 
_refine.ls_R_factor_R_work                       0.169 
_refine.ls_R_factor_R_free                       0.200 
_refine.ls_R_factor_R_free_error                 ? 
_refine.ls_R_factor_R_free_error_details         ? 
_refine.ls_percent_reflns_R_free                 ? 
_refine.ls_number_reflns_R_free                  ? 
_refine.ls_number_parameters                     ? 
_refine.ls_number_restraints                     ? 
_refine.occupancy_min                            ? 
_refine.occupancy_max                            ? 
_refine.correlation_coeff_Fo_to_Fc               ? 
_refine.correlation_coeff_Fo_to_Fc_free          ? 
_refine.B_iso_mean                               ? 
_refine.aniso_B[1][1]                            ? 
_refine.aniso_B[2][2]                            ? 
_refine.aniso_B[3][3]                            ? 
_refine.aniso_B[1][2]                            ? 
_refine.aniso_B[1][3]                            ? 
_refine.aniso_B[2][3]                            ? 
_refine.solvent_model_details                    ? 
_refine.solvent_model_param_ksol                 ? 
_refine.solvent_model_param_bsol                 ? 
_refine.pdbx_solvent_vdw_probe_radii             ? 
_refine.pdbx_solvent_ion_probe_radii             ? 
_refine.pdbx_solvent_shrinkage_radii             ? 
_refine.pdbx_ls_cross_valid_method               THROUGHOUT 
_refine.details                                  ? 
_refine.pdbx_starting_model                      3LJD 
_refine.pdbx_method_to_determine_struct          'MOLECULAR REPLACEMENT' 
_refine.pdbx_isotropic_thermal_model             ? 
_refine.pdbx_stereochemistry_target_values       'ENGH & HUBER' 
_refine.pdbx_stereochem_target_val_spec_case     ? 
_refine.pdbx_R_Free_selection_details            RANDOM 
_refine.pdbx_overall_ESU_R_Free                  ? 
_refine.overall_SU_ML                            ? 
_refine.pdbx_overall_phase_error                 ? 
_refine.overall_SU_B                             ? 
_refine.overall_SU_R_Cruickshank_DPI             ? 
_refine.pdbx_overall_SU_R_free_Cruickshank_DPI   ? 
_refine.pdbx_overall_SU_R_Blow_DPI               ? 
_refine.pdbx_overall_SU_R_free_Blow_DPI          ? 
_refine.ls_redundancy_reflns_obs                 ? 
_refine.B_iso_min                                ? 
_refine.B_iso_max                                ? 
_refine.overall_SU_R_free                        ? 
_refine.ls_wR_factor_R_free                      ? 
_refine.ls_wR_factor_R_work                      ? 
_refine.overall_FOM_free_R_set                   ? 
_refine.overall_FOM_work_R_set                   ? 
_refine.pdbx_overall_ESU_R                       ? 
_refine.pdbx_diffrn_id                           1 
_refine.pdbx_TLS_residual_ADP_flag               ? 
# 
_refine_hist.pdbx_refine_id                   'X-RAY DIFFRACTION' 
_refine_hist.cycle_id                         LAST 
_refine_hist.pdbx_number_atoms_protein        945 
_refine_hist.pdbx_number_atoms_nucleic_acid   0 
_refine_hist.pdbx_number_atoms_ligand         14 
_refine_hist.number_atoms_solvent             110 
_refine_hist.number_atoms_total               1069 
_refine_hist.d_res_high                       1.80 
_refine_hist.d_res_low                        24.81 
# 
_struct.entry_id                  3LJE 
_struct.title                     'The X-ray structure of zebrafish RNase5' 
_struct.pdbx_model_details        ? 
_struct.pdbx_CASP_flag            ? 
_struct.pdbx_model_type_details   ? 
# 
_struct_keywords.entry_id        3LJE 
_struct_keywords.pdbx_keywords   HYDROLASE 
_struct_keywords.text            'angiogenins, fish rnases, HYDROLASE' 
# 
loop_
_struct_asym.id 
_struct_asym.pdbx_blank_PDB_chainid_flag 
_struct_asym.pdbx_modified 
_struct_asym.entity_id 
_struct_asym.details 
A N N 1 ? 
B N N 2 ? 
C N N 3 ? 
D N N 3 ? 
E N N 4 ? 
# 
_struct_ref.id                         1 
_struct_ref.db_name                    PDB 
_struct_ref.db_code                    3LJE 
_struct_ref.pdbx_db_accession          3LJE 
_struct_ref.entity_id                  1 
_struct_ref.pdbx_align_begin           1 
_struct_ref.pdbx_seq_one_letter_code   
;MKVPPDVDPRYQKFLRQHVDADMSVQKCDRAMSIKKITAGTGNDCKEVNTFIQATKDRITTVCGDAGTPVNNLFKSNQPF
PVVTCKLKSGNRRPNCQYRGTSSTRYIVLGCDKGWPVHYDEGIIDVNRSG
;
_struct_ref.pdbx_db_isoform            ? 
# 
_struct_ref_seq.align_id                      1 
_struct_ref_seq.ref_id                        1 
_struct_ref_seq.pdbx_PDB_id_code              3LJE 
_struct_ref_seq.pdbx_strand_id                A 
_struct_ref_seq.seq_align_beg                 1 
_struct_ref_seq.pdbx_seq_align_beg_ins_code   ? 
_struct_ref_seq.seq_align_end                 130 
_struct_ref_seq.pdbx_seq_align_end_ins_code   ? 
_struct_ref_seq.pdbx_db_accession             3LJE 
_struct_ref_seq.db_align_beg                  0 
_struct_ref_seq.pdbx_db_align_beg_ins_code    ? 
_struct_ref_seq.db_align_end                  129 
_struct_ref_seq.pdbx_db_align_end_ins_code    ? 
_struct_ref_seq.pdbx_auth_seq_align_beg       0 
_struct_ref_seq.pdbx_auth_seq_align_end       129 
# 
_pdbx_struct_assembly.id                   1 
_pdbx_struct_assembly.details              author_and_software_defined_assembly 
_pdbx_struct_assembly.method_details       PISA 
_pdbx_struct_assembly.oligomeric_details   monomeric 
_pdbx_struct_assembly.oligomeric_count     1 
# 
_pdbx_struct_assembly_gen.assembly_id       1 
_pdbx_struct_assembly_gen.oper_expression   1 
_pdbx_struct_assembly_gen.asym_id_list      A,B,C,D,E 
# 
_pdbx_struct_oper_list.id                   1 
_pdbx_struct_oper_list.type                 'identity operation' 
_pdbx_struct_oper_list.name                 1_555 
_pdbx_struct_oper_list.symmetry_operation   x,y,z 
_pdbx_struct_oper_list.matrix[1][1]         1.0000000000 
_pdbx_struct_oper_list.matrix[1][2]         0.0000000000 
_pdbx_struct_oper_list.matrix[1][3]         0.0000000000 
_pdbx_struct_oper_list.vector[1]            0.0000000000 
_pdbx_struct_oper_list.matrix[2][1]         0.0000000000 
_pdbx_struct_oper_list.matrix[2][2]         1.0000000000 
_pdbx_struct_oper_list.matrix[2][3]         0.0000000000 
_pdbx_struct_oper_list.vector[2]            0.0000000000 
_pdbx_struct_oper_list.matrix[3][1]         0.0000000000 
_pdbx_struct_oper_list.matrix[3][2]         0.0000000000 
_pdbx_struct_oper_list.matrix[3][3]         1.0000000000 
_pdbx_struct_oper_list.vector[3]            0.0000000000 
# 
_struct_biol.id        1 
_struct_biol.details   ? 
# 
loop_
_struct_conf.conf_type_id 
_struct_conf.id 
_struct_conf.pdbx_PDB_helix_id 
_struct_conf.beg_label_comp_id 
_struct_conf.beg_label_asym_id 
_struct_conf.beg_label_seq_id 
_struct_conf.pdbx_beg_PDB_ins_code 
_struct_conf.end_label_comp_id 
_struct_conf.end_label_asym_id 
_struct_conf.end_label_seq_id 
_struct_conf.pdbx_end_PDB_ins_code 
_struct_conf.beg_auth_comp_id 
_struct_conf.beg_auth_asym_id 
_struct_conf.beg_auth_seq_id 
_struct_conf.end_auth_comp_id 
_struct_conf.end_auth_asym_id 
_struct_conf.end_auth_seq_id 
_struct_conf.pdbx_PDB_helix_class 
_struct_conf.details 
_struct_conf.pdbx_PDB_helix_length 
HELX_P HELX_P1 1 VAL A 7  ? VAL A 19 ? VAL A 6  VAL A 18 1 ? 13 
HELX_P HELX_P2 2 SER A 24 ? GLN A 26 ? SER A 23 GLN A 25 5 ? 3  
HELX_P HELX_P3 3 LYS A 27 ? LYS A 35 ? LYS A 26 LYS A 34 1 ? 9  
HELX_P HELX_P4 4 THR A 55 ? THR A 61 ? THR A 54 THR A 60 1 ? 7  
HELX_P HELX_P5 5 VAL A 62 ? GLY A 64 ? VAL A 61 GLY A 63 5 ? 3  
# 
_struct_conf_type.id          HELX_P 
_struct_conf_type.criteria    ? 
_struct_conf_type.reference   ? 
# 
loop_
_struct_conn.id 
_struct_conn.conn_type_id 
_struct_conn.pdbx_leaving_atom_flag 
_struct_conn.pdbx_PDB_id 
_struct_conn.ptnr1_label_asym_id 
_struct_conn.ptnr1_label_comp_id 
_struct_conn.ptnr1_label_seq_id 
_struct_conn.ptnr1_label_atom_id 
_struct_conn.pdbx_ptnr1_label_alt_id 
_struct_conn.pdbx_ptnr1_PDB_ins_code 
_struct_conn.pdbx_ptnr1_standard_comp_id 
_struct_conn.ptnr1_symmetry 
_struct_conn.ptnr2_label_asym_id 
_struct_conn.ptnr2_label_comp_id 
_struct_conn.ptnr2_label_seq_id 
_struct_conn.ptnr2_label_atom_id 
_struct_conn.pdbx_ptnr2_label_alt_id 
_struct_conn.pdbx_ptnr2_PDB_ins_code 
_struct_conn.ptnr1_auth_asym_id 
_struct_conn.ptnr1_auth_comp_id 
_struct_conn.ptnr1_auth_seq_id 
_struct_conn.ptnr2_auth_asym_id 
_struct_conn.ptnr2_auth_comp_id 
_struct_conn.ptnr2_auth_seq_id 
_struct_conn.ptnr2_symmetry 
_struct_conn.pdbx_ptnr3_label_atom_id 
_struct_conn.pdbx_ptnr3_label_seq_id 
_struct_conn.pdbx_ptnr3_label_comp_id 
_struct_conn.pdbx_ptnr3_label_asym_id 
_struct_conn.pdbx_ptnr3_label_alt_id 
_struct_conn.pdbx_ptnr3_PDB_ins_code 
_struct_conn.details 
_struct_conn.pdbx_dist_value 
_struct_conn.pdbx_value_order 
_struct_conn.pdbx_role 
disulf1 disulf ? ? A CYS 28 SG ? ? ? 1_555 A CYS 85  SG ? ? A CYS 27 A CYS 84  1_555 ? ? ? ? ? ? ? 2.059 ? ? 
disulf2 disulf ? ? A CYS 45 SG ? ? ? 1_555 A CYS 96  SG ? ? A CYS 44 A CYS 95  1_555 ? ? ? ? ? ? ? 2.042 ? ? 
disulf3 disulf ? ? A CYS 63 SG ? ? ? 1_555 A CYS 111 SG ? ? A CYS 62 A CYS 110 1_555 ? ? ? ? ? ? ? 2.045 ? ? 
# 
_struct_conn_type.id          disulf 
_struct_conn_type.criteria    ? 
_struct_conn_type.reference   ? 
# 
loop_
_pdbx_modification_feature.ordinal 
_pdbx_modification_feature.label_comp_id 
_pdbx_modification_feature.label_asym_id 
_pdbx_modification_feature.label_seq_id 
_pdbx_modification_feature.label_alt_id 
_pdbx_modification_feature.modified_residue_label_comp_id 
_pdbx_modification_feature.modified_residue_label_asym_id 
_pdbx_modification_feature.modified_residue_label_seq_id 
_pdbx_modification_feature.modified_residue_label_alt_id 
_pdbx_modification_feature.auth_comp_id 
_pdbx_modification_feature.auth_asym_id 
_pdbx_modification_feature.auth_seq_id 
_pdbx_modification_feature.PDB_ins_code 
_pdbx_modification_feature.symmetry 
_pdbx_modification_feature.modified_residue_auth_comp_id 
_pdbx_modification_feature.modified_residue_auth_asym_id 
_pdbx_modification_feature.modified_residue_auth_seq_id 
_pdbx_modification_feature.modified_residue_PDB_ins_code 
_pdbx_modification_feature.modified_residue_symmetry 
_pdbx_modification_feature.comp_id_linking_atom 
_pdbx_modification_feature.modified_residue_id_linking_atom 
_pdbx_modification_feature.modified_residue_id 
_pdbx_modification_feature.ref_pcm_id 
_pdbx_modification_feature.ref_comp_id 
_pdbx_modification_feature.type 
_pdbx_modification_feature.category 
1 CYS A 28 ? CYS A 85  ? CYS A 27 ? 1_555 CYS A 84  ? 1_555 SG SG . . . None 'Disulfide bridge' 
2 CYS A 45 ? CYS A 96  ? CYS A 44 ? 1_555 CYS A 95  ? 1_555 SG SG . . . None 'Disulfide bridge' 
3 CYS A 63 ? CYS A 111 ? CYS A 62 ? 1_555 CYS A 110 ? 1_555 SG SG . . . None 'Disulfide bridge' 
# 
_struct_mon_prot_cis.pdbx_id                1 
_struct_mon_prot_cis.label_comp_id          ARG 
_struct_mon_prot_cis.label_seq_id           93 
_struct_mon_prot_cis.label_asym_id          A 
_struct_mon_prot_cis.label_alt_id           . 
_struct_mon_prot_cis.pdbx_PDB_ins_code      ? 
_struct_mon_prot_cis.auth_comp_id           ARG 
_struct_mon_prot_cis.auth_seq_id            92 
_struct_mon_prot_cis.auth_asym_id           A 
_struct_mon_prot_cis.pdbx_label_comp_id_2   PRO 
_struct_mon_prot_cis.pdbx_label_seq_id_2    94 
_struct_mon_prot_cis.pdbx_label_asym_id_2   A 
_struct_mon_prot_cis.pdbx_PDB_ins_code_2    ? 
_struct_mon_prot_cis.pdbx_auth_comp_id_2    PRO 
_struct_mon_prot_cis.pdbx_auth_seq_id_2     93 
_struct_mon_prot_cis.pdbx_auth_asym_id_2    A 
_struct_mon_prot_cis.pdbx_PDB_model_num     1 
_struct_mon_prot_cis.pdbx_omega_angle       0.92 
# 
loop_
_struct_sheet.id 
_struct_sheet.type 
_struct_sheet.number_strands 
_struct_sheet.details 
A ? 3 ? 
B ? 4 ? 
# 
loop_
_struct_sheet_order.sheet_id 
_struct_sheet_order.range_id_1 
_struct_sheet_order.range_id_2 
_struct_sheet_order.offset 
_struct_sheet_order.sense 
A 1 2 ? anti-parallel 
A 2 3 ? anti-parallel 
B 1 2 ? anti-parallel 
B 2 3 ? anti-parallel 
B 3 4 ? anti-parallel 
# 
loop_
_struct_sheet_range.sheet_id 
_struct_sheet_range.id 
_struct_sheet_range.beg_label_comp_id 
_struct_sheet_range.beg_label_asym_id 
_struct_sheet_range.beg_label_seq_id 
_struct_sheet_range.pdbx_beg_PDB_ins_code 
_struct_sheet_range.end_label_comp_id 
_struct_sheet_range.end_label_asym_id 
_struct_sheet_range.end_label_seq_id 
_struct_sheet_range.pdbx_end_PDB_ins_code 
_struct_sheet_range.beg_auth_comp_id 
_struct_sheet_range.beg_auth_asym_id 
_struct_sheet_range.beg_auth_seq_id 
_struct_sheet_range.end_auth_comp_id 
_struct_sheet_range.end_auth_asym_id 
_struct_sheet_range.end_auth_seq_id 
A 1 VAL A 48  ? ILE A 52  ? VAL A 47  ILE A 51  
A 2 PHE A 80  ? SER A 89  ? PHE A 79  SER A 88  
A 3 GLN A 97  ? ARG A 105 ? GLN A 96  ARG A 104 
B 1 GLY A 67  ? VAL A 70  ? GLY A 66  VAL A 69  
B 2 LEU A 73  ? SER A 76  ? LEU A 72  SER A 75  
B 3 VAL A 108 ? ASP A 112 ? VAL A 107 ASP A 111 
B 4 TRP A 115 ? TYR A 119 ? TRP A 114 TYR A 118 
# 
loop_
_pdbx_struct_sheet_hbond.sheet_id 
_pdbx_struct_sheet_hbond.range_id_1 
_pdbx_struct_sheet_hbond.range_id_2 
_pdbx_struct_sheet_hbond.range_1_label_atom_id 
_pdbx_struct_sheet_hbond.range_1_label_comp_id 
_pdbx_struct_sheet_hbond.range_1_label_asym_id 
_pdbx_struct_sheet_hbond.range_1_label_seq_id 
_pdbx_struct_sheet_hbond.range_1_PDB_ins_code 
_pdbx_struct_sheet_hbond.range_1_auth_atom_id 
_pdbx_struct_sheet_hbond.range_1_auth_comp_id 
_pdbx_struct_sheet_hbond.range_1_auth_asym_id 
_pdbx_struct_sheet_hbond.range_1_auth_seq_id 
_pdbx_struct_sheet_hbond.range_2_label_atom_id 
_pdbx_struct_sheet_hbond.range_2_label_comp_id 
_pdbx_struct_sheet_hbond.range_2_label_asym_id 
_pdbx_struct_sheet_hbond.range_2_label_seq_id 
_pdbx_struct_sheet_hbond.range_2_PDB_ins_code 
_pdbx_struct_sheet_hbond.range_2_auth_atom_id 
_pdbx_struct_sheet_hbond.range_2_auth_comp_id 
_pdbx_struct_sheet_hbond.range_2_auth_asym_id 
_pdbx_struct_sheet_hbond.range_2_auth_seq_id 
A 1 2 N PHE A 51  ? N PHE A 50  O VAL A 83  ? O VAL A 82  
A 2 3 N LYS A 88  ? N LYS A 87  O GLN A 97  ? O GLN A 96  
B 1 2 N THR A 68  ? N THR A 67  O LYS A 75  ? O LYS A 74  
B 2 3 N PHE A 74  ? N PHE A 73  O LEU A 109 ? O LEU A 108 
B 3 4 N ASP A 112 ? N ASP A 111 O TRP A 115 ? O TRP A 114 
# 
loop_
_struct_site.id 
_struct_site.pdbx_evidence_code 
_struct_site.pdbx_auth_asym_id 
_struct_site.pdbx_auth_comp_id 
_struct_site.pdbx_auth_seq_id 
_struct_site.pdbx_auth_ins_code 
_struct_site.pdbx_num_residues 
_struct_site.details 
AC1 Software A ACT 5000 ? 6 'BINDING SITE FOR RESIDUE ACT A 5000' 
AC2 Software A SO4 1000 ? 7 'BINDING SITE FOR RESIDUE SO4 A 1000' 
AC3 Software A SO4 1001 ? 8 'BINDING SITE FOR RESIDUE SO4 A 1001' 
# 
loop_
_struct_site_gen.id 
_struct_site_gen.site_id 
_struct_site_gen.pdbx_num_res 
_struct_site_gen.label_comp_id 
_struct_site_gen.label_asym_id 
_struct_site_gen.label_seq_id 
_struct_site_gen.pdbx_auth_ins_code 
_struct_site_gen.auth_comp_id 
_struct_site_gen.auth_asym_id 
_struct_site_gen.auth_seq_id 
_struct_site_gen.label_atom_id 
_struct_site_gen.label_alt_id 
_struct_site_gen.symmetry 
_struct_site_gen.details 
1  AC1 6 ARG A 16  ? ARG A 15   . ? 1_555  ? 
2  AC1 6 GLN A 17  ? GLN A 16   . ? 1_555  ? 
3  AC1 6 LYS A 36  ? LYS A 35   . ? 1_555  ? 
4  AC1 6 ILE A 37  ? ILE A 36   . ? 1_555  ? 
5  AC1 6 THR A 38  ? THR A 37   . ? 1_555  ? 
6  AC1 6 HOH E .   ? HOH A 5062 . ? 1_555  ? 
7  AC2 7 GLN A 17  ? GLN A 16   . ? 1_555  ? 
8  AC2 7 HIS A 18  ? HIS A 17   . ? 1_555  ? 
9  AC2 7 LYS A 46  ? LYS A 45   . ? 1_555  ? 
10 AC2 7 HIS A 118 ? HIS A 117  . ? 1_555  ? 
11 AC2 7 TYR A 119 ? TYR A 118  . ? 1_555  ? 
12 AC2 7 HOH E .   ? HOH A 5005 . ? 1_555  ? 
13 AC2 7 HOH E .   ? HOH A 5010 . ? 1_555  ? 
14 AC3 8 THR A 55  ? THR A 54   . ? 1_555  ? 
15 AC3 8 ARG A 58  ? ARG A 57   . ? 1_555  ? 
16 AC3 8 GLN A 78  ? GLN A 77   . ? 38_665 ? 
17 AC3 8 HOH E .   ? HOH A 5006 . ? 38_665 ? 
18 AC3 8 HOH E .   ? HOH A 5033 . ? 28_565 ? 
19 AC3 8 HOH E .   ? HOH A 5044 . ? 38_665 ? 
20 AC3 8 HOH E .   ? HOH A 5051 . ? 38_665 ? 
21 AC3 8 HOH E .   ? HOH A 5064 . ? 1_555  ? 
# 
_pdbx_entry_details.entry_id                   3LJE 
_pdbx_entry_details.compound_details           ? 
_pdbx_entry_details.source_details             ? 
_pdbx_entry_details.nonpolymer_details         ? 
_pdbx_entry_details.sequence_details           ? 
_pdbx_entry_details.has_ligand_of_interest     ? 
_pdbx_entry_details.has_protein_modification   Y 
# 
_pdbx_validate_close_contact.id               1 
_pdbx_validate_close_contact.PDB_model_num    1 
_pdbx_validate_close_contact.auth_atom_id_1   O 
_pdbx_validate_close_contact.auth_asym_id_1   A 
_pdbx_validate_close_contact.auth_comp_id_1   GLU 
_pdbx_validate_close_contact.auth_seq_id_1    120 
_pdbx_validate_close_contact.PDB_ins_code_1   ? 
_pdbx_validate_close_contact.label_alt_id_1   ? 
_pdbx_validate_close_contact.auth_atom_id_2   O 
_pdbx_validate_close_contact.auth_asym_id_2   A 
_pdbx_validate_close_contact.auth_comp_id_2   HOH 
_pdbx_validate_close_contact.auth_seq_id_2    5116 
_pdbx_validate_close_contact.PDB_ins_code_2   ? 
_pdbx_validate_close_contact.label_alt_id_2   ? 
_pdbx_validate_close_contact.dist             2.16 
# 
_pdbx_validate_symm_contact.id                1 
_pdbx_validate_symm_contact.PDB_model_num     1 
_pdbx_validate_symm_contact.auth_atom_id_1    O 
_pdbx_validate_symm_contact.auth_asym_id_1    A 
_pdbx_validate_symm_contact.auth_comp_id_1    HOH 
_pdbx_validate_symm_contact.auth_seq_id_1     5090 
_pdbx_validate_symm_contact.PDB_ins_code_1    ? 
_pdbx_validate_symm_contact.label_alt_id_1    ? 
_pdbx_validate_symm_contact.site_symmetry_1   1_555 
_pdbx_validate_symm_contact.auth_atom_id_2    O 
_pdbx_validate_symm_contact.auth_asym_id_2    A 
_pdbx_validate_symm_contact.auth_comp_id_2    HOH 
_pdbx_validate_symm_contact.auth_seq_id_2     5090 
_pdbx_validate_symm_contact.PDB_ins_code_2    ? 
_pdbx_validate_symm_contact.label_alt_id_2    ? 
_pdbx_validate_symm_contact.site_symmetry_2   24_555 
_pdbx_validate_symm_contact.dist              1.77 
# 
_pdbx_validate_rmsd_bond.id                        1 
_pdbx_validate_rmsd_bond.PDB_model_num             1 
_pdbx_validate_rmsd_bond.auth_atom_id_1            CA 
_pdbx_validate_rmsd_bond.auth_asym_id_1            A 
_pdbx_validate_rmsd_bond.auth_comp_id_1            VAL 
_pdbx_validate_rmsd_bond.auth_seq_id_1             47 
_pdbx_validate_rmsd_bond.PDB_ins_code_1            ? 
_pdbx_validate_rmsd_bond.label_alt_id_1            ? 
_pdbx_validate_rmsd_bond.auth_atom_id_2            CB 
_pdbx_validate_rmsd_bond.auth_asym_id_2            A 
_pdbx_validate_rmsd_bond.auth_comp_id_2            VAL 
_pdbx_validate_rmsd_bond.auth_seq_id_2             47 
_pdbx_validate_rmsd_bond.PDB_ins_code_2            ? 
_pdbx_validate_rmsd_bond.label_alt_id_2            B 
_pdbx_validate_rmsd_bond.bond_value                1.411 
_pdbx_validate_rmsd_bond.bond_target_value         1.543 
_pdbx_validate_rmsd_bond.bond_deviation            -0.132 
_pdbx_validate_rmsd_bond.bond_standard_deviation   0.021 
_pdbx_validate_rmsd_bond.linker_flag               N 
# 
loop_
_pdbx_validate_rmsd_angle.id 
_pdbx_validate_rmsd_angle.PDB_model_num 
_pdbx_validate_rmsd_angle.auth_atom_id_1 
_pdbx_validate_rmsd_angle.auth_asym_id_1 
_pdbx_validate_rmsd_angle.auth_comp_id_1 
_pdbx_validate_rmsd_angle.auth_seq_id_1 
_pdbx_validate_rmsd_angle.PDB_ins_code_1 
_pdbx_validate_rmsd_angle.label_alt_id_1 
_pdbx_validate_rmsd_angle.auth_atom_id_2 
_pdbx_validate_rmsd_angle.auth_asym_id_2 
_pdbx_validate_rmsd_angle.auth_comp_id_2 
_pdbx_validate_rmsd_angle.auth_seq_id_2 
_pdbx_validate_rmsd_angle.PDB_ins_code_2 
_pdbx_validate_rmsd_angle.label_alt_id_2 
_pdbx_validate_rmsd_angle.auth_atom_id_3 
_pdbx_validate_rmsd_angle.auth_asym_id_3 
_pdbx_validate_rmsd_angle.auth_comp_id_3 
_pdbx_validate_rmsd_angle.auth_seq_id_3 
_pdbx_validate_rmsd_angle.PDB_ins_code_3 
_pdbx_validate_rmsd_angle.label_alt_id_3 
_pdbx_validate_rmsd_angle.angle_value 
_pdbx_validate_rmsd_angle.angle_target_value 
_pdbx_validate_rmsd_angle.angle_deviation 
_pdbx_validate_rmsd_angle.angle_standard_deviation 
_pdbx_validate_rmsd_angle.linker_flag 
1 1 NE A ARG 29 ? A CZ A ARG 29 ? A NH1 A ARG 29 ? A 125.72 120.30 5.42  0.50 N 
2 1 NE A ARG 29 ? A CZ A ARG 29 ? A NH2 A ARG 29 ? A 114.51 120.30 -5.79 0.50 N 
# 
loop_
_pdbx_validate_torsion.id 
_pdbx_validate_torsion.PDB_model_num 
_pdbx_validate_torsion.auth_comp_id 
_pdbx_validate_torsion.auth_asym_id 
_pdbx_validate_torsion.auth_seq_id 
_pdbx_validate_torsion.PDB_ins_code 
_pdbx_validate_torsion.label_alt_id 
_pdbx_validate_torsion.phi 
_pdbx_validate_torsion.psi 
1 1 ASP A 19 ? ? -161.84 96.81   
2 1 THR A 40 ? ? 61.58   138.59  
3 1 ASN A 70 ? ? 61.35   -128.43 
4 1 LEU A 72 ? ? -109.59 -166.29 
# 
loop_
_pdbx_unobs_or_zero_occ_residues.id 
_pdbx_unobs_or_zero_occ_residues.PDB_model_num 
_pdbx_unobs_or_zero_occ_residues.polymer_flag 
_pdbx_unobs_or_zero_occ_residues.occupancy_flag 
_pdbx_unobs_or_zero_occ_residues.auth_asym_id 
_pdbx_unobs_or_zero_occ_residues.auth_comp_id 
_pdbx_unobs_or_zero_occ_residues.auth_seq_id 
_pdbx_unobs_or_zero_occ_residues.PDB_ins_code 
_pdbx_unobs_or_zero_occ_residues.label_asym_id 
_pdbx_unobs_or_zero_occ_residues.label_comp_id 
_pdbx_unobs_or_zero_occ_residues.label_seq_id 
1 1 Y 1 A MET 0   ? A MET 1   
2 1 Y 1 A ILE 122 ? A ILE 123 
3 1 Y 1 A ILE 123 ? A ILE 124 
4 1 Y 1 A ASP 124 ? A ASP 125 
5 1 Y 1 A VAL 125 ? A VAL 126 
6 1 Y 1 A ASN 126 ? A ASN 127 
7 1 Y 1 A ARG 127 ? A ARG 128 
8 1 Y 1 A SER 128 ? A SER 129 
9 1 Y 1 A GLY 129 ? A GLY 130 
# 
loop_
_chem_comp_atom.comp_id 
_chem_comp_atom.atom_id 
_chem_comp_atom.type_symbol 
_chem_comp_atom.pdbx_aromatic_flag 
_chem_comp_atom.pdbx_stereo_config 
_chem_comp_atom.pdbx_ordinal 
ACT C    C N N 1   
ACT O    O N N 2   
ACT OXT  O N N 3   
ACT CH3  C N N 4   
ACT H1   H N N 5   
ACT H2   H N N 6   
ACT H3   H N N 7   
ALA N    N N N 8   
ALA CA   C N S 9   
ALA C    C N N 10  
ALA O    O N N 11  
ALA CB   C N N 12  
ALA OXT  O N N 13  
ALA H    H N N 14  
ALA H2   H N N 15  
ALA HA   H N N 16  
ALA HB1  H N N 17  
ALA HB2  H N N 18  
ALA HB3  H N N 19  
ALA HXT  H N N 20  
ARG N    N N N 21  
ARG CA   C N S 22  
ARG C    C N N 23  
ARG O    O N N 24  
ARG CB   C N N 25  
ARG CG   C N N 26  
ARG CD   C N N 27  
ARG NE   N N N 28  
ARG CZ   C N N 29  
ARG NH1  N N N 30  
ARG NH2  N N N 31  
ARG OXT  O N N 32  
ARG H    H N N 33  
ARG H2   H N N 34  
ARG HA   H N N 35  
ARG HB2  H N N 36  
ARG HB3  H N N 37  
ARG HG2  H N N 38  
ARG HG3  H N N 39  
ARG HD2  H N N 40  
ARG HD3  H N N 41  
ARG HE   H N N 42  
ARG HH11 H N N 43  
ARG HH12 H N N 44  
ARG HH21 H N N 45  
ARG HH22 H N N 46  
ARG HXT  H N N 47  
ASN N    N N N 48  
ASN CA   C N S 49  
ASN C    C N N 50  
ASN O    O N N 51  
ASN CB   C N N 52  
ASN CG   C N N 53  
ASN OD1  O N N 54  
ASN ND2  N N N 55  
ASN OXT  O N N 56  
ASN H    H N N 57  
ASN H2   H N N 58  
ASN HA   H N N 59  
ASN HB2  H N N 60  
ASN HB3  H N N 61  
ASN HD21 H N N 62  
ASN HD22 H N N 63  
ASN HXT  H N N 64  
ASP N    N N N 65  
ASP CA   C N S 66  
ASP C    C N N 67  
ASP O    O N N 68  
ASP CB   C N N 69  
ASP CG   C N N 70  
ASP OD1  O N N 71  
ASP OD2  O N N 72  
ASP OXT  O N N 73  
ASP H    H N N 74  
ASP H2   H N N 75  
ASP HA   H N N 76  
ASP HB2  H N N 77  
ASP HB3  H N N 78  
ASP HD2  H N N 79  
ASP HXT  H N N 80  
CYS N    N N N 81  
CYS CA   C N R 82  
CYS C    C N N 83  
CYS O    O N N 84  
CYS CB   C N N 85  
CYS SG   S N N 86  
CYS OXT  O N N 87  
CYS H    H N N 88  
CYS H2   H N N 89  
CYS HA   H N N 90  
CYS HB2  H N N 91  
CYS HB3  H N N 92  
CYS HG   H N N 93  
CYS HXT  H N N 94  
GLN N    N N N 95  
GLN CA   C N S 96  
GLN C    C N N 97  
GLN O    O N N 98  
GLN CB   C N N 99  
GLN CG   C N N 100 
GLN CD   C N N 101 
GLN OE1  O N N 102 
GLN NE2  N N N 103 
GLN OXT  O N N 104 
GLN H    H N N 105 
GLN H2   H N N 106 
GLN HA   H N N 107 
GLN HB2  H N N 108 
GLN HB3  H N N 109 
GLN HG2  H N N 110 
GLN HG3  H N N 111 
GLN HE21 H N N 112 
GLN HE22 H N N 113 
GLN HXT  H N N 114 
GLU N    N N N 115 
GLU CA   C N S 116 
GLU C    C N N 117 
GLU O    O N N 118 
GLU CB   C N N 119 
GLU CG   C N N 120 
GLU CD   C N N 121 
GLU OE1  O N N 122 
GLU OE2  O N N 123 
GLU OXT  O N N 124 
GLU H    H N N 125 
GLU H2   H N N 126 
GLU HA   H N N 127 
GLU HB2  H N N 128 
GLU HB3  H N N 129 
GLU HG2  H N N 130 
GLU HG3  H N N 131 
GLU HE2  H N N 132 
GLU HXT  H N N 133 
GLY N    N N N 134 
GLY CA   C N N 135 
GLY C    C N N 136 
GLY O    O N N 137 
GLY OXT  O N N 138 
GLY H    H N N 139 
GLY H2   H N N 140 
GLY HA2  H N N 141 
GLY HA3  H N N 142 
GLY HXT  H N N 143 
HIS N    N N N 144 
HIS CA   C N S 145 
HIS C    C N N 146 
HIS O    O N N 147 
HIS CB   C N N 148 
HIS CG   C Y N 149 
HIS ND1  N Y N 150 
HIS CD2  C Y N 151 
HIS CE1  C Y N 152 
HIS NE2  N Y N 153 
HIS OXT  O N N 154 
HIS H    H N N 155 
HIS H2   H N N 156 
HIS HA   H N N 157 
HIS HB2  H N N 158 
HIS HB3  H N N 159 
HIS HD1  H N N 160 
HIS HD2  H N N 161 
HIS HE1  H N N 162 
HIS HE2  H N N 163 
HIS HXT  H N N 164 
HOH O    O N N 165 
HOH H1   H N N 166 
HOH H2   H N N 167 
ILE N    N N N 168 
ILE CA   C N S 169 
ILE C    C N N 170 
ILE O    O N N 171 
ILE CB   C N S 172 
ILE CG1  C N N 173 
ILE CG2  C N N 174 
ILE CD1  C N N 175 
ILE OXT  O N N 176 
ILE H    H N N 177 
ILE H2   H N N 178 
ILE HA   H N N 179 
ILE HB   H N N 180 
ILE HG12 H N N 181 
ILE HG13 H N N 182 
ILE HG21 H N N 183 
ILE HG22 H N N 184 
ILE HG23 H N N 185 
ILE HD11 H N N 186 
ILE HD12 H N N 187 
ILE HD13 H N N 188 
ILE HXT  H N N 189 
LEU N    N N N 190 
LEU CA   C N S 191 
LEU C    C N N 192 
LEU O    O N N 193 
LEU CB   C N N 194 
LEU CG   C N N 195 
LEU CD1  C N N 196 
LEU CD2  C N N 197 
LEU OXT  O N N 198 
LEU H    H N N 199 
LEU H2   H N N 200 
LEU HA   H N N 201 
LEU HB2  H N N 202 
LEU HB3  H N N 203 
LEU HG   H N N 204 
LEU HD11 H N N 205 
LEU HD12 H N N 206 
LEU HD13 H N N 207 
LEU HD21 H N N 208 
LEU HD22 H N N 209 
LEU HD23 H N N 210 
LEU HXT  H N N 211 
LYS N    N N N 212 
LYS CA   C N S 213 
LYS C    C N N 214 
LYS O    O N N 215 
LYS CB   C N N 216 
LYS CG   C N N 217 
LYS CD   C N N 218 
LYS CE   C N N 219 
LYS NZ   N N N 220 
LYS OXT  O N N 221 
LYS H    H N N 222 
LYS H2   H N N 223 
LYS HA   H N N 224 
LYS HB2  H N N 225 
LYS HB3  H N N 226 
LYS HG2  H N N 227 
LYS HG3  H N N 228 
LYS HD2  H N N 229 
LYS HD3  H N N 230 
LYS HE2  H N N 231 
LYS HE3  H N N 232 
LYS HZ1  H N N 233 
LYS HZ2  H N N 234 
LYS HZ3  H N N 235 
LYS HXT  H N N 236 
MET N    N N N 237 
MET CA   C N S 238 
MET C    C N N 239 
MET O    O N N 240 
MET CB   C N N 241 
MET CG   C N N 242 
MET SD   S N N 243 
MET CE   C N N 244 
MET OXT  O N N 245 
MET H    H N N 246 
MET H2   H N N 247 
MET HA   H N N 248 
MET HB2  H N N 249 
MET HB3  H N N 250 
MET HG2  H N N 251 
MET HG3  H N N 252 
MET HE1  H N N 253 
MET HE2  H N N 254 
MET HE3  H N N 255 
MET HXT  H N N 256 
PHE N    N N N 257 
PHE CA   C N S 258 
PHE C    C N N 259 
PHE O    O N N 260 
PHE CB   C N N 261 
PHE CG   C Y N 262 
PHE CD1  C Y N 263 
PHE CD2  C Y N 264 
PHE CE1  C Y N 265 
PHE CE2  C Y N 266 
PHE CZ   C Y N 267 
PHE OXT  O N N 268 
PHE H    H N N 269 
PHE H2   H N N 270 
PHE HA   H N N 271 
PHE HB2  H N N 272 
PHE HB3  H N N 273 
PHE HD1  H N N 274 
PHE HD2  H N N 275 
PHE HE1  H N N 276 
PHE HE2  H N N 277 
PHE HZ   H N N 278 
PHE HXT  H N N 279 
PRO N    N N N 280 
PRO CA   C N S 281 
PRO C    C N N 282 
PRO O    O N N 283 
PRO CB   C N N 284 
PRO CG   C N N 285 
PRO CD   C N N 286 
PRO OXT  O N N 287 
PRO H    H N N 288 
PRO HA   H N N 289 
PRO HB2  H N N 290 
PRO HB3  H N N 291 
PRO HG2  H N N 292 
PRO HG3  H N N 293 
PRO HD2  H N N 294 
PRO HD3  H N N 295 
PRO HXT  H N N 296 
SER N    N N N 297 
SER CA   C N S 298 
SER C    C N N 299 
SER O    O N N 300 
SER CB   C N N 301 
SER OG   O N N 302 
SER OXT  O N N 303 
SER H    H N N 304 
SER H2   H N N 305 
SER HA   H N N 306 
SER HB2  H N N 307 
SER HB3  H N N 308 
SER HG   H N N 309 
SER HXT  H N N 310 
SO4 S    S N N 311 
SO4 O1   O N N 312 
SO4 O2   O N N 313 
SO4 O3   O N N 314 
SO4 O4   O N N 315 
THR N    N N N 316 
THR CA   C N S 317 
THR C    C N N 318 
THR O    O N N 319 
THR CB   C N R 320 
THR OG1  O N N 321 
THR CG2  C N N 322 
THR OXT  O N N 323 
THR H    H N N 324 
THR H2   H N N 325 
THR HA   H N N 326 
THR HB   H N N 327 
THR HG1  H N N 328 
THR HG21 H N N 329 
THR HG22 H N N 330 
THR HG23 H N N 331 
THR HXT  H N N 332 
TRP N    N N N 333 
TRP CA   C N S 334 
TRP C    C N N 335 
TRP O    O N N 336 
TRP CB   C N N 337 
TRP CG   C Y N 338 
TRP CD1  C Y N 339 
TRP CD2  C Y N 340 
TRP NE1  N Y N 341 
TRP CE2  C Y N 342 
TRP CE3  C Y N 343 
TRP CZ2  C Y N 344 
TRP CZ3  C Y N 345 
TRP CH2  C Y N 346 
TRP OXT  O N N 347 
TRP H    H N N 348 
TRP H2   H N N 349 
TRP HA   H N N 350 
TRP HB2  H N N 351 
TRP HB3  H N N 352 
TRP HD1  H N N 353 
TRP HE1  H N N 354 
TRP HE3  H N N 355 
TRP HZ2  H N N 356 
TRP HZ3  H N N 357 
TRP HH2  H N N 358 
TRP HXT  H N N 359 
TYR N    N N N 360 
TYR CA   C N S 361 
TYR C    C N N 362 
TYR O    O N N 363 
TYR CB   C N N 364 
TYR CG   C Y N 365 
TYR CD1  C Y N 366 
TYR CD2  C Y N 367 
TYR CE1  C Y N 368 
TYR CE2  C Y N 369 
TYR CZ   C Y N 370 
TYR OH   O N N 371 
TYR OXT  O N N 372 
TYR H    H N N 373 
TYR H2   H N N 374 
TYR HA   H N N 375 
TYR HB2  H N N 376 
TYR HB3  H N N 377 
TYR HD1  H N N 378 
TYR HD2  H N N 379 
TYR HE1  H N N 380 
TYR HE2  H N N 381 
TYR HH   H N N 382 
TYR HXT  H N N 383 
VAL N    N N N 384 
VAL CA   C N S 385 
VAL C    C N N 386 
VAL O    O N N 387 
VAL CB   C N N 388 
VAL CG1  C N N 389 
VAL CG2  C N N 390 
VAL OXT  O N N 391 
VAL H    H N N 392 
VAL H2   H N N 393 
VAL HA   H N N 394 
VAL HB   H N N 395 
VAL HG11 H N N 396 
VAL HG12 H N N 397 
VAL HG13 H N N 398 
VAL HG21 H N N 399 
VAL HG22 H N N 400 
VAL HG23 H N N 401 
VAL HXT  H N N 402 
# 
loop_
_chem_comp_bond.comp_id 
_chem_comp_bond.atom_id_1 
_chem_comp_bond.atom_id_2 
_chem_comp_bond.value_order 
_chem_comp_bond.pdbx_aromatic_flag 
_chem_comp_bond.pdbx_stereo_config 
_chem_comp_bond.pdbx_ordinal 
ACT C   O    doub N N 1   
ACT C   OXT  sing N N 2   
ACT C   CH3  sing N N 3   
ACT CH3 H1   sing N N 4   
ACT CH3 H2   sing N N 5   
ACT CH3 H3   sing N N 6   
ALA N   CA   sing N N 7   
ALA N   H    sing N N 8   
ALA N   H2   sing N N 9   
ALA CA  C    sing N N 10  
ALA CA  CB   sing N N 11  
ALA CA  HA   sing N N 12  
ALA C   O    doub N N 13  
ALA C   OXT  sing N N 14  
ALA CB  HB1  sing N N 15  
ALA CB  HB2  sing N N 16  
ALA CB  HB3  sing N N 17  
ALA OXT HXT  sing N N 18  
ARG N   CA   sing N N 19  
ARG N   H    sing N N 20  
ARG N   H2   sing N N 21  
ARG CA  C    sing N N 22  
ARG CA  CB   sing N N 23  
ARG CA  HA   sing N N 24  
ARG C   O    doub N N 25  
ARG C   OXT  sing N N 26  
ARG CB  CG   sing N N 27  
ARG CB  HB2  sing N N 28  
ARG CB  HB3  sing N N 29  
ARG CG  CD   sing N N 30  
ARG CG  HG2  sing N N 31  
ARG CG  HG3  sing N N 32  
ARG CD  NE   sing N N 33  
ARG CD  HD2  sing N N 34  
ARG CD  HD3  sing N N 35  
ARG NE  CZ   sing N N 36  
ARG NE  HE   sing N N 37  
ARG CZ  NH1  sing N N 38  
ARG CZ  NH2  doub N N 39  
ARG NH1 HH11 sing N N 40  
ARG NH1 HH12 sing N N 41  
ARG NH2 HH21 sing N N 42  
ARG NH2 HH22 sing N N 43  
ARG OXT HXT  sing N N 44  
ASN N   CA   sing N N 45  
ASN N   H    sing N N 46  
ASN N   H2   sing N N 47  
ASN CA  C    sing N N 48  
ASN CA  CB   sing N N 49  
ASN CA  HA   sing N N 50  
ASN C   O    doub N N 51  
ASN C   OXT  sing N N 52  
ASN CB  CG   sing N N 53  
ASN CB  HB2  sing N N 54  
ASN CB  HB3  sing N N 55  
ASN CG  OD1  doub N N 56  
ASN CG  ND2  sing N N 57  
ASN ND2 HD21 sing N N 58  
ASN ND2 HD22 sing N N 59  
ASN OXT HXT  sing N N 60  
ASP N   CA   sing N N 61  
ASP N   H    sing N N 62  
ASP N   H2   sing N N 63  
ASP CA  C    sing N N 64  
ASP CA  CB   sing N N 65  
ASP CA  HA   sing N N 66  
ASP C   O    doub N N 67  
ASP C   OXT  sing N N 68  
ASP CB  CG   sing N N 69  
ASP CB  HB2  sing N N 70  
ASP CB  HB3  sing N N 71  
ASP CG  OD1  doub N N 72  
ASP CG  OD2  sing N N 73  
ASP OD2 HD2  sing N N 74  
ASP OXT HXT  sing N N 75  
CYS N   CA   sing N N 76  
CYS N   H    sing N N 77  
CYS N   H2   sing N N 78  
CYS CA  C    sing N N 79  
CYS CA  CB   sing N N 80  
CYS CA  HA   sing N N 81  
CYS C   O    doub N N 82  
CYS C   OXT  sing N N 83  
CYS CB  SG   sing N N 84  
CYS CB  HB2  sing N N 85  
CYS CB  HB3  sing N N 86  
CYS SG  HG   sing N N 87  
CYS OXT HXT  sing N N 88  
GLN N   CA   sing N N 89  
GLN N   H    sing N N 90  
GLN N   H2   sing N N 91  
GLN CA  C    sing N N 92  
GLN CA  CB   sing N N 93  
GLN CA  HA   sing N N 94  
GLN C   O    doub N N 95  
GLN C   OXT  sing N N 96  
GLN CB  CG   sing N N 97  
GLN CB  HB2  sing N N 98  
GLN CB  HB3  sing N N 99  
GLN CG  CD   sing N N 100 
GLN CG  HG2  sing N N 101 
GLN CG  HG3  sing N N 102 
GLN CD  OE1  doub N N 103 
GLN CD  NE2  sing N N 104 
GLN NE2 HE21 sing N N 105 
GLN NE2 HE22 sing N N 106 
GLN OXT HXT  sing N N 107 
GLU N   CA   sing N N 108 
GLU N   H    sing N N 109 
GLU N   H2   sing N N 110 
GLU CA  C    sing N N 111 
GLU CA  CB   sing N N 112 
GLU CA  HA   sing N N 113 
GLU C   O    doub N N 114 
GLU C   OXT  sing N N 115 
GLU CB  CG   sing N N 116 
GLU CB  HB2  sing N N 117 
GLU CB  HB3  sing N N 118 
GLU CG  CD   sing N N 119 
GLU CG  HG2  sing N N 120 
GLU CG  HG3  sing N N 121 
GLU CD  OE1  doub N N 122 
GLU CD  OE2  sing N N 123 
GLU OE2 HE2  sing N N 124 
GLU OXT HXT  sing N N 125 
GLY N   CA   sing N N 126 
GLY N   H    sing N N 127 
GLY N   H2   sing N N 128 
GLY CA  C    sing N N 129 
GLY CA  HA2  sing N N 130 
GLY CA  HA3  sing N N 131 
GLY C   O    doub N N 132 
GLY C   OXT  sing N N 133 
GLY OXT HXT  sing N N 134 
HIS N   CA   sing N N 135 
HIS N   H    sing N N 136 
HIS N   H2   sing N N 137 
HIS CA  C    sing N N 138 
HIS CA  CB   sing N N 139 
HIS CA  HA   sing N N 140 
HIS C   O    doub N N 141 
HIS C   OXT  sing N N 142 
HIS CB  CG   sing N N 143 
HIS CB  HB2  sing N N 144 
HIS CB  HB3  sing N N 145 
HIS CG  ND1  sing Y N 146 
HIS CG  CD2  doub Y N 147 
HIS ND1 CE1  doub Y N 148 
HIS ND1 HD1  sing N N 149 
HIS CD2 NE2  sing Y N 150 
HIS CD2 HD2  sing N N 151 
HIS CE1 NE2  sing Y N 152 
HIS CE1 HE1  sing N N 153 
HIS NE2 HE2  sing N N 154 
HIS OXT HXT  sing N N 155 
HOH O   H1   sing N N 156 
HOH O   H2   sing N N 157 
ILE N   CA   sing N N 158 
ILE N   H    sing N N 159 
ILE N   H2   sing N N 160 
ILE CA  C    sing N N 161 
ILE CA  CB   sing N N 162 
ILE CA  HA   sing N N 163 
ILE C   O    doub N N 164 
ILE C   OXT  sing N N 165 
ILE CB  CG1  sing N N 166 
ILE CB  CG2  sing N N 167 
ILE CB  HB   sing N N 168 
ILE CG1 CD1  sing N N 169 
ILE CG1 HG12 sing N N 170 
ILE CG1 HG13 sing N N 171 
ILE CG2 HG21 sing N N 172 
ILE CG2 HG22 sing N N 173 
ILE CG2 HG23 sing N N 174 
ILE CD1 HD11 sing N N 175 
ILE CD1 HD12 sing N N 176 
ILE CD1 HD13 sing N N 177 
ILE OXT HXT  sing N N 178 
LEU N   CA   sing N N 179 
LEU N   H    sing N N 180 
LEU N   H2   sing N N 181 
LEU CA  C    sing N N 182 
LEU CA  CB   sing N N 183 
LEU CA  HA   sing N N 184 
LEU C   O    doub N N 185 
LEU C   OXT  sing N N 186 
LEU CB  CG   sing N N 187 
LEU CB  HB2  sing N N 188 
LEU CB  HB3  sing N N 189 
LEU CG  CD1  sing N N 190 
LEU CG  CD2  sing N N 191 
LEU CG  HG   sing N N 192 
LEU CD1 HD11 sing N N 193 
LEU CD1 HD12 sing N N 194 
LEU CD1 HD13 sing N N 195 
LEU CD2 HD21 sing N N 196 
LEU CD2 HD22 sing N N 197 
LEU CD2 HD23 sing N N 198 
LEU OXT HXT  sing N N 199 
LYS N   CA   sing N N 200 
LYS N   H    sing N N 201 
LYS N   H2   sing N N 202 
LYS CA  C    sing N N 203 
LYS CA  CB   sing N N 204 
LYS CA  HA   sing N N 205 
LYS C   O    doub N N 206 
LYS C   OXT  sing N N 207 
LYS CB  CG   sing N N 208 
LYS CB  HB2  sing N N 209 
LYS CB  HB3  sing N N 210 
LYS CG  CD   sing N N 211 
LYS CG  HG2  sing N N 212 
LYS CG  HG3  sing N N 213 
LYS CD  CE   sing N N 214 
LYS CD  HD2  sing N N 215 
LYS CD  HD3  sing N N 216 
LYS CE  NZ   sing N N 217 
LYS CE  HE2  sing N N 218 
LYS CE  HE3  sing N N 219 
LYS NZ  HZ1  sing N N 220 
LYS NZ  HZ2  sing N N 221 
LYS NZ  HZ3  sing N N 222 
LYS OXT HXT  sing N N 223 
MET N   CA   sing N N 224 
MET N   H    sing N N 225 
MET N   H2   sing N N 226 
MET CA  C    sing N N 227 
MET CA  CB   sing N N 228 
MET CA  HA   sing N N 229 
MET C   O    doub N N 230 
MET C   OXT  sing N N 231 
MET CB  CG   sing N N 232 
MET CB  HB2  sing N N 233 
MET CB  HB3  sing N N 234 
MET CG  SD   sing N N 235 
MET CG  HG2  sing N N 236 
MET CG  HG3  sing N N 237 
MET SD  CE   sing N N 238 
MET CE  HE1  sing N N 239 
MET CE  HE2  sing N N 240 
MET CE  HE3  sing N N 241 
MET OXT HXT  sing N N 242 
PHE N   CA   sing N N 243 
PHE N   H    sing N N 244 
PHE N   H2   sing N N 245 
PHE CA  C    sing N N 246 
PHE CA  CB   sing N N 247 
PHE CA  HA   sing N N 248 
PHE C   O    doub N N 249 
PHE C   OXT  sing N N 250 
PHE CB  CG   sing N N 251 
PHE CB  HB2  sing N N 252 
PHE CB  HB3  sing N N 253 
PHE CG  CD1  doub Y N 254 
PHE CG  CD2  sing Y N 255 
PHE CD1 CE1  sing Y N 256 
PHE CD1 HD1  sing N N 257 
PHE CD2 CE2  doub Y N 258 
PHE CD2 HD2  sing N N 259 
PHE CE1 CZ   doub Y N 260 
PHE CE1 HE1  sing N N 261 
PHE CE2 CZ   sing Y N 262 
PHE CE2 HE2  sing N N 263 
PHE CZ  HZ   sing N N 264 
PHE OXT HXT  sing N N 265 
PRO N   CA   sing N N 266 
PRO N   CD   sing N N 267 
PRO N   H    sing N N 268 
PRO CA  C    sing N N 269 
PRO CA  CB   sing N N 270 
PRO CA  HA   sing N N 271 
PRO C   O    doub N N 272 
PRO C   OXT  sing N N 273 
PRO CB  CG   sing N N 274 
PRO CB  HB2  sing N N 275 
PRO CB  HB3  sing N N 276 
PRO CG  CD   sing N N 277 
PRO CG  HG2  sing N N 278 
PRO CG  HG3  sing N N 279 
PRO CD  HD2  sing N N 280 
PRO CD  HD3  sing N N 281 
PRO OXT HXT  sing N N 282 
SER N   CA   sing N N 283 
SER N   H    sing N N 284 
SER N   H2   sing N N 285 
SER CA  C    sing N N 286 
SER CA  CB   sing N N 287 
SER CA  HA   sing N N 288 
SER C   O    doub N N 289 
SER C   OXT  sing N N 290 
SER CB  OG   sing N N 291 
SER CB  HB2  sing N N 292 
SER CB  HB3  sing N N 293 
SER OG  HG   sing N N 294 
SER OXT HXT  sing N N 295 
SO4 S   O1   doub N N 296 
SO4 S   O2   doub N N 297 
SO4 S   O3   sing N N 298 
SO4 S   O4   sing N N 299 
THR N   CA   sing N N 300 
THR N   H    sing N N 301 
THR N   H2   sing N N 302 
THR CA  C    sing N N 303 
THR CA  CB   sing N N 304 
THR CA  HA   sing N N 305 
THR C   O    doub N N 306 
THR C   OXT  sing N N 307 
THR CB  OG1  sing N N 308 
THR CB  CG2  sing N N 309 
THR CB  HB   sing N N 310 
THR OG1 HG1  sing N N 311 
THR CG2 HG21 sing N N 312 
THR CG2 HG22 sing N N 313 
THR CG2 HG23 sing N N 314 
THR OXT HXT  sing N N 315 
TRP N   CA   sing N N 316 
TRP N   H    sing N N 317 
TRP N   H2   sing N N 318 
TRP CA  C    sing N N 319 
TRP CA  CB   sing N N 320 
TRP CA  HA   sing N N 321 
TRP C   O    doub N N 322 
TRP C   OXT  sing N N 323 
TRP CB  CG   sing N N 324 
TRP CB  HB2  sing N N 325 
TRP CB  HB3  sing N N 326 
TRP CG  CD1  doub Y N 327 
TRP CG  CD2  sing Y N 328 
TRP CD1 NE1  sing Y N 329 
TRP CD1 HD1  sing N N 330 
TRP CD2 CE2  doub Y N 331 
TRP CD2 CE3  sing Y N 332 
TRP NE1 CE2  sing Y N 333 
TRP NE1 HE1  sing N N 334 
TRP CE2 CZ2  sing Y N 335 
TRP CE3 CZ3  doub Y N 336 
TRP CE3 HE3  sing N N 337 
TRP CZ2 CH2  doub Y N 338 
TRP CZ2 HZ2  sing N N 339 
TRP CZ3 CH2  sing Y N 340 
TRP CZ3 HZ3  sing N N 341 
TRP CH2 HH2  sing N N 342 
TRP OXT HXT  sing N N 343 
TYR N   CA   sing N N 344 
TYR N   H    sing N N 345 
TYR N   H2   sing N N 346 
TYR CA  C    sing N N 347 
TYR CA  CB   sing N N 348 
TYR CA  HA   sing N N 349 
TYR C   O    doub N N 350 
TYR C   OXT  sing N N 351 
TYR CB  CG   sing N N 352 
TYR CB  HB2  sing N N 353 
TYR CB  HB3  sing N N 354 
TYR CG  CD1  doub Y N 355 
TYR CG  CD2  sing Y N 356 
TYR CD1 CE1  sing Y N 357 
TYR CD1 HD1  sing N N 358 
TYR CD2 CE2  doub Y N 359 
TYR CD2 HD2  sing N N 360 
TYR CE1 CZ   doub Y N 361 
TYR CE1 HE1  sing N N 362 
TYR CE2 CZ   sing Y N 363 
TYR CE2 HE2  sing N N 364 
TYR CZ  OH   sing N N 365 
TYR OH  HH   sing N N 366 
TYR OXT HXT  sing N N 367 
VAL N   CA   sing N N 368 
VAL N   H    sing N N 369 
VAL N   H2   sing N N 370 
VAL CA  C    sing N N 371 
VAL CA  CB   sing N N 372 
VAL CA  HA   sing N N 373 
VAL C   O    doub N N 374 
VAL C   OXT  sing N N 375 
VAL CB  CG1  sing N N 376 
VAL CB  CG2  sing N N 377 
VAL CB  HB   sing N N 378 
VAL CG1 HG11 sing N N 379 
VAL CG1 HG12 sing N N 380 
VAL CG1 HG13 sing N N 381 
VAL CG2 HG21 sing N N 382 
VAL CG2 HG22 sing N N 383 
VAL CG2 HG23 sing N N 384 
VAL OXT HXT  sing N N 385 
# 
_pdbx_initial_refinement_model.id               1 
_pdbx_initial_refinement_model.entity_id_list   ? 
_pdbx_initial_refinement_model.type             'experimental model' 
_pdbx_initial_refinement_model.source_name      PDB 
_pdbx_initial_refinement_model.accession_code   3LJD 
_pdbx_initial_refinement_model.details          ? 
# 
_atom_sites.entry_id                    3LJE 
_atom_sites.fract_transf_matrix[1][1]   0.00568336 
_atom_sites.fract_transf_matrix[1][2]   -0.00462950 
_atom_sites.fract_transf_matrix[1][3]   0.00296176 
_atom_sites.fract_transf_matrix[2][1]   0.00362213 
_atom_sites.fract_transf_matrix[2][2]   0.00635959 
_atom_sites.fract_transf_matrix[2][3]   0.00299009 
_atom_sites.fract_transf_matrix[3][1]   -0.00413334 
_atom_sites.fract_transf_matrix[3][2]   -0.00079255 
_atom_sites.fract_transf_matrix[3][3]   0.00669270 
_atom_sites.fract_transf_vector[1]      0.675245 
_atom_sites.fract_transf_vector[2]      0.434118 
_atom_sites.fract_transf_vector[3]      0.175378 
# 
loop_
_atom_type.symbol 
C 
N 
O 
S 
# 
loop_
_atom_site.group_PDB 
_atom_site.id 
_atom_site.type_symbol 
_atom_site.label_atom_id 
_atom_site.label_alt_id 
_atom_site.label_comp_id 
_atom_site.label_asym_id 
_atom_site.label_entity_id 
_atom_site.label_seq_id 
_atom_site.pdbx_PDB_ins_code 
_atom_site.Cartn_x 
_atom_site.Cartn_y 
_atom_site.Cartn_z 
_atom_site.occupancy 
_atom_site.B_iso_or_equiv 
_atom_site.pdbx_formal_charge 
_atom_site.auth_seq_id 
_atom_site.auth_comp_id 
_atom_site.auth_asym_id 
_atom_site.auth_atom_id 
_atom_site.pdbx_PDB_model_num 
ATOM   1    N N   . LYS A 1 2   ? -7.433  20.344  1.966   1.00 52.29 ? 1    LYS A N   1 
ATOM   2    C CA  . LYS A 1 2   ? -8.620  19.433  1.799   1.00 52.97 ? 1    LYS A CA  1 
ATOM   3    C C   . LYS A 1 2   ? -8.482  18.419  0.639   1.00 52.22 ? 1    LYS A C   1 
ATOM   4    O O   . LYS A 1 2   ? -8.029  18.771  -0.447  1.00 53.31 ? 1    LYS A O   1 
ATOM   5    C CB  . LYS A 1 2   ? -9.935  20.227  1.546   1.00 53.70 ? 1    LYS A CB  1 
ATOM   6    C CG  . LYS A 1 2   ? -11.166 19.551  2.179   1.00 55.90 ? 1    LYS A CG  1 
ATOM   7    C CD  . LYS A 1 2   ? -12.220 19.003  1.179   1.00 57.23 ? 1    LYS A CD  1 
ATOM   8    C CE  . LYS A 1 2   ? -13.107 20.128  0.628   1.00 57.61 ? 1    LYS A CE  1 
ATOM   9    N NZ  . LYS A 1 2   ? -13.286 20.031  -0.881  1.00 57.94 ? 1    LYS A NZ  1 
ATOM   10   N N   . VAL A 1 3   ? -8.884  17.166  0.862   1.00 49.94 ? 2    VAL A N   1 
ATOM   11   C CA  . VAL A 1 3   ? -8.843  16.184  -0.215  1.00 47.33 ? 2    VAL A CA  1 
ATOM   12   C C   . VAL A 1 3   ? -10.247 16.269  -0.832  1.00 46.41 ? 2    VAL A C   1 
ATOM   13   O O   . VAL A 1 3   ? -11.222 16.346  -0.099  1.00 46.76 ? 2    VAL A O   1 
ATOM   14   C CB  . VAL A 1 3   ? -8.588  14.726  0.346   1.00 46.32 ? 2    VAL A CB  1 
ATOM   15   C CG1 . VAL A 1 3   ? -8.646  13.674  -0.793  1.00 43.50 ? 2    VAL A CG1 1 
ATOM   16   C CG2 . VAL A 1 3   ? -7.263  14.698  1.070   1.00 44.13 ? 2    VAL A CG2 1 
ATOM   17   N N   . PRO A 1 4   ? -10.362 16.242  -2.163  1.00 45.73 ? 3    PRO A N   1 
ATOM   18   C CA  . PRO A 1 4   ? -11.707 16.323  -2.741  1.00 45.32 ? 3    PRO A CA  1 
ATOM   19   C C   . PRO A 1 4   ? -12.536 15.178  -2.225  1.00 45.30 ? 3    PRO A C   1 
ATOM   20   O O   . PRO A 1 4   ? -12.025 14.115  -1.928  1.00 45.84 ? 3    PRO A O   1 
ATOM   21   C CB  . PRO A 1 4   ? -11.452 16.255  -4.253  1.00 45.88 ? 3    PRO A CB  1 
ATOM   22   C CG  . PRO A 1 4   ? -10.042 16.892  -4.405  1.00 45.58 ? 3    PRO A CG  1 
ATOM   23   C CD  . PRO A 1 4   ? -9.306  16.322  -3.202  1.00 45.50 ? 3    PRO A CD  1 
ATOM   24   N N   . PRO A 1 5   ? -13.867 15.347  -2.165  1.00 45.18 ? 4    PRO A N   1 
ATOM   25   C CA  . PRO A 1 5   ? -14.641 14.225  -1.636  1.00 42.91 ? 4    PRO A CA  1 
ATOM   26   C C   . PRO A 1 5   ? -14.831 13.076  -2.556  1.00 41.38 ? 4    PRO A C   1 
ATOM   27   O O   . PRO A 1 5   ? -15.223 11.997  -2.108  1.00 39.76 ? 4    PRO A O   1 
ATOM   28   C CB  . PRO A 1 5   ? -15.962 14.894  -1.197  1.00 44.58 ? 4    PRO A CB  1 
ATOM   29   C CG  . PRO A 1 5   ? -16.104 15.981  -2.235  1.00 44.52 ? 4    PRO A CG  1 
ATOM   30   C CD  . PRO A 1 5   ? -14.700 16.574  -2.250  1.00 45.00 ? 4    PRO A CD  1 
ATOM   31   N N   . ASP A 1 6   ? -14.582 13.234  -3.851  1.00 40.19 ? 5    ASP A N   1 
ATOM   32   C CA  . ASP A 1 6   ? -14.748 12.008  -4.644  1.00 39.96 ? 5    ASP A CA  1 
ATOM   33   C C   . ASP A 1 6   ? -13.451 11.206  -4.575  1.00 37.64 ? 5    ASP A C   1 
ATOM   34   O O   . ASP A 1 6   ? -13.376 10.090  -5.072  1.00 37.93 ? 5    ASP A O   1 
ATOM   35   C CB  . ASP A 1 6   ? -15.018 12.305  -6.096  1.00 42.19 ? 5    ASP A CB  1 
ATOM   36   C CG  . ASP A 1 6   ? -14.056 13.291  -6.651  1.00 45.43 ? 5    ASP A CG  1 
ATOM   37   O OD1 . ASP A 1 6   ? -13.778 14.302  -5.976  1.00 46.07 ? 5    ASP A OD1 1 
ATOM   38   O OD2 . ASP A 1 6   ? -13.557 13.049  -7.772  1.00 48.51 ? 5    ASP A OD2 1 
ATOM   39   N N   . VAL A 1 7   ? -12.437 11.786  -3.962  1.00 35.78 ? 6    VAL A N   1 
ATOM   40   C CA  . VAL A 1 7   ? -11.122 11.121  -3.879  1.00 32.79 ? 6    VAL A CA  1 
ATOM   41   C C   . VAL A 1 7   ? -10.856 10.599  -2.470  1.00 33.29 ? 6    VAL A C   1 
ATOM   42   O O   . VAL A 1 7   ? -10.216 9.575   -2.294  1.00 30.90 ? 6    VAL A O   1 
ATOM   43   C CB  . VAL A 1 7   ? -10.007 12.128  -4.180  1.00 32.16 ? 6    VAL A CB  1 
ATOM   44   C CG1 . VAL A 1 7   ? -8.626  11.505  -3.858  1.00 30.28 ? 6    VAL A CG1 1 
ATOM   45   C CG2 . VAL A 1 7   ? -10.030 12.527  -5.713  1.00 32.65 ? 6    VAL A CG2 1 
ATOM   46   N N   . ASP A 1 8   ? -11.323 11.344  -1.469  1.00 32.20 ? 7    ASP A N   1 
ATOM   47   C CA  . ASP A 1 8   ? -11.073 10.955  -0.127  1.00 33.90 ? 7    ASP A CA  1 
ATOM   48   C C   . ASP A 1 8   ? -11.273 9.466   0.295   1.00 33.32 ? 7    ASP A C   1 
ATOM   49   O O   . ASP A 1 8   ? -10.403 8.899   0.978   1.00 32.33 ? 7    ASP A O   1 
ATOM   50   C CB  . ASP A 1 8   ? -11.797 11.911  0.802   1.00 36.45 ? 7    ASP A CB  1 
ATOM   51   C CG  . ASP A 1 8   ? -11.336 11.766  2.241   1.00 37.35 ? 7    ASP A CG  1 
ATOM   52   O OD1 . ASP A 1 8   ? -10.131 11.927  2.530   1.00 37.86 ? 7    ASP A OD1 1 
ATOM   53   O OD2 . ASP A 1 8   ? -12.188 11.464  3.071   1.00 40.66 ? 7    ASP A OD2 1 
ATOM   54   N N   . PRO A 1 9   ? -12.384 8.798   -0.109  1.00 32.80 ? 8    PRO A N   1 
ATOM   55   C CA  . PRO A 1 9   ? -12.537 7.395   0.311   1.00 31.92 ? 8    PRO A CA  1 
ATOM   56   C C   . PRO A 1 9   ? -11.373 6.479   -0.153  1.00 30.31 ? 8    PRO A C   1 
ATOM   57   O O   . PRO A 1 9   ? -10.826 5.669   0.634   1.00 28.60 ? 8    PRO A O   1 
ATOM   58   C CB  . PRO A 1 9   ? -13.900 6.967   -0.317  1.00 33.04 ? 8    PRO A CB  1 
ATOM   59   C CG  . PRO A 1 9   ? -14.715 8.335   -0.321  1.00 33.07 ? 8    PRO A CG  1 
ATOM   60   C CD  . PRO A 1 9   ? -13.551 9.239   -0.918  1.00 33.91 ? 8    PRO A CD  1 
ATOM   61   N N   . ARG A 1 10  ? -10.970 6.687   -1.398  1.00 27.39 ? 9    ARG A N   1 
ATOM   62   C CA  . ARG A 1 10  ? -9.896  5.876   -1.985  1.00 25.54 ? 9    ARG A CA  1 
ATOM   63   C C   . ARG A 1 10  ? -8.554  6.231   -1.397  1.00 22.52 ? 9    ARG A C   1 
ATOM   64   O O   . ARG A 1 10  ? -7.676  5.317   -1.174  1.00 20.83 ? 9    ARG A O   1 
ATOM   65   C CB  . ARG A 1 10  ? -9.871  6.008   -3.503  1.00 25.46 ? 9    ARG A CB  1 
ATOM   66   C CG  . ARG A 1 10  ? -10.886 4.999   -4.151  1.00 31.73 ? 9    ARG A CG  1 
ATOM   67   C CD  . ARG A 1 10  ? -10.792 5.037   -5.682  1.00 32.68 ? 9    ARG A CD  1 
ATOM   68   N NE  . ARG A 1 10  ? -11.052 6.437   -6.019  1.00 34.58 ? 9    ARG A NE  1 
ATOM   69   C CZ  . ARG A 1 10  ? -10.510 7.085   -7.066  1.00 35.22 ? 9    ARG A CZ  1 
ATOM   70   N NH1 . ARG A 1 10  ? -9.674  6.449   -7.903  1.00 33.25 ? 9    ARG A NH1 1 
ATOM   71   N NH2 . ARG A 1 10  ? -10.791 8.381   -7.228  1.00 35.79 ? 9    ARG A NH2 1 
ATOM   72   N N   . TYR A 1 11  ? -8.377  7.503   -1.149  1.00 20.73 ? 10   TYR A N   1 
ATOM   73   C CA  . TYR A 1 11  ? -7.133  7.976   -0.582  1.00 22.18 ? 10   TYR A CA  1 
ATOM   74   C C   . TYR A 1 11  ? -6.994  7.454   0.869   1.00 22.49 ? 10   TYR A C   1 
ATOM   75   O O   . TYR A 1 11  ? -5.924  7.008   1.326   1.00 21.23 ? 10   TYR A O   1 
ATOM   76   C CB  . TYR A 1 11  ? -7.176  9.495   -0.567  1.00 23.54 ? 10   TYR A CB  1 
ATOM   77   C CG  . TYR A 1 11  ? -6.132  10.135  0.269   1.00 23.49 ? 10   TYR A CG  1 
ATOM   78   C CD1 . TYR A 1 11  ? -4.776  10.108  -0.108  1.00 22.38 ? 10   TYR A CD1 1 
ATOM   79   C CD2 . TYR A 1 11  ? -6.487  10.806  1.442   1.00 24.71 ? 10   TYR A CD2 1 
ATOM   80   C CE1 . TYR A 1 11  ? -3.814  10.755  0.659   1.00 21.55 ? 10   TYR A CE1 1 
ATOM   81   C CE2 . TYR A 1 11  ? -5.539  11.447  2.233   1.00 24.52 ? 10   TYR A CE2 1 
ATOM   82   C CZ  . TYR A 1 11  ? -4.209  11.437  1.858   1.00 24.71 ? 10   TYR A CZ  1 
ATOM   83   O OH  . TYR A 1 11  ? -3.254  12.093  2.648   1.00 24.54 ? 10   TYR A OH  1 
ATOM   84   N N   . GLN A 1 12  ? -8.084  7.543   1.629   1.00 22.18 ? 11   GLN A N   1 
ATOM   85   C CA  . GLN A 1 12  ? -7.973  7.051   2.999   1.00 23.19 ? 11   GLN A CA  1 
ATOM   86   C C   . GLN A 1 12  ? -7.689  5.545   3.000   1.00 20.91 ? 11   GLN A C   1 
ATOM   87   O O   . GLN A 1 12  ? -6.950  5.012   3.865   1.00 21.12 ? 11   GLN A O   1 
ATOM   88   C CB  . GLN A 1 12  ? -9.296  7.342   3.800   1.00 26.21 ? 11   GLN A CB  1 
ATOM   89   C CG  . GLN A 1 12  ? -9.634  8.843   3.971   1.00 31.36 ? 11   GLN A CG  1 
ATOM   90   C CD  . GLN A 1 12  ? -8.534  9.473   4.751   1.00 34.99 ? 11   GLN A CD  1 
ATOM   91   O OE1 . GLN A 1 12  ? -7.921  8.768   5.553   1.00 35.86 ? 11   GLN A OE1 1 
ATOM   92   N NE2 . GLN A 1 12  ? -8.221  10.769  4.518   1.00 35.19 ? 11   GLN A NE2 1 
ATOM   93   N N   . LYS A 1 13  ? -8.340  4.794   2.108   1.00 20.96 ? 12   LYS A N   1 
ATOM   94   C CA  . LYS A 1 13  ? -8.101  3.372   2.044   1.00 19.71 ? 12   LYS A CA  1 
ATOM   95   C C   . LYS A 1 13  ? -6.605  3.110   1.639   1.00 18.74 ? 12   LYS A C   1 
ATOM   96   O O   . LYS A 1 13  ? -5.972  2.201   2.120   1.00 15.16 ? 12   LYS A O   1 
ATOM   97   C CB  . LYS A 1 13  ? -9.017  2.776   1.000   1.00 22.95 ? 12   LYS A CB  1 
ATOM   98   C CG  . LYS A 1 13  ? -8.840  1.194   0.856   1.00 25.67 ? 12   LYS A CG  1 
ATOM   99   C CD  . LYS A 1 13  ? -10.001 0.572   0.035   1.00 29.86 ? 12   LYS A CD  1 
ATOM   100  C CE  . LYS A 1 13  ? -9.754  -0.864  -0.254  1.00 35.04 ? 12   LYS A CE  1 
ATOM   101  N NZ  . LYS A 1 13  ? -11.064 -1.432  -0.865  1.00 39.25 ? 12   LYS A NZ  1 
ATOM   102  N N   . PHE A 1 14  ? -6.085  3.946   0.754   1.00 15.65 ? 13   PHE A N   1 
ATOM   103  C CA  . PHE A 1 14  ? -4.650  3.753   0.348   1.00 15.99 ? 13   PHE A CA  1 
ATOM   104  C C   . PHE A 1 14  ? -3.746  3.973   1.584   1.00 15.58 ? 13   PHE A C   1 
ATOM   105  O O   . PHE A 1 14  ? -2.750  3.269   1.802   1.00 17.32 ? 13   PHE A O   1 
ATOM   106  C CB  . PHE A 1 14  ? -4.347  4.808   -0.739  1.00 15.36 ? 13   PHE A CB  1 
ATOM   107  C CG  . PHE A 1 14  ? -2.882  4.886   -1.114  1.00 16.97 ? 13   PHE A CG  1 
ATOM   108  C CD1 . PHE A 1 14  ? -2.349  3.995   -2.066  1.00 16.91 ? 13   PHE A CD1 1 
ATOM   109  C CD2 . PHE A 1 14  ? -2.027  5.823   -0.433  1.00 17.84 ? 13   PHE A CD2 1 
ATOM   110  C CE1 . PHE A 1 14  ? -0.928  4.037   -2.346  1.00 17.90 ? 13   PHE A CE1 1 
ATOM   111  C CE2 . PHE A 1 14  ? -0.642  5.856   -0.707  1.00 16.14 ? 13   PHE A CE2 1 
ATOM   112  C CZ  . PHE A 1 14  ? -0.097  4.965   -1.668  1.00 15.22 ? 13   PHE A CZ  1 
ATOM   113  N N   . LEU A 1 15  ? -4.011  5.012   2.341   1.00 16.83 ? 14   LEU A N   1 
ATOM   114  C CA  . LEU A 1 15  ? -3.187  5.244   3.531   1.00 18.41 ? 14   LEU A CA  1 
ATOM   115  C C   . LEU A 1 15  ? -3.236  4.032   4.481   1.00 18.21 ? 14   LEU A C   1 
ATOM   116  O O   . LEU A 1 15  ? -2.228  3.603   5.015   1.00 16.40 ? 14   LEU A O   1 
ATOM   117  C CB  . LEU A 1 15  ? -3.683  6.451   4.384   1.00 19.64 ? 14   LEU A CB  1 
ATOM   118  C CG  . LEU A 1 15  ? -3.615  7.806   3.631   1.00 20.51 ? 14   LEU A CG  1 
ATOM   119  C CD1 . LEU A 1 15  ? -4.074  8.871   4.669   1.00 25.02 ? 14   LEU A CD1 1 
ATOM   120  C CD2 . LEU A 1 15  ? -2.273  8.106   3.048   1.00 19.74 ? 14   LEU A CD2 1 
ATOM   121  N N   . ARG A 1 16  ? -4.459  3.555   4.720   1.00 16.70 ? 15   ARG A N   1 
ATOM   122  C CA  . ARG A 1 16  ? -4.636  2.429   5.598   1.00 17.24 ? 15   ARG A CA  1 
ATOM   123  C C   . ARG A 1 16  ? -3.969  1.192   5.099   1.00 17.02 ? 15   ARG A C   1 
ATOM   124  O O   . ARG A 1 16  ? -3.326  0.444   5.867   1.00 17.85 ? 15   ARG A O   1 
ATOM   125  C CB  . ARG A 1 16  ? -6.164  2.148   5.797   1.00 17.62 ? 15   ARG A CB  1 
ATOM   126  C CG  . ARG A 1 16  ? -6.419  0.784   6.530   1.00 21.65 ? 15   ARG A CG  1 
ATOM   127  C CD  . ARG A 1 16  ? -7.884  0.545   7.000   1.00 22.66 ? 15   ARG A CD  1 
ATOM   128  N NE  . ARG A 1 16  ? -8.813  0.561   5.852   1.00 24.56 ? 15   ARG A NE  1 
ATOM   129  C CZ  . ARG A 1 16  ? -9.063  -0.488  5.066   1.00 25.84 ? 15   ARG A CZ  1 
ATOM   130  N NH1 . ARG A 1 16  ? -8.496  -1.719  5.285   1.00 22.93 ? 15   ARG A NH1 1 
ATOM   131  N NH2 . ARG A 1 16  ? -9.801  -0.280  3.987   1.00 26.40 ? 15   ARG A NH2 1 
ATOM   132  N N   . GLN A 1 17  ? -4.098  0.920   3.824   1.00 15.79 ? 16   GLN A N   1 
ATOM   133  C CA  . GLN A 1 17  ? -3.522  -0.327  3.381   1.00 16.37 ? 16   GLN A CA  1 
ATOM   134  C C   . GLN A 1 17  ? -2.048  -0.282  2.959   1.00 15.20 ? 16   GLN A C   1 
ATOM   135  O O   . GLN A 1 17  ? -1.427  -1.336  2.909   1.00 15.47 ? 16   GLN A O   1 
ATOM   136  C CB  . GLN A 1 17  ? -4.279  -0.790  2.125   1.00 19.42 ? 16   GLN A CB  1 
ATOM   137  C CG  . GLN A 1 17  ? -5.772  -1.026  2.371   1.00 22.07 ? 16   GLN A CG  1 
ATOM   138  C CD  . GLN A 1 17  ? -6.397  -1.602  1.107   1.00 27.29 ? 16   GLN A CD  1 
ATOM   139  O OE1 . GLN A 1 17  ? -7.052  -2.642  1.157   1.00 34.01 ? 16   GLN A OE1 1 
ATOM   140  N NE2 . GLN A 1 17  ? -6.184  -0.963  -0.003  1.00 24.22 ? 16   GLN A NE2 1 
ATOM   141  N N   . HIS A 1 18  ? -1.550  0.920   2.640   1.00 14.70 ? 17   HIS A N   1 
ATOM   142  C CA  . HIS A 1 18  ? -0.217  1.000   2.057   1.00 14.45 ? 17   HIS A CA  1 
ATOM   143  C C   . HIS A 1 18  ? 0.789   1.978   2.613   1.00 14.86 ? 17   HIS A C   1 
ATOM   144  O O   . HIS A 1 18  ? 1.947   2.038   2.096   1.00 13.94 ? 17   HIS A O   1 
ATOM   145  C CB  . HIS A 1 18  ? -0.354  1.279   0.520   1.00 13.14 ? 17   HIS A CB  1 
ATOM   146  C CG  . HIS A 1 18  ? -1.126  0.200   -0.187  1.00 17.05 ? 17   HIS A CG  1 
ATOM   147  N ND1 . HIS A 1 18  ? -0.661  -1.091  -0.278  1.00 14.67 ? 17   HIS A ND1 1 
ATOM   148  C CD2 . HIS A 1 18  ? -2.363  0.204   -0.761  1.00 15.67 ? 17   HIS A CD2 1 
ATOM   149  C CE1 . HIS A 1 18  ? -1.559  -1.856  -0.893  1.00 16.23 ? 17   HIS A CE1 1 
ATOM   150  N NE2 . HIS A 1 18  ? -2.604  -1.104  -1.198  1.00 16.31 ? 17   HIS A NE2 1 
ATOM   151  N N   . VAL A 1 19  ? 0.441   2.679   3.677   1.00 13.61 ? 18   VAL A N   1 
ATOM   152  C CA  . VAL A 1 19  ? 1.380   3.673   4.198   1.00 14.76 ? 18   VAL A CA  1 
ATOM   153  C C   . VAL A 1 19  ? 1.649   3.378   5.675   1.00 15.97 ? 18   VAL A C   1 
ATOM   154  O O   . VAL A 1 19  ? 0.712   3.450   6.542   1.00 15.87 ? 18   VAL A O   1 
ATOM   155  C CB  . VAL A 1 19  ? 0.782   5.106   4.083   1.00 15.28 ? 18   VAL A CB  1 
ATOM   156  C CG1 . VAL A 1 19  ? 1.759   6.172   4.590   1.00 17.80 ? 18   VAL A CG1 1 
ATOM   157  C CG2 . VAL A 1 19  ? 0.475   5.489   2.547   1.00 16.62 ? 18   VAL A CG2 1 
ATOM   158  N N   . ASP A 1 20  ? 2.893   3.012   5.973   1.00 15.78 ? 19   ASP A N   1 
ATOM   159  C CA  . ASP A 1 20  ? 3.197   2.805   7.390   1.00 16.61 ? 19   ASP A CA  1 
ATOM   160  C C   . ASP A 1 20  ? 4.769   2.846   7.574   1.00 14.30 ? 19   ASP A C   1 
ATOM   161  O O   . ASP A 1 20  ? 5.475   1.871   7.325   1.00 14.75 ? 19   ASP A O   1 
ATOM   162  C CB  . ASP A 1 20  ? 2.687   1.422   7.876   1.00 15.72 ? 19   ASP A CB  1 
ATOM   163  C CG  . ASP A 1 20  ? 2.883   1.285   9.376   1.00 21.46 ? 19   ASP A CG  1 
ATOM   164  O OD1 . ASP A 1 20  ? 2.227   0.408   9.970   1.00 21.12 ? 19   ASP A OD1 1 
ATOM   165  O OD2 . ASP A 1 20  ? 3.669   2.115   9.934   1.00 19.66 ? 19   ASP A OD2 1 
ATOM   166  N N   . ALA A 1 21  ? 5.269   4.018   7.964   1.00 17.33 ? 20   ALA A N   1 
ATOM   167  C CA  . ALA A 1 21  ? 6.737   4.193   8.122   1.00 16.15 ? 20   ALA A CA  1 
ATOM   168  C C   . ALA A 1 21  ? 7.343   3.251   9.124   1.00 20.15 ? 20   ALA A C   1 
ATOM   169  O O   . ALA A 1 21  ? 8.552   3.012   9.059   1.00 22.21 ? 20   ALA A O   1 
ATOM   170  C CB  . ALA A 1 21  ? 7.076   5.676   8.608   1.00 17.85 ? 20   ALA A CB  1 
ATOM   171  N N   . ASP A 1 22  ? 6.559   2.754   10.103  1.00 20.90 ? 21   ASP A N   1 
ATOM   172  C CA  . ASP A 1 22  ? 7.171   1.938   11.158  1.00 23.81 ? 21   ASP A CA  1 
ATOM   173  C C   . ASP A 1 22  ? 6.913   0.432   10.892  1.00 23.12 ? 21   ASP A C   1 
ATOM   174  O O   . ASP A 1 22  ? 7.189   -0.444  11.724  1.00 20.78 ? 21   ASP A O   1 
ATOM   175  C CB  A ASP A 1 22  ? 6.593   2.518   12.502  0.45 23.88 ? 21   ASP A CB  1 
ATOM   176  C CB  B ASP A 1 22  ? 6.590   2.326   12.524  0.55 28.37 ? 21   ASP A CB  1 
ATOM   177  C CG  A ASP A 1 22  ? 6.821   1.638   13.741  0.45 22.57 ? 21   ASP A CG  1 
ATOM   178  C CG  B ASP A 1 22  ? 5.171   2.827   12.420  0.55 29.40 ? 21   ASP A CG  1 
ATOM   179  O OD1 A ASP A 1 22  ? 8.001   1.312   14.038  0.45 19.13 ? 21   ASP A OD1 1 
ATOM   180  O OD1 B ASP A 1 22  ? 4.189   2.074   12.583  0.55 29.33 ? 21   ASP A OD1 1 
ATOM   181  O OD2 A ASP A 1 22  ? 5.765   1.325   14.387  0.45 19.80 ? 21   ASP A OD2 1 
ATOM   182  O OD2 B ASP A 1 22  ? 5.031   4.046   12.126  0.55 34.13 ? 21   ASP A OD2 1 
ATOM   183  N N   . MET A 1 23  ? 6.425   0.123   9.692   1.00 18.34 ? 22   MET A N   1 
ATOM   184  C CA  . MET A 1 23  ? 6.179   -1.310  9.402   1.00 18.04 ? 22   MET A CA  1 
ATOM   185  C C   . MET A 1 23  ? 7.475   -2.131  9.393   1.00 18.28 ? 22   MET A C   1 
ATOM   186  O O   . MET A 1 23  ? 8.596   -1.547  9.144   1.00 18.36 ? 22   MET A O   1 
ATOM   187  C CB  . MET A 1 23  ? 5.514   -1.436  8.054   1.00 18.21 ? 22   MET A CB  1 
ATOM   188  C CG  . MET A 1 23  ? 5.139   -2.785  7.698   1.00 21.37 ? 22   MET A CG  1 
ATOM   189  S SD  . MET A 1 23  ? 3.973   -3.612  8.973   1.00 18.86 ? 22   MET A SD  1 
ATOM   190  C CE  . MET A 1 23  ? 3.882   -5.106  8.104   1.00 17.73 ? 22   MET A CE  1 
ATOM   191  N N   . SER A 1 24  ? 7.376   -3.453  9.603   1.00 17.52 ? 23   SER A N   1 
ATOM   192  C CA  . SER A 1 24  ? 8.597   -4.264  9.570   1.00 18.85 ? 23   SER A CA  1 
ATOM   193  C C   . SER A 1 24  ? 8.178   -5.661  9.155   1.00 19.89 ? 23   SER A C   1 
ATOM   194  O O   . SER A 1 24  ? 6.967   -6.000  9.259   1.00 18.98 ? 23   SER A O   1 
ATOM   195  C CB  . SER A 1 24  ? 9.310   -4.292  10.936  1.00 21.46 ? 23   SER A CB  1 
ATOM   196  O OG  . SER A 1 24  ? 8.634   -5.232  11.744  1.00 24.78 ? 23   SER A OG  1 
ATOM   197  N N   . VAL A 1 25  ? 9.123   -6.524  8.728   1.00 20.10 ? 24   VAL A N   1 
ATOM   198  C CA  . VAL A 1 25  ? 8.726   -7.853  8.288   1.00 21.81 ? 24   VAL A CA  1 
ATOM   199  C C   . VAL A 1 25  ? 8.019   -8.739  9.327   1.00 21.67 ? 24   VAL A C   1 
ATOM   200  O O   . VAL A 1 25  ? 7.011   -9.460  9.064   1.00 23.17 ? 24   VAL A O   1 
ATOM   201  C CB  A VAL A 1 25  ? 9.918   -8.580  7.624   0.37 22.58 ? 24   VAL A CB  1 
ATOM   202  C CB  B VAL A 1 25  ? 9.981   -8.584  7.705   0.63 23.32 ? 24   VAL A CB  1 
ATOM   203  C CG1 A VAL A 1 25  ? 9.673   -10.056 7.567   0.37 22.04 ? 24   VAL A CG1 1 
ATOM   204  C CG1 B VAL A 1 25  ? 10.543  -7.682  6.490   0.63 21.22 ? 24   VAL A CG1 1 
ATOM   205  C CG2 A VAL A 1 25  ? 10.130  -7.991  6.179   0.37 20.27 ? 24   VAL A CG2 1 
ATOM   206  C CG2 B VAL A 1 25  ? 11.099  -8.803  8.827   0.63 20.29 ? 24   VAL A CG2 1 
ATOM   207  N N   . GLN A 1 26  ? 8.398   -8.572  10.569  1.00 22.71 ? 25   GLN A N   1 
ATOM   208  C CA  . GLN A 1 26  ? 7.763   -9.439  11.596  1.00 24.08 ? 25   GLN A CA  1 
ATOM   209  C C   . GLN A 1 26  ? 6.362   -9.026  11.930  1.00 21.32 ? 25   GLN A C   1 
ATOM   210  O O   . GLN A 1 26  ? 5.638   -9.824  12.511  1.00 21.87 ? 25   GLN A O   1 
ATOM   211  C CB  . GLN A 1 26  ? 8.484   -9.404  12.934  1.00 28.09 ? 25   GLN A CB  1 
ATOM   212  C CG  . GLN A 1 26  ? 9.225   -8.153  13.123  1.00 36.57 ? 25   GLN A CG  1 
ATOM   213  C CD  . GLN A 1 26  ? 10.523  -8.290  12.377  1.00 40.62 ? 25   GLN A CD  1 
ATOM   214  O OE1 . GLN A 1 26  ? 11.047  -9.420  12.345  1.00 45.71 ? 25   GLN A OE1 1 
ATOM   215  N NE2 . GLN A 1 26  ? 11.056  -7.216  11.796  1.00 40.13 ? 25   GLN A NE2 1 
ATOM   216  N N   . LYS A 1 27  ? 5.945   -7.822  11.542  1.00 18.60 ? 26   LYS A N   1 
ATOM   217  C CA  . LYS A 1 27  ? 4.603   -7.354  11.880  1.00 17.28 ? 26   LYS A CA  1 
ATOM   218  C C   . LYS A 1 27  ? 3.514   -7.626  10.845  1.00 16.88 ? 26   LYS A C   1 
ATOM   219  O O   . LYS A 1 27  ? 2.360   -7.146  11.005  1.00 16.21 ? 26   LYS A O   1 
ATOM   220  C CB  . LYS A 1 27  ? 4.677   -5.790  12.108  1.00 18.86 ? 26   LYS A CB  1 
ATOM   221  C CG  . LYS A 1 27  ? 5.650   -5.329  13.279  1.00 20.88 ? 26   LYS A CG  1 
ATOM   222  C CD  . LYS A 1 27  ? 5.621   -3.695  13.262  1.00 23.93 ? 26   LYS A CD  1 
ATOM   223  C CE  . LYS A 1 27  ? 6.790   -3.181  13.854  1.00 25.70 ? 26   LYS A CE  1 
ATOM   224  N NZ  . LYS A 1 27  ? 6.766   -1.780  14.032  1.00 27.65 ? 26   LYS A NZ  1 
ATOM   225  N N   . CYS A 1 28  ? 3.865   -8.300  9.717   1.00 17.18 ? 27   CYS A N   1 
ATOM   226  C CA  . CYS A 1 28  ? 2.830   -8.543  8.722   1.00 16.45 ? 27   CYS A CA  1 
ATOM   227  C C   . CYS A 1 28  ? 1.496   -9.084  9.274   1.00 15.15 ? 27   CYS A C   1 
ATOM   228  O O   . CYS A 1 28  ? 0.463   -8.555  8.935   1.00 15.14 ? 27   CYS A O   1 
ATOM   229  C CB  . CYS A 1 28  ? 3.293   -9.540  7.598   1.00 17.20 ? 27   CYS A CB  1 
ATOM   230  S SG  . CYS A 1 28  ? 4.475   -8.719  6.446   1.00 19.37 ? 27   CYS A SG  1 
ATOM   231  N N   . ASP A 1 29  ? 1.520   -10.168 10.054  1.00 14.67 ? 28   ASP A N   1 
ATOM   232  C CA  . ASP A 1 29  ? 0.252   -10.727 10.487  1.00 15.84 ? 28   ASP A CA  1 
ATOM   233  C C   . ASP A 1 29  ? -0.598  -9.713  11.281  1.00 16.05 ? 28   ASP A C   1 
ATOM   234  O O   . ASP A 1 29  ? -1.787  -9.548  10.965  1.00 15.91 ? 28   ASP A O   1 
ATOM   235  C CB  . ASP A 1 29  ? 0.435   -11.947 11.378  1.00 18.00 ? 28   ASP A CB  1 
ATOM   236  C CG  . ASP A 1 29  ? 0.931   -13.238 10.566  1.00 23.04 ? 28   ASP A CG  1 
ATOM   237  O OD1 . ASP A 1 29  ? 1.071   -13.154 9.288   1.00 23.27 ? 28   ASP A OD1 1 
ATOM   238  O OD2 . ASP A 1 29  ? 1.184   -14.277 11.237  1.00 19.60 ? 28   ASP A OD2 1 
ATOM   239  N N   . ARG A 1 30  ? 0.023   -9.057  12.270  1.00 16.27 ? 29   ARG A N   1 
ATOM   240  C CA  . ARG A 1 30  ? -0.796  -8.128  13.096  1.00 17.15 ? 29   ARG A CA  1 
ATOM   241  C C   . ARG A 1 30  ? -1.227  -6.889  12.292  1.00 15.82 ? 29   ARG A C   1 
ATOM   242  O O   . ARG A 1 30  ? -2.338  -6.389  12.490  1.00 16.95 ? 29   ARG A O   1 
ATOM   243  C CB  A ARG A 1 30  ? -0.054  -7.727  14.417  0.50 18.26 ? 29   ARG A CB  1 
ATOM   244  C CB  B ARG A 1 30  ? 0.002   -7.726  14.365  0.50 18.27 ? 29   ARG A CB  1 
ATOM   245  C CG  A ARG A 1 30  ? 0.923   -6.486  14.392  0.50 20.26 ? 29   ARG A CG  1 
ATOM   246  C CG  B ARG A 1 30  ? 1.460   -7.284  14.126  0.50 19.66 ? 29   ARG A CG  1 
ATOM   247  C CD  A ARG A 1 30  ? 1.565   -6.120  15.726  0.50 20.75 ? 29   ARG A CD  1 
ATOM   248  C CD  B ARG A 1 30  ? 2.237   -7.069  15.432  0.50 21.36 ? 29   ARG A CD  1 
ATOM   249  N NE  A ARG A 1 30  ? 2.655   -7.017  16.015  0.50 25.71 ? 29   ARG A NE  1 
ATOM   250  N NE  B ARG A 1 30  ? 2.530   -5.641  15.719  0.50 20.25 ? 29   ARG A NE  1 
ATOM   251  C CZ  A ARG A 1 30  ? 3.823   -6.805  16.603  0.50 23.24 ? 29   ARG A CZ  1 
ATOM   252  C CZ  B ARG A 1 30  ? 3.649   -5.143  16.308  0.50 24.69 ? 29   ARG A CZ  1 
ATOM   253  N NH1 A ARG A 1 30  ? 4.263   -5.626  17.072  0.50 25.15 ? 29   ARG A NH1 1 
ATOM   254  N NH1 B ARG A 1 30  ? 4.627   -5.963  16.697  0.50 22.73 ? 29   ARG A NH1 1 
ATOM   255  N NH2 A ARG A 1 30  ? 4.568   -7.863  16.718  0.50 24.71 ? 29   ARG A NH2 1 
ATOM   256  N NH2 B ARG A 1 30  ? 3.760   -3.837  16.485  0.50 28.68 ? 29   ARG A NH2 1 
ATOM   257  N N   . ALA A 1 31  ? -0.379  -6.385  11.373  1.00 15.87 ? 30   ALA A N   1 
ATOM   258  C CA  . ALA A 1 31  ? -0.738  -5.237  10.554  1.00 15.55 ? 30   ALA A CA  1 
ATOM   259  C C   . ALA A 1 31  ? -1.923  -5.622  9.657   1.00 14.21 ? 30   ALA A C   1 
ATOM   260  O O   . ALA A 1 31  ? -2.883  -4.870  9.553   1.00 16.37 ? 30   ALA A O   1 
ATOM   261  C CB  . ALA A 1 31  ? 0.445   -4.761  9.719   1.00 13.64 ? 30   ALA A CB  1 
ATOM   262  N N   . MET A 1 32  ? -1.855  -6.791  8.997   1.00 15.67 ? 31   MET A N   1 
ATOM   263  C CA  . MET A 1 32  ? -2.962  -7.182  8.080   1.00 14.96 ? 31   MET A CA  1 
ATOM   264  C C   . MET A 1 32  ? -4.277  -7.345  8.883   1.00 16.05 ? 31   MET A C   1 
ATOM   265  O O   . MET A 1 32  ? -5.371  -7.045  8.445   1.00 15.97 ? 31   MET A O   1 
ATOM   266  C CB  . MET A 1 32  ? -2.614  -8.526  7.363   1.00 15.52 ? 31   MET A CB  1 
ATOM   267  C CG  . MET A 1 32  ? -1.393  -8.399  6.372   1.00 16.61 ? 31   MET A CG  1 
ATOM   268  S SD  . MET A 1 32  ? -1.724  -7.128  4.991   1.00 17.01 ? 31   MET A SD  1 
ATOM   269  C CE  . MET A 1 32  ? -2.855  -8.197  3.961   1.00 16.78 ? 31   MET A CE  1 
ATOM   270  N N   . SER A 1 33  ? -4.106  -7.854  10.072  1.00 16.50 ? 32   SER A N   1 
ATOM   271  C CA  . SER A 1 33  ? -5.261  -8.086  10.928  1.00 17.83 ? 32   SER A CA  1 
ATOM   272  C C   . SER A 1 33  ? -5.850  -6.758  11.508  1.00 16.57 ? 32   SER A C   1 
ATOM   273  O O   . SER A 1 33  ? -7.005  -6.468  11.294  1.00 18.30 ? 32   SER A O   1 
ATOM   274  C CB  . SER A 1 33  ? -4.808  -9.025  12.061  1.00 19.26 ? 32   SER A CB  1 
ATOM   275  O OG  . SER A 1 33  ? -5.849  -9.076  13.002  1.00 21.61 ? 32   SER A OG  1 
ATOM   276  N N   . ILE A 1 34  ? -5.033  -5.968  12.188  1.00 17.52 ? 33   ILE A N   1 
ATOM   277  C CA  . ILE A 1 34  ? -5.597  -4.775  12.868  1.00 16.84 ? 33   ILE A CA  1 
ATOM   278  C C   . ILE A 1 34  ? -6.079  -3.720  11.820  1.00 19.56 ? 33   ILE A C   1 
ATOM   279  O O   . ILE A 1 34  ? -7.059  -3.043  12.064  1.00 17.34 ? 33   ILE A O   1 
ATOM   280  C CB  . ILE A 1 34  ? -4.534  -4.138  13.825  1.00 16.14 ? 33   ILE A CB  1 
ATOM   281  C CG1 . ILE A 1 34  ? -5.261  -3.151  14.787  1.00 16.97 ? 33   ILE A CG1 1 
ATOM   282  C CG2 . ILE A 1 34  ? -3.407  -3.359  13.076  1.00 15.73 ? 33   ILE A CG2 1 
ATOM   283  C CD1 . ILE A 1 34  ? -4.156  -2.462  15.769  1.00 18.52 ? 33   ILE A CD1 1 
ATOM   284  N N   . LYS A 1 35  ? -5.466  -3.694  10.615  1.00 17.35 ? 34   LYS A N   1 
ATOM   285  C CA  . LYS A 1 35  ? -5.897  -2.661  9.593   1.00 18.22 ? 34   LYS A CA  1 
ATOM   286  C C   . LYS A 1 35  ? -7.019  -3.276  8.795   1.00 18.13 ? 34   LYS A C   1 
ATOM   287  O O   . LYS A 1 35  ? -7.596  -2.659  7.848   1.00 19.27 ? 34   LYS A O   1 
ATOM   288  C CB  A LYS A 1 35  ? -4.690  -2.273  8.678   0.86 18.21 ? 34   LYS A CB  1 
ATOM   289  C CB  B LYS A 1 35  ? -4.693  -2.299  8.697   0.14 17.77 ? 34   LYS A CB  1 
ATOM   290  C CG  A LYS A 1 35  ? -3.472  -1.514  9.442   0.86 18.65 ? 34   LYS A CG  1 
ATOM   291  C CG  B LYS A 1 35  ? -3.467  -1.757  9.491   0.14 17.65 ? 34   LYS A CG  1 
ATOM   292  C CD  A LYS A 1 35  ? -2.208  -1.590  8.539   0.86 19.25 ? 34   LYS A CD  1 
ATOM   293  C CD  B LYS A 1 35  ? -2.164  -1.744  8.666   0.14 17.30 ? 34   LYS A CD  1 
ATOM   294  C CE  A LYS A 1 35  ? -0.904  -1.146  9.313   0.86 21.44 ? 34   LYS A CE  1 
ATOM   295  C CE  B LYS A 1 35  ? -0.924  -1.500  9.564   0.14 17.14 ? 34   LYS A CE  1 
ATOM   296  N NZ  A LYS A 1 35  ? -0.933  0.323   9.470   0.86 19.14 ? 34   LYS A NZ  1 
ATOM   297  N NZ  B LYS A 1 35  ? 0.391   -1.492  8.842   0.14 16.10 ? 34   LYS A NZ  1 
ATOM   298  N N   . LYS A 1 36  ? -7.400  -4.489  9.163   1.00 18.25 ? 35   LYS A N   1 
ATOM   299  C CA  . LYS A 1 36  ? -8.485  -5.128  8.463   1.00 20.19 ? 35   LYS A CA  1 
ATOM   300  C C   . LYS A 1 36  ? -8.323  -5.191  6.925   1.00 23.05 ? 35   LYS A C   1 
ATOM   301  O O   . LYS A 1 36  ? -9.276  -4.914  6.128   1.00 23.33 ? 35   LYS A O   1 
ATOM   302  C CB  . LYS A 1 36  ? -9.816  -4.419  8.797   1.00 24.91 ? 35   LYS A CB  1 
ATOM   303  C CG  . LYS A 1 36  ? -10.104 -4.435  10.303  1.00 27.87 ? 35   LYS A CG  1 
ATOM   304  C CD  . LYS A 1 36  ? -11.652 -4.081  10.527  1.00 33.01 ? 35   LYS A CD  1 
ATOM   305  C CE  . LYS A 1 36  ? -12.217 -4.637  11.840  1.00 33.48 ? 35   LYS A CE  1 
ATOM   306  N NZ  . LYS A 1 36  ? -11.342 -4.320  12.986  1.00 39.29 ? 35   LYS A NZ  1 
ATOM   307  N N   . ILE A 1 37  ? -7.156  -5.635  6.487   1.00 20.52 ? 36   ILE A N   1 
ATOM   308  C CA  . ILE A 1 37  ? -6.916  -5.634  5.052   1.00 21.93 ? 36   ILE A CA  1 
ATOM   309  C C   . ILE A 1 37  ? -7.274  -7.004  4.520   1.00 24.74 ? 36   ILE A C   1 
ATOM   310  O O   . ILE A 1 37  ? -6.541  -7.965  4.790   1.00 26.91 ? 36   ILE A O   1 
ATOM   311  C CB  . ILE A 1 37  ? -5.464  -5.366  4.780   1.00 19.90 ? 36   ILE A CB  1 
ATOM   312  C CG1 . ILE A 1 37  ? -5.181  -3.970  5.391   1.00 17.75 ? 36   ILE A CG1 1 
ATOM   313  C CG2 . ILE A 1 37  ? -5.126  -5.391  3.203   1.00 19.47 ? 36   ILE A CG2 1 
ATOM   314  C CD1 . ILE A 1 37  ? -3.683  -3.685  5.404   1.00 19.86 ? 36   ILE A CD1 1 
ATOM   315  N N   . THR A 1 38  ? -8.390  -7.087  3.797   1.00 26.34 ? 37   THR A N   1 
ATOM   316  C CA  . THR A 1 38  ? -8.839  -8.394  3.232   1.00 29.08 ? 37   THR A CA  1 
ATOM   317  C C   . THR A 1 38  ? -8.875  -8.338  1.722   1.00 29.93 ? 37   THR A C   1 
ATOM   318  O O   . THR A 1 38  ? -8.596  -7.315  1.152   1.00 28.54 ? 37   THR A O   1 
ATOM   319  C CB  . THR A 1 38  ? -10.262 -8.721  3.726   1.00 31.07 ? 37   THR A CB  1 
ATOM   320  O OG1 . THR A 1 38  ? -11.137 -7.690  3.326   1.00 33.62 ? 37   THR A OG1 1 
ATOM   321  C CG2 . THR A 1 38  ? -10.315 -8.799  5.200   1.00 30.84 ? 37   THR A CG2 1 
ATOM   322  N N   . ALA A 1 39  ? -9.229  -9.466  1.106   1.00 32.94 ? 38   ALA A N   1 
ATOM   323  C CA  . ALA A 1 39  ? -9.350  -9.503  -0.332  1.00 37.77 ? 38   ALA A CA  1 
ATOM   324  C C   . ALA A 1 39  ? -10.728 -8.900  -0.624  1.00 41.80 ? 38   ALA A C   1 
ATOM   325  O O   . ALA A 1 39  ? -11.742 -9.510  -0.298  1.00 42.37 ? 38   ALA A O   1 
ATOM   326  C CB  . ALA A 1 39  ? -9.252  -10.908 -0.888  1.00 34.17 ? 38   ALA A CB  1 
ATOM   327  N N   . GLY A 1 40  ? -10.766 -7.711  -1.207  1.00 46.59 ? 39   GLY A N   1 
ATOM   328  C CA  . GLY A 1 40  ? -11.990 -6.969  -1.550  1.00 50.98 ? 39   GLY A CA  1 
ATOM   329  C C   . GLY A 1 40  ? -13.362 -7.401  -0.960  1.00 54.59 ? 39   GLY A C   1 
ATOM   330  O O   . GLY A 1 40  ? -14.004 -8.306  -1.470  1.00 55.56 ? 39   GLY A O   1 
ATOM   331  N N   . THR A 1 41  ? -13.788 -6.745  0.102   1.00 56.92 ? 40   THR A N   1 
ATOM   332  C CA  . THR A 1 41  ? -15.115 -7.059  0.627   1.00 58.13 ? 40   THR A CA  1 
ATOM   333  C C   . THR A 1 41  ? -15.206 -8.503  1.077   1.00 58.37 ? 40   THR A C   1 
ATOM   334  O O   . THR A 1 41  ? -14.703 -9.406  0.413   1.00 58.76 ? 40   THR A O   1 
ATOM   335  C CB  . THR A 1 41  ? -16.173 -6.803  -0.460  1.00 59.07 ? 40   THR A CB  1 
ATOM   336  O OG1 . THR A 1 41  ? -16.690 -5.474  -0.318  1.00 59.70 ? 40   THR A OG1 1 
ATOM   337  C CG2 . THR A 1 41  ? -17.304 -7.818  -0.330  1.00 59.21 ? 40   THR A CG2 1 
ATOM   338  N N   . GLY A 1 42  ? -15.837 -8.743  2.186   1.00 57.40 ? 41   GLY A N   1 
ATOM   339  C CA  . GLY A 1 42  ? -15.859 -10.087 2.673   1.00 55.89 ? 41   GLY A CA  1 
ATOM   340  C C   . GLY A 1 42  ? -14.560 -10.325 3.429   1.00 53.78 ? 41   GLY A C   1 
ATOM   341  O O   . GLY A 1 42  ? -13.765 -9.411  3.631   1.00 54.55 ? 41   GLY A O   1 
ATOM   342  N N   . ASN A 1 43  ? -14.309 -11.582 3.850   1.00 51.16 ? 42   ASN A N   1 
ATOM   343  C CA  . ASN A 1 43  ? -13.173 -11.907 4.707   1.00 47.94 ? 42   ASN A CA  1 
ATOM   344  C C   . ASN A 1 43  ? -12.070 -12.813 4.140   1.00 44.81 ? 42   ASN A C   1 
ATOM   345  O O   . ASN A 1 43  ? -11.347 -13.443 4.914   1.00 43.45 ? 42   ASN A O   1 
ATOM   346  C CB  . ASN A 1 43  ? -13.678 -12.611 5.980   1.00 50.04 ? 42   ASN A CB  1 
ATOM   347  C CG  . ASN A 1 43  ? -14.437 -11.659 6.857   1.00 52.13 ? 42   ASN A CG  1 
ATOM   348  O OD1 . ASN A 1 43  ? -13.869 -11.027 7.749   1.00 52.90 ? 42   ASN A OD1 1 
ATOM   349  N ND2 . ASN A 1 43  ? -15.742 -11.538 6.611   1.00 54.39 ? 42   ASN A ND2 1 
ATOM   350  N N   . ASP A 1 44  ? -11.891 -12.923 2.831   1.00 40.88 ? 43   ASP A N   1 
ATOM   351  C CA  . ASP A 1 44  ? -10.793 -13.768 2.397   1.00 38.51 ? 43   ASP A CA  1 
ATOM   352  C C   . ASP A 1 44  ? -9.450  -13.033 2.727   1.00 35.39 ? 43   ASP A C   1 
ATOM   353  O O   . ASP A 1 44  ? -9.401  -11.802 2.859   1.00 34.24 ? 43   ASP A O   1 
ATOM   354  C CB  . ASP A 1 44  ? -10.861 -14.055 0.889   1.00 42.29 ? 43   ASP A CB  1 
ATOM   355  C CG  . ASP A 1 44  ? -12.271 -14.551 0.433   1.00 44.83 ? 43   ASP A CG  1 
ATOM   356  O OD1 . ASP A 1 44  ? -12.857 -15.400 1.170   1.00 45.97 ? 43   ASP A OD1 1 
ATOM   357  O OD2 . ASP A 1 44  ? -12.762 -14.086 -0.649  1.00 47.36 ? 43   ASP A OD2 1 
ATOM   358  N N   . CYS A 1 45  ? -8.416  -13.836 2.910   1.00 32.09 ? 44   CYS A N   1 
ATOM   359  C CA  . CYS A 1 45  ? -7.071  -13.367 3.211   1.00 29.24 ? 44   CYS A CA  1 
ATOM   360  C C   . CYS A 1 45  ? -6.563  -12.779 1.929   1.00 27.99 ? 44   CYS A C   1 
ATOM   361  O O   . CYS A 1 45  ? -6.636  -13.407 0.873   1.00 26.49 ? 44   CYS A O   1 
ATOM   362  C CB  . CYS A 1 45  ? -6.164  -14.529 3.565   1.00 29.47 ? 44   CYS A CB  1 
ATOM   363  S SG  . CYS A 1 45  ? -6.624  -15.400 5.117   1.00 30.26 ? 44   CYS A SG  1 
ATOM   364  N N   . LYS A 1 46  ? -6.099  -11.540 2.009   1.00 25.46 ? 45   LYS A N   1 
ATOM   365  C CA  . LYS A 1 46  ? -5.535  -10.896 0.838   1.00 23.47 ? 45   LYS A CA  1 
ATOM   366  C C   . LYS A 1 46  ? -4.156  -11.590 0.587   1.00 23.41 ? 45   LYS A C   1 
ATOM   367  O O   . LYS A 1 46  ? -3.331  -11.876 1.493   1.00 19.43 ? 45   LYS A O   1 
ATOM   368  C CB  . LYS A 1 46  ? -5.430  -9.394  1.155   1.00 22.09 ? 45   LYS A CB  1 
ATOM   369  C CG  . LYS A 1 46  ? -4.921  -8.645  -0.036  1.00 21.52 ? 45   LYS A CG  1 
ATOM   370  C CD  . LYS A 1 46  ? -5.026  -7.113  0.154   1.00 19.27 ? 45   LYS A CD  1 
ATOM   371  C CE  . LYS A 1 46  ? -4.362  -6.358  -1.026  1.00 20.02 ? 45   LYS A CE  1 
ATOM   372  N NZ  . LYS A 1 46  ? -4.361  -4.873  -0.804  1.00 19.73 ? 45   LYS A NZ  1 
ATOM   373  N N   . GLU A 1 47  ? -3.912  -11.914 -0.680  1.00 23.65 ? 46   GLU A N   1 
ATOM   374  C CA  . GLU A 1 47  ? -2.683  -12.606 -1.057  1.00 22.56 ? 46   GLU A CA  1 
ATOM   375  C C   . GLU A 1 47  ? -1.385  -11.794 -0.847  1.00 19.85 ? 46   GLU A C   1 
ATOM   376  O O   . GLU A 1 47  ? -0.391  -12.340 -0.390  1.00 19.56 ? 46   GLU A O   1 
ATOM   377  C CB  . GLU A 1 47  ? -2.777  -12.983 -2.574  1.00 24.63 ? 46   GLU A CB  1 
ATOM   378  C CG  . GLU A 1 47  ? -3.788  -13.953 -2.879  1.00 28.86 ? 46   GLU A CG  1 
ATOM   379  C CD  . GLU A 1 47  ? -3.352  -15.391 -2.528  1.00 34.56 ? 46   GLU A CD  1 
ATOM   380  O OE1 . GLU A 1 47  ? -4.221  -16.274 -2.601  1.00 39.10 ? 46   GLU A OE1 1 
ATOM   381  O OE2 . GLU A 1 47  ? -2.175  -15.653 -2.212  1.00 35.68 ? 46   GLU A OE2 1 
ATOM   382  N N   . VAL A 1 48  ? -1.394  -10.523 -1.231  1.00 18.63 ? 47   VAL A N   1 
ATOM   383  C CA  . VAL A 1 48  ? -0.102  -9.726  -1.197  1.00 17.69 ? 47   VAL A CA  1 
ATOM   384  C C   . VAL A 1 48  ? -0.451  -8.303  -0.834  1.00 15.62 ? 47   VAL A C   1 
ATOM   385  O O   . VAL A 1 48  ? -1.420  -7.717  -1.359  1.00 16.80 ? 47   VAL A O   1 
ATOM   386  C CB  A VAL A 1 48  ? 0.769   -9.895  -2.458  0.50 17.32 ? 47   VAL A CB  1 
ATOM   387  C CB  B VAL A 1 48  ? 0.631   -9.934  -2.385  0.50 18.46 ? 47   VAL A CB  1 
ATOM   388  C CG1 A VAL A 1 48  ? 1.966   -8.961  -2.405  0.50 14.24 ? 47   VAL A CG1 1 
ATOM   389  C CG1 B VAL A 1 48  ? 0.263   -11.252 -3.046  0.50 19.68 ? 47   VAL A CG1 1 
ATOM   390  C CG2 A VAL A 1 48  ? 1.236   -11.344 -2.611  0.50 17.83 ? 47   VAL A CG2 1 
ATOM   391  C CG2 B VAL A 1 48  ? 0.377   -8.783  -3.354  0.50 18.61 ? 47   VAL A CG2 1 
ATOM   392  N N   . ASN A 1 49  ? 0.312   -7.676  0.098   1.00 15.75 ? 48   ASN A N   1 
ATOM   393  C CA  . ASN A 1 49  ? -0.015  -6.289  0.345   1.00 14.62 ? 48   ASN A CA  1 
ATOM   394  C C   . ASN A 1 49  ? 1.288   -5.612  0.797   1.00 16.52 ? 48   ASN A C   1 
ATOM   395  O O   . ASN A 1 49  ? 1.934   -6.017  1.785   1.00 14.59 ? 48   ASN A O   1 
ATOM   396  C CB  . ASN A 1 49  ? -1.052  -6.180  1.487   1.00 15.53 ? 48   ASN A CB  1 
ATOM   397  C CG  . ASN A 1 49  ? -1.492  -4.745  1.719   1.00 16.15 ? 48   ASN A CG  1 
ATOM   398  O OD1 . ASN A 1 49  ? -2.404  -4.259  1.042   1.00 16.44 ? 48   ASN A OD1 1 
ATOM   399  N ND2 . ASN A 1 49  ? -0.793  -4.025  2.647   1.00 16.37 ? 48   ASN A ND2 1 
ATOM   400  N N   . THR A 1 50  ? 1.645   -4.569  0.058   1.00 14.17 ? 49   THR A N   1 
ATOM   401  C CA  . THR A 1 50  ? 2.826   -3.864  0.441   1.00 14.62 ? 49   THR A CA  1 
ATOM   402  C C   . THR A 1 50  ? 2.560   -2.597  1.254   1.00 14.03 ? 49   THR A C   1 
ATOM   403  O O   . THR A 1 50  ? 1.745   -1.736  0.888   1.00 14.65 ? 49   THR A O   1 
ATOM   404  C CB  . THR A 1 50  ? 3.580   -3.456  -0.919  1.00 16.91 ? 49   THR A CB  1 
ATOM   405  O OG1 . THR A 1 50  ? 3.843   -4.674  -1.579  1.00 15.22 ? 49   THR A OG1 1 
ATOM   406  C CG2 . THR A 1 50  ? 4.898   -2.562  -0.625  1.00 16.25 ? 49   THR A CG2 1 
ATOM   407  N N   . PHE A 1 51  ? 3.407   -2.400  2.276   1.00 12.50 ? 50   PHE A N   1 
ATOM   408  C CA  . PHE A 1 51  ? 3.410   -1.171  3.054   1.00 13.21 ? 50   PHE A CA  1 
ATOM   409  C C   . PHE A 1 51  ? 4.654   -0.333  2.695   1.00 13.40 ? 50   PHE A C   1 
ATOM   410  O O   . PHE A 1 51  ? 5.786   -0.824  2.789   1.00 13.33 ? 50   PHE A O   1 
ATOM   411  C CB  . PHE A 1 51  ? 3.490   -1.515  4.569   1.00 14.67 ? 50   PHE A CB  1 
ATOM   412  C CG  . PHE A 1 51  ? 2.259   -2.251  5.027   1.00 13.02 ? 50   PHE A CG  1 
ATOM   413  C CD1 . PHE A 1 51  ? 1.097   -1.487  5.380   1.00 11.19 ? 50   PHE A CD1 1 
ATOM   414  C CD2 . PHE A 1 51  ? 2.236   -3.666  5.076   1.00 13.83 ? 50   PHE A CD2 1 
ATOM   415  C CE1 . PHE A 1 51  ? -0.103  -2.194  5.788   1.00 13.47 ? 50   PHE A CE1 1 
ATOM   416  C CE2 . PHE A 1 51  ? 1.064   -4.336  5.505   1.00 15.76 ? 50   PHE A CE2 1 
ATOM   417  C CZ  . PHE A 1 51  ? -0.084  -3.600  5.850   1.00 13.14 ? 50   PHE A CZ  1 
ATOM   418  N N   . ILE A 1 52  ? 4.418   0.888   2.270   1.00 13.67 ? 51   ILE A N   1 
ATOM   419  C CA  . ILE A 1 52  ? 5.513   1.775   1.908   1.00 14.46 ? 51   ILE A CA  1 
ATOM   420  C C   . ILE A 1 52  ? 5.949   2.396   3.260   1.00 14.35 ? 51   ILE A C   1 
ATOM   421  O O   . ILE A 1 52  ? 5.134   3.012   4.008   1.00 14.55 ? 51   ILE A O   1 
ATOM   422  C CB  . ILE A 1 52  ? 5.025   2.907   1.008   1.00 13.93 ? 51   ILE A CB  1 
ATOM   423  C CG1 . ILE A 1 52  ? 4.395   2.287   -0.299  1.00 14.42 ? 51   ILE A CG1 1 
ATOM   424  C CG2 . ILE A 1 52  ? 6.249   3.909   0.705   1.00 12.30 ? 51   ILE A CG2 1 
ATOM   425  C CD1 . ILE A 1 52  ? 3.499   3.423   -1.027  1.00 16.22 ? 51   ILE A CD1 1 
ATOM   426  N N   . GLN A 1 53  ? 7.260   2.313   3.536   1.00 14.77 ? 52   GLN A N   1 
ATOM   427  C CA  . GLN A 1 53  ? 7.800   2.891   4.823   1.00 15.36 ? 52   GLN A CA  1 
ATOM   428  C C   . GLN A 1 53  ? 8.110   4.332   4.719   1.00 14.87 ? 52   GLN A C   1 
ATOM   429  O O   . GLN A 1 53  ? 9.260   4.744   4.723   1.00 16.17 ? 52   GLN A O   1 
ATOM   430  C CB  . GLN A 1 53  ? 9.031   2.039   5.257   1.00 16.20 ? 52   GLN A CB  1 
ATOM   431  C CG  . GLN A 1 53  ? 8.626   0.630   5.618   1.00 15.45 ? 52   GLN A CG  1 
ATOM   432  C CD  . GLN A 1 53  ? 9.906   -0.194  5.817   1.00 19.03 ? 52   GLN A CD  1 
ATOM   433  O OE1 . GLN A 1 53  ? 10.684  -0.316  4.819   1.00 19.67 ? 52   GLN A OE1 1 
ATOM   434  N NE2 . GLN A 1 53  ? 10.129  -0.811  7.060   1.00 16.14 ? 52   GLN A NE2 1 
ATOM   435  N N   . ALA A 1 54  ? 7.077   5.142   4.598   1.00 13.58 ? 53   ALA A N   1 
ATOM   436  C CA  . ALA A 1 54  ? 7.298   6.568   4.470   1.00 15.82 ? 53   ALA A CA  1 
ATOM   437  C C   . ALA A 1 54  ? 6.092   7.318   4.935   1.00 15.94 ? 53   ALA A C   1 
ATOM   438  O O   . ALA A 1 54  ? 5.075   6.717   5.240   1.00 15.75 ? 53   ALA A O   1 
ATOM   439  C CB  . ALA A 1 54  ? 7.620   6.930   3.029   1.00 15.69 ? 53   ALA A CB  1 
ATOM   440  N N   . THR A 1 55  ? 6.196   8.653   5.012   1.00 15.84 ? 54   THR A N   1 
ATOM   441  C CA  . THR A 1 55  ? 5.059   9.474   5.431   1.00 17.68 ? 54   THR A CA  1 
ATOM   442  C C   . THR A 1 55  ? 4.096   9.662   4.288   1.00 18.28 ? 54   THR A C   1 
ATOM   443  O O   . THR A 1 55  ? 4.459   9.588   3.102   1.00 17.46 ? 54   THR A O   1 
ATOM   444  C CB  . THR A 1 55  ? 5.465   10.912  5.862   1.00 18.53 ? 54   THR A CB  1 
ATOM   445  O OG1 . THR A 1 55  ? 6.014   11.592  4.705   1.00 21.56 ? 54   THR A OG1 1 
ATOM   446  C CG2 . THR A 1 55  ? 6.539   10.901  6.958   1.00 19.37 ? 54   THR A CG2 1 
ATOM   447  N N   . LYS A 1 56  ? 2.845   9.934   4.615   1.00 19.18 ? 55   LYS A N   1 
ATOM   448  C CA  . LYS A 1 56  ? 1.895   10.155  3.532   1.00 20.14 ? 55   LYS A CA  1 
ATOM   449  C C   . LYS A 1 56  ? 2.268   11.353  2.702   1.00 20.98 ? 55   LYS A C   1 
ATOM   450  O O   . LYS A 1 56  ? 2.095   11.328  1.473   1.00 19.82 ? 55   LYS A O   1 
ATOM   451  C CB  . LYS A 1 56  ? 0.471   10.359  4.055   1.00 22.41 ? 55   LYS A CB  1 
ATOM   452  C CG  . LYS A 1 56  ? 0.383   11.478  5.087   1.00 26.02 ? 55   LYS A CG  1 
ATOM   453  C CD  . LYS A 1 56  ? -1.069  11.589  5.554   1.00 27.92 ? 55   LYS A CD  1 
ATOM   454  C CE  . LYS A 1 56  ? -1.280  12.798  6.505   1.00 33.06 ? 55   LYS A CE  1 
ATOM   455  N NZ  . LYS A 1 56  ? -2.696  12.633  7.045   1.00 36.75 ? 55   LYS A NZ  1 
ATOM   456  N N   . ASP A 1 57  ? 2.778   12.414  3.316   1.00 20.28 ? 56   ASP A N   1 
ATOM   457  C CA  . ASP A 1 57  ? 3.137   13.574  2.489   1.00 22.24 ? 56   ASP A CA  1 
ATOM   458  C C   . ASP A 1 57  ? 4.247   13.237  1.439   1.00 20.21 ? 56   ASP A C   1 
ATOM   459  O O   . ASP A 1 57  ? 4.182   13.710  0.289   1.00 19.59 ? 56   ASP A O   1 
ATOM   460  C CB  . ASP A 1 57  ? 3.648   14.761  3.344   1.00 27.45 ? 56   ASP A CB  1 
ATOM   461  C CG  . ASP A 1 57  ? 2.531   15.413  4.185   1.00 33.02 ? 56   ASP A CG  1 
ATOM   462  O OD1 . ASP A 1 57  ? 1.367   15.011  4.060   1.00 34.21 ? 56   ASP A OD1 1 
ATOM   463  O OD2 . ASP A 1 57  ? 2.837   16.335  4.980   1.00 38.31 ? 56   ASP A OD2 1 
ATOM   464  N N   . ARG A 1 58  ? 5.259   12.491  1.842   1.00 16.33 ? 57   ARG A N   1 
ATOM   465  C CA  . ARG A 1 58  ? 6.330   12.213  0.911   1.00 17.70 ? 57   ARG A CA  1 
ATOM   466  C C   . ARG A 1 58  ? 5.821   11.288  -0.199  1.00 19.25 ? 57   ARG A C   1 
ATOM   467  O O   . ARG A 1 58  ? 6.184   11.432  -1.352  1.00 19.83 ? 57   ARG A O   1 
ATOM   468  C CB  . ARG A 1 58  ? 7.526   11.531  1.614   1.00 17.33 ? 57   ARG A CB  1 
ATOM   469  C CG  . ARG A 1 58  ? 8.785   11.675  0.652   1.00 19.95 ? 57   ARG A CG  1 
ATOM   470  C CD  . ARG A 1 58  ? 10.151  11.449  1.334   1.00 22.44 ? 57   ARG A CD  1 
ATOM   471  N NE  . ARG A 1 58  ? 10.277  10.016  1.621   1.00 19.62 ? 57   ARG A NE  1 
ATOM   472  C CZ  . ARG A 1 58  ? 10.880  9.165   0.783   1.00 19.93 ? 57   ARG A CZ  1 
ATOM   473  N NH1 . ARG A 1 58  ? 11.417  9.562   -0.428  1.00 19.05 ? 57   ARG A NH1 1 
ATOM   474  N NH2 . ARG A 1 58  ? 11.004  7.907   1.150   1.00 18.75 ? 57   ARG A NH2 1 
ATOM   475  N N   . ILE A 1 59  ? 5.020   10.313  0.176   1.00 17.07 ? 58   ILE A N   1 
ATOM   476  C CA  . ILE A 1 59  ? 4.505   9.369   -0.843  1.00 16.65 ? 58   ILE A CA  1 
ATOM   477  C C   . ILE A 1 59  ? 3.614   10.184  -1.813  1.00 17.39 ? 58   ILE A C   1 
ATOM   478  O O   . ILE A 1 59  ? 3.648   9.919   -3.038  1.00 16.07 ? 58   ILE A O   1 
ATOM   479  C CB  . ILE A 1 59  ? 3.668   8.284   -0.168  1.00 17.73 ? 58   ILE A CB  1 
ATOM   480  C CG1 . ILE A 1 59  ? 4.613   7.375   0.659   1.00 17.85 ? 58   ILE A CG1 1 
ATOM   481  C CG2 . ILE A 1 59  ? 2.948   7.370   -1.193  1.00 15.92 ? 58   ILE A CG2 1 
ATOM   482  C CD1 . ILE A 1 59  ? 3.801   6.453   1.613   1.00 20.78 ? 58   ILE A CD1 1 
ATOM   483  N N   . THR A 1 60  ? 2.866   11.138  -1.283  1.00 16.21 ? 59   THR A N   1 
ATOM   484  C CA  . THR A 1 60  ? 1.963   11.936  -2.155  1.00 18.85 ? 59   THR A CA  1 
ATOM   485  C C   . THR A 1 60  ? 2.749   12.712  -3.245  1.00 21.22 ? 59   THR A C   1 
ATOM   486  O O   . THR A 1 60  ? 2.204   13.007  -4.328  1.00 21.67 ? 59   THR A O   1 
ATOM   487  C CB  . THR A 1 60  ? 1.066   12.817  -1.236  1.00 19.67 ? 59   THR A CB  1 
ATOM   488  O OG1 . THR A 1 60  ? 0.244   11.919  -0.481  1.00 20.38 ? 59   THR A OG1 1 
ATOM   489  C CG2 . THR A 1 60  ? 0.133   13.811  -2.049  1.00 19.39 ? 59   THR A CG2 1 
ATOM   490  N N   . THR A 1 61  ? 4.016   13.065  -2.968  1.00 19.71 ? 60   THR A N   1 
ATOM   491  C CA  . THR A 1 61  ? 4.844   13.750  -4.001  1.00 19.09 ? 60   THR A CA  1 
ATOM   492  C C   . THR A 1 61  ? 4.998   12.894  -5.268  1.00 18.86 ? 60   THR A C   1 
ATOM   493  O O   . THR A 1 61  ? 5.288   13.442  -6.321  1.00 18.04 ? 60   THR A O   1 
ATOM   494  C CB  . THR A 1 61  ? 6.326   14.109  -3.500  1.00 18.39 ? 60   THR A CB  1 
ATOM   495  O OG1 . THR A 1 61  ? 7.073   12.910  -3.235  1.00 19.25 ? 60   THR A OG1 1 
ATOM   496  C CG2 . THR A 1 61  ? 6.227   15.022  -2.232  1.00 20.65 ? 60   THR A CG2 1 
ATOM   497  N N   . VAL A 1 62  ? 4.824   11.573  -5.151  1.00 17.68 ? 61   VAL A N   1 
ATOM   498  C CA  . VAL A 1 62  ? 4.861   10.752  -6.382  1.00 18.53 ? 61   VAL A CA  1 
ATOM   499  C C   . VAL A 1 62  ? 3.698   11.163  -7.329  1.00 20.33 ? 61   VAL A C   1 
ATOM   500  O O   . VAL A 1 62  ? 3.816   11.059  -8.588  1.00 19.43 ? 61   VAL A O   1 
ATOM   501  C CB  . VAL A 1 62  ? 4.753   9.253   -6.052  1.00 17.51 ? 61   VAL A CB  1 
ATOM   502  C CG1 . VAL A 1 62  ? 4.783   8.363   -7.359  1.00 15.71 ? 61   VAL A CG1 1 
ATOM   503  C CG2 . VAL A 1 62  ? 6.028   8.896   -5.246  1.00 17.35 ? 61   VAL A CG2 1 
ATOM   504  N N   . CYS A 1 63  ? 2.615   11.644  -6.733  1.00 18.83 ? 62   CYS A N   1 
ATOM   505  C CA  . CYS A 1 63  ? 1.457   12.059  -7.531  1.00 22.81 ? 62   CYS A CA  1 
ATOM   506  C C   . CYS A 1 63  ? 1.637   13.540  -7.899  1.00 25.14 ? 62   CYS A C   1 
ATOM   507  O O   . CYS A 1 63  ? 0.712   14.162  -8.465  1.00 25.50 ? 62   CYS A O   1 
ATOM   508  C CB  . CYS A 1 63  ? 0.151   11.919  -6.722  1.00 20.86 ? 62   CYS A CB  1 
ATOM   509  S SG  . CYS A 1 63  ? -0.311  10.187  -6.501  1.00 21.18 ? 62   CYS A SG  1 
ATOM   510  N N   . GLY A 1 64  ? 2.775   14.111  -7.475  1.00 25.13 ? 63   GLY A N   1 
ATOM   511  C CA  . GLY A 1 64  ? 3.016   15.519  -7.746  1.00 26.15 ? 63   GLY A CA  1 
ATOM   512  C C   . GLY A 1 64  ? 4.341   15.642  -8.441  1.00 26.56 ? 63   GLY A C   1 
ATOM   513  O O   . GLY A 1 64  ? 4.699   14.897  -9.357  1.00 26.49 ? 63   GLY A O   1 
ATOM   514  N N   . ASP A 1 65  ? 5.132   16.534  -7.860  1.00 28.72 ? 64   ASP A N   1 
ATOM   515  C CA  . ASP A 1 65  ? 6.407   16.880  -8.391  1.00 30.53 ? 64   ASP A CA  1 
ATOM   516  C C   . ASP A 1 65  ? 7.457   15.838  -8.565  1.00 30.29 ? 64   ASP A C   1 
ATOM   517  O O   . ASP A 1 65  ? 8.299   15.989  -9.426  1.00 32.94 ? 64   ASP A O   1 
ATOM   518  C CB  . ASP A 1 65  ? 6.964   18.016  -7.506  1.00 34.25 ? 64   ASP A CB  1 
ATOM   519  C CG  . ASP A 1 65  ? 8.090   18.704  -8.150  1.00 37.96 ? 64   ASP A CG  1 
ATOM   520  O OD1 . ASP A 1 65  ? 7.812   19.308  -9.208  1.00 39.61 ? 64   ASP A OD1 1 
ATOM   521  O OD2 . ASP A 1 65  ? 9.233   18.620  -7.625  1.00 39.78 ? 64   ASP A OD2 1 
ATOM   522  N N   . ALA A 1 66  ? 7.467   14.792  -7.733  1.00 26.61 ? 65   ALA A N   1 
ATOM   523  C CA  . ALA A 1 66  ? 8.441   13.774  -7.759  1.00 26.06 ? 65   ALA A CA  1 
ATOM   524  C C   . ALA A 1 66  ? 8.097   12.461  -8.453  1.00 24.94 ? 65   ALA A C   1 
ATOM   525  O O   . ALA A 1 66  ? 8.721   11.415  -8.174  1.00 28.71 ? 65   ALA A O   1 
ATOM   526  C CB  . ALA A 1 66  ? 8.888   13.467  -6.344  1.00 23.75 ? 65   ALA A CB  1 
ATOM   527  N N   . GLY A 1 67  ? 7.053   12.457  -9.271  1.00 21.84 ? 66   GLY A N   1 
ATOM   528  C CA  . GLY A 1 67  ? 6.771   11.179  -9.914  1.00 19.20 ? 66   GLY A CA  1 
ATOM   529  C C   . GLY A 1 67  ? 6.857   11.362  -11.454 1.00 19.17 ? 66   GLY A C   1 
ATOM   530  O O   . GLY A 1 67  ? 6.897   12.529  -11.905 1.00 18.18 ? 66   GLY A O   1 
ATOM   531  N N   . THR A 1 68  ? 6.869   10.236  -12.169 1.00 19.03 ? 67   THR A N   1 
ATOM   532  C CA  . THR A 1 68  ? 6.883   10.266  -13.639 1.00 19.76 ? 67   THR A CA  1 
ATOM   533  C C   . THR A 1 68  ? 5.768   9.372   -14.134 1.00 19.45 ? 67   THR A C   1 
ATOM   534  O O   . THR A 1 68  ? 5.408   8.382   -13.525 1.00 20.64 ? 67   THR A O   1 
ATOM   535  C CB  . THR A 1 68  ? 8.227   9.858   -14.198 1.00 16.70 ? 67   THR A CB  1 
ATOM   536  O OG1 . THR A 1 68  ? 8.450   8.474   -13.979 1.00 21.20 ? 67   THR A OG1 1 
ATOM   537  C CG2 . THR A 1 68  ? 9.426   10.675  -13.517 1.00 21.05 ? 67   THR A CG2 1 
ATOM   538  N N   . PRO A 1 69  ? 5.186   9.706   -15.311 1.00 22.39 ? 68   PRO A N   1 
ATOM   539  C CA  . PRO A 1 69  ? 4.076   8.861   -15.836 1.00 22.39 ? 68   PRO A CA  1 
ATOM   540  C C   . PRO A 1 69  ? 4.486   7.551   -16.348 1.00 21.91 ? 68   PRO A C   1 
ATOM   541  O O   . PRO A 1 69  ? 5.480   7.473   -17.073 1.00 23.59 ? 68   PRO A O   1 
ATOM   542  C CB  . PRO A 1 69  ? 3.442   9.725   -16.960 1.00 23.50 ? 68   PRO A CB  1 
ATOM   543  C CG  . PRO A 1 69  ? 3.994   11.178  -16.771 1.00 25.55 ? 68   PRO A CG  1 
ATOM   544  C CD  . PRO A 1 69  ? 5.374   10.988  -16.034 1.00 22.70 ? 68   PRO A CD  1 
ATOM   545  N N   . VAL A 1 70  ? 3.793   6.454   -16.011 1.00 20.13 ? 69   VAL A N   1 
ATOM   546  C CA  . VAL A 1 70  ? 4.087   5.161   -16.575 1.00 20.47 ? 69   VAL A CA  1 
ATOM   547  C C   . VAL A 1 70  ? 2.712   4.561   -16.857 1.00 21.87 ? 69   VAL A C   1 
ATOM   548  O O   . VAL A 1 70  ? 1.975   4.253   -15.946 1.00 19.55 ? 69   VAL A O   1 
ATOM   549  C CB  A VAL A 1 70  ? 4.879   4.254   -15.585 0.66 22.22 ? 69   VAL A CB  1 
ATOM   550  C CB  B VAL A 1 70  ? 4.884   4.216   -15.620 0.34 21.12 ? 69   VAL A CB  1 
ATOM   551  C CG1 A VAL A 1 70  ? 6.275   4.831   -15.390 0.66 21.08 ? 69   VAL A CG1 1 
ATOM   552  C CG1 B VAL A 1 70  ? 4.200   4.145   -14.226 0.34 21.49 ? 69   VAL A CG1 1 
ATOM   553  C CG2 A VAL A 1 70  ? 4.139   4.215   -14.178 0.66 22.80 ? 69   VAL A CG2 1 
ATOM   554  C CG2 B VAL A 1 70  ? 4.992   2.831   -16.245 0.34 19.61 ? 69   VAL A CG2 1 
ATOM   555  N N   . ASN A 1 71  ? 2.347   4.489   -18.154 1.00 21.70 ? 70   ASN A N   1 
ATOM   556  C CA  . ASN A 1 71  ? 1.027   3.994   -18.543 1.00 21.36 ? 70   ASN A CA  1 
ATOM   557  C C   . ASN A 1 71  ? 0.052   4.979   -17.890 1.00 21.01 ? 70   ASN A C   1 
ATOM   558  O O   . ASN A 1 71  ? 0.282   6.194   -18.065 1.00 23.73 ? 70   ASN A O   1 
ATOM   559  C CB  . ASN A 1 71  ? 0.905   2.538   -18.140 1.00 22.05 ? 70   ASN A CB  1 
ATOM   560  C CG  . ASN A 1 71  ? 1.717   1.640   -19.087 1.00 25.86 ? 70   ASN A CG  1 
ATOM   561  O OD1 . ASN A 1 71  ? 2.050   2.103   -20.163 1.00 27.06 ? 70   ASN A OD1 1 
ATOM   562  N ND2 . ASN A 1 71  ? 2.071   0.409   -18.691 1.00 28.69 ? 70   ASN A ND2 1 
ATOM   563  N N   . ASN A 1 72  ? -0.952  4.539   -17.137 1.00 20.23 ? 71   ASN A N   1 
ATOM   564  C CA  . ASN A 1 72  ? -1.875  5.510   -16.560 1.00 18.72 ? 71   ASN A CA  1 
ATOM   565  C C   . ASN A 1 72  ? -1.515  5.806   -15.079 1.00 19.13 ? 71   ASN A C   1 
ATOM   566  O O   . ASN A 1 72  ? -2.331  6.416   -14.366 1.00 19.56 ? 71   ASN A O   1 
ATOM   567  C CB  . ASN A 1 72  ? -3.273  4.936   -16.558 1.00 18.06 ? 71   ASN A CB  1 
ATOM   568  C CG  . ASN A 1 72  ? -3.677  4.558   -17.988 1.00 18.98 ? 71   ASN A CG  1 
ATOM   569  O OD1 . ASN A 1 72  ? -3.565  5.420   -18.886 1.00 18.93 ? 71   ASN A OD1 1 
ATOM   570  N ND2 . ASN A 1 72  ? -4.036  3.299   -18.219 1.00 19.88 ? 71   ASN A ND2 1 
ATOM   571  N N   . LEU A 1 73  ? -0.375  5.264   -14.663 1.00 18.67 ? 72   LEU A N   1 
ATOM   572  C CA  . LEU A 1 73  ? -0.008  5.439   -13.256 1.00 17.56 ? 72   LEU A CA  1 
ATOM   573  C C   . LEU A 1 73  ? 1.174   6.382   -13.126 1.00 18.50 ? 72   LEU A C   1 
ATOM   574  O O   . LEU A 1 73  ? 1.606   7.024   -14.139 1.00 16.41 ? 72   LEU A O   1 
ATOM   575  C CB  . LEU A 1 73  ? 0.303   4.053   -12.744 1.00 18.29 ? 72   LEU A CB  1 
ATOM   576  C CG  . LEU A 1 73  ? -0.883  3.029   -12.977 1.00 20.04 ? 72   LEU A CG  1 
ATOM   577  C CD1 . LEU A 1 73  ? -0.466  1.586   -12.462 1.00 22.85 ? 72   LEU A CD1 1 
ATOM   578  C CD2 . LEU A 1 73  ? -2.122  3.533   -12.238 1.00 17.83 ? 72   LEU A CD2 1 
ATOM   579  N N   . PHE A 1 74  ? 1.803   6.414   -11.917 1.00 15.25 ? 73   PHE A N   1 
ATOM   580  C CA  . PHE A 1 74  ? 2.905   7.399   -11.715 1.00 16.10 ? 73   PHE A CA  1 
ATOM   581  C C   . PHE A 1 74  ? 3.998   6.701   -10.907 1.00 17.09 ? 73   PHE A C   1 
ATOM   582  O O   . PHE A 1 74  ? 3.686   6.087   -9.825  1.00 17.02 ? 73   PHE A O   1 
ATOM   583  C CB  . PHE A 1 74  ? 2.355   8.586   -10.948 1.00 17.63 ? 73   PHE A CB  1 
ATOM   584  C CG  . PHE A 1 74  ? 1.385   9.356   -11.735 1.00 19.73 ? 73   PHE A CG  1 
ATOM   585  C CD1 . PHE A 1 74  ? 1.857   10.294  -12.664 1.00 20.02 ? 73   PHE A CD1 1 
ATOM   586  C CD2 . PHE A 1 74  ? 0.016   9.000   -11.686 1.00 19.71 ? 73   PHE A CD2 1 
ATOM   587  C CE1 . PHE A 1 74  ? 0.946   10.944  -13.616 1.00 22.83 ? 73   PHE A CE1 1 
ATOM   588  C CE2 . PHE A 1 74  ? -0.940  9.600   -12.622 1.00 22.74 ? 73   PHE A CE2 1 
ATOM   589  C CZ  . PHE A 1 74  ? -0.435  10.595  -13.588 1.00 22.18 ? 73   PHE A CZ  1 
ATOM   590  N N   . LYS A 1 75  ? 5.258   6.797   -11.405 1.00 15.18 ? 74   LYS A N   1 
ATOM   591  C CA  . LYS A 1 75  ? 6.323   5.998   -10.792 1.00 16.97 ? 74   LYS A CA  1 
ATOM   592  C C   . LYS A 1 75  ? 7.258   6.989   -10.019 1.00 16.10 ? 74   LYS A C   1 
ATOM   593  O O   . LYS A 1 75  ? 7.545   8.083   -10.489 1.00 16.25 ? 74   LYS A O   1 
ATOM   594  C CB  . LYS A 1 75  ? 7.119   5.285   -11.892 1.00 18.23 ? 74   LYS A CB  1 
ATOM   595  C CG  . LYS A 1 75  ? 8.227   4.374   -11.421 1.00 18.25 ? 74   LYS A CG  1 
ATOM   596  C CD  . LYS A 1 75  ? 8.645   3.445   -12.604 1.00 23.90 ? 74   LYS A CD  1 
ATOM   597  C CE  . LYS A 1 75  ? 9.553   2.348   -12.115 1.00 26.59 ? 74   LYS A CE  1 
ATOM   598  N NZ  . LYS A 1 75  ? 10.058  1.494   -13.235 1.00 27.69 ? 74   LYS A NZ  1 
ATOM   599  N N   . SER A 1 76  ? 7.709   6.580   -8.831  1.00 16.91 ? 75   SER A N   1 
ATOM   600  C CA  . SER A 1 76  ? 8.613   7.428   -8.078  1.00 15.39 ? 75   SER A CA  1 
ATOM   601  C C   . SER A 1 76  ? 9.910   7.616   -8.932  1.00 14.47 ? 75   SER A C   1 
ATOM   602  O O   . SER A 1 76  ? 10.244  6.727   -9.730  1.00 14.12 ? 75   SER A O   1 
ATOM   603  C CB  . SER A 1 76  ? 8.976   6.746   -6.721  1.00 11.95 ? 75   SER A CB  1 
ATOM   604  O OG  . SER A 1 76  ? 9.526   5.457   -6.867  1.00 16.02 ? 75   SER A OG  1 
ATOM   605  N N   . ASN A 1 77  ? 10.625  8.713   -8.646  1.00 16.05 ? 76   ASN A N   1 
ATOM   606  C CA  . ASN A 1 77  ? 11.882  9.022   -9.388  1.00 17.73 ? 76   ASN A CA  1 
ATOM   607  C C   . ASN A 1 77  ? 13.084  8.398   -8.601  1.00 18.70 ? 76   ASN A C   1 
ATOM   608  O O   . ASN A 1 77  ? 14.265  8.510   -9.021  1.00 18.26 ? 76   ASN A O   1 
ATOM   609  C CB  . ASN A 1 77  ? 12.028  10.523  -9.560  1.00 16.11 ? 76   ASN A CB  1 
ATOM   610  C CG  . ASN A 1 77  ? 12.169  11.305  -8.226  1.00 19.61 ? 76   ASN A CG  1 
ATOM   611  O OD1 . ASN A 1 77  ? 12.445  10.729  -7.148  1.00 19.88 ? 76   ASN A OD1 1 
ATOM   612  N ND2 . ASN A 1 77  ? 11.998  12.587  -8.308  1.00 17.99 ? 76   ASN A ND2 1 
ATOM   613  N N   . GLN A 1 78  ? 12.781  7.640   -7.552  1.00 15.49 ? 77   GLN A N   1 
ATOM   614  C CA  . GLN A 1 78  ? 13.851  7.001   -6.716  1.00 17.13 ? 77   GLN A CA  1 
ATOM   615  C C   . GLN A 1 78  ? 13.215  5.825   -5.930  1.00 17.25 ? 77   GLN A C   1 
ATOM   616  O O   . GLN A 1 78  ? 11.963  5.820   -5.728  1.00 17.36 ? 77   GLN A O   1 
ATOM   617  C CB  . GLN A 1 78  ? 14.380  8.000   -5.628  1.00 18.10 ? 77   GLN A CB  1 
ATOM   618  C CG  . GLN A 1 78  ? 13.263  8.608   -4.738  1.00 19.27 ? 77   GLN A CG  1 
ATOM   619  C CD  . GLN A 1 78  ? 13.747  9.828   -3.979  1.00 22.92 ? 77   GLN A CD  1 
ATOM   620  O OE1 . GLN A 1 78  ? 14.300  9.675   -2.880  1.00 21.34 ? 77   GLN A OE1 1 
ATOM   621  N NE2 . GLN A 1 78  ? 13.576  11.033  -4.548  1.00 17.83 ? 77   GLN A NE2 1 
ATOM   622  N N   . PRO A 1 79  ? 14.003  4.843   -5.527  1.00 17.08 ? 78   PRO A N   1 
ATOM   623  C CA  . PRO A 1 79  ? 13.450  3.699   -4.755  1.00 16.98 ? 78   PRO A CA  1 
ATOM   624  C C   . PRO A 1 79  ? 12.801  4.202   -3.447  1.00 17.22 ? 78   PRO A C   1 
ATOM   625  O O   . PRO A 1 79  ? 13.131  5.305   -2.935  1.00 17.62 ? 78   PRO A O   1 
ATOM   626  C CB  . PRO A 1 79  ? 14.712  2.846   -4.391  1.00 16.90 ? 78   PRO A CB  1 
ATOM   627  C CG  . PRO A 1 79  ? 15.756  3.220   -5.491  1.00 18.29 ? 78   PRO A CG  1 
ATOM   628  C CD  . PRO A 1 79  ? 15.494  4.711   -5.712  1.00 17.31 ? 78   PRO A CD  1 
ATOM   629  N N   . PHE A 1 80  ? 11.821  3.452   -2.994  1.00 16.34 ? 79   PHE A N   1 
ATOM   630  C CA  . PHE A 1 80  ? 11.241  3.756   -1.666  1.00 16.25 ? 79   PHE A CA  1 
ATOM   631  C C   . PHE A 1 80  ? 11.440  2.506   -0.915  1.00 14.92 ? 79   PHE A C   1 
ATOM   632  O O   . PHE A 1 80  ? 11.482  1.396   -1.466  1.00 16.36 ? 79   PHE A O   1 
ATOM   633  C CB  . PHE A 1 80  ? 9.672   4.017   -1.694  1.00 15.44 ? 79   PHE A CB  1 
ATOM   634  C CG  . PHE A 1 80  ? 9.317   5.438   -1.866  1.00 15.60 ? 79   PHE A CG  1 
ATOM   635  C CD1 . PHE A 1 80  ? 9.639   6.171   -3.067  1.00 13.78 ? 79   PHE A CD1 1 
ATOM   636  C CD2 . PHE A 1 80  ? 8.626   6.128   -0.855  1.00 15.33 ? 79   PHE A CD2 1 
ATOM   637  C CE1 . PHE A 1 80  ? 9.249   7.464   -3.200  1.00 15.67 ? 79   PHE A CE1 1 
ATOM   638  C CE2 . PHE A 1 80  ? 8.262   7.415   -1.030  1.00 17.20 ? 79   PHE A CE2 1 
ATOM   639  C CZ  . PHE A 1 80  ? 8.550   8.113   -2.200  1.00 16.22 ? 79   PHE A CZ  1 
ATOM   640  N N   . PRO A 1 81  ? 11.564  2.637   0.429   1.00 14.26 ? 80   PRO A N   1 
ATOM   641  C CA  . PRO A 1 81  ? 11.639  1.458   1.270   1.00 14.89 ? 80   PRO A CA  1 
ATOM   642  C C   . PRO A 1 81  ? 10.275  0.836   1.420   1.00 13.49 ? 80   PRO A C   1 
ATOM   643  O O   . PRO A 1 81  ? 9.304   1.527   1.729   1.00 15.65 ? 80   PRO A O   1 
ATOM   644  C CB  . PRO A 1 81  ? 12.144  1.971   2.611   1.00 13.05 ? 80   PRO A CB  1 
ATOM   645  C CG  . PRO A 1 81  ? 11.605  3.371   2.694   1.00 13.56 ? 80   PRO A CG  1 
ATOM   646  C CD  . PRO A 1 81  ? 11.190  3.765   1.300   1.00 14.76 ? 80   PRO A CD  1 
ATOM   647  N N   . VAL A 1 82  ? 10.157  -0.456  1.265   1.00 14.81 ? 81   VAL A N   1 
ATOM   648  C CA  . VAL A 1 82  ? 8.866   -1.111  1.435   1.00 15.56 ? 81   VAL A CA  1 
ATOM   649  C C   . VAL A 1 82  ? 8.983   -2.433  2.152   1.00 17.43 ? 81   VAL A C   1 
ATOM   650  O O   . VAL A 1 82  ? 10.026  -3.078  2.136   1.00 19.83 ? 81   VAL A O   1 
ATOM   651  C CB  . VAL A 1 82  ? 8.110   -1.431  0.075   1.00 15.96 ? 81   VAL A CB  1 
ATOM   652  C CG1 . VAL A 1 82  ? 7.938   -0.051  -0.781  1.00 15.62 ? 81   VAL A CG1 1 
ATOM   653  C CG2 . VAL A 1 82  ? 8.883   -2.571  -0.752  1.00 18.44 ? 81   VAL A CG2 1 
ATOM   654  N N   . VAL A 1 83  ? 7.865   -2.838  2.773   1.00 16.12 ? 82   VAL A N   1 
ATOM   655  C CA  . VAL A 1 83  ? 7.773   -4.181  3.336   1.00 16.78 ? 82   VAL A CA  1 
ATOM   656  C C   . VAL A 1 83  ? 6.591   -4.829  2.651   1.00 16.39 ? 82   VAL A C   1 
ATOM   657  O O   . VAL A 1 83  ? 5.452   -4.284  2.717   1.00 16.84 ? 82   VAL A O   1 
ATOM   658  C CB  . VAL A 1 83  ? 7.511   -4.172  4.876   1.00 18.21 ? 82   VAL A CB  1 
ATOM   659  C CG1 . VAL A 1 83  ? 6.920   -5.627  5.293   1.00 17.53 ? 82   VAL A CG1 1 
ATOM   660  C CG2 . VAL A 1 83  ? 8.792   -3.762  5.579   1.00 18.94 ? 82   VAL A CG2 1 
ATOM   661  N N   . THR A 1 84  ? 6.833   -5.925  1.943   1.00 16.07 ? 83   THR A N   1 
ATOM   662  C CA  . THR A 1 84  ? 5.761   -6.677  1.291   1.00 15.98 ? 83   THR A CA  1 
ATOM   663  C C   . THR A 1 84  ? 5.326   -7.897  2.082   1.00 16.27 ? 83   THR A C   1 
ATOM   664  O O   . THR A 1 84  ? 6.193   -8.751  2.471   1.00 19.14 ? 83   THR A O   1 
ATOM   665  C CB  . THR A 1 84  ? 6.189   -7.128  -0.123  1.00 18.50 ? 83   THR A CB  1 
ATOM   666  O OG1 . THR A 1 84  ? 6.460   -5.936  -0.888  1.00 20.57 ? 83   THR A OG1 1 
ATOM   667  C CG2 . THR A 1 84  ? 5.067   -7.903  -0.786  1.00 19.43 ? 83   THR A CG2 1 
ATOM   668  N N   . CYS A 1 85  ? 3.995   -8.013  2.356   1.00 16.31 ? 84   CYS A N   1 
ATOM   669  C CA  . CYS A 1 85  ? 3.485   -9.141  3.157   1.00 16.06 ? 84   CYS A CA  1 
ATOM   670  C C   . CYS A 1 85  ? 2.838   -10.120 2.180   1.00 17.57 ? 84   CYS A C   1 
ATOM   671  O O   . CYS A 1 85  ? 1.981   -9.688  1.473   1.00 18.04 ? 84   CYS A O   1 
ATOM   672  C CB  . CYS A 1 85  ? 2.392   -8.646  4.161   1.00 14.72 ? 84   CYS A CB  1 
ATOM   673  S SG  . CYS A 1 85  ? 3.178   -7.529  5.377   1.00 16.61 ? 84   CYS A SG  1 
ATOM   674  N N   . LYS A 1 86  ? 3.284   -11.381 2.121   1.00 20.03 ? 85   LYS A N   1 
ATOM   675  C CA  . LYS A 1 86  ? 2.702   -12.361 1.188   1.00 21.62 ? 85   LYS A CA  1 
ATOM   676  C C   . LYS A 1 86  ? 2.109   -13.505 1.975   1.00 21.83 ? 85   LYS A C   1 
ATOM   677  O O   . LYS A 1 86  ? 2.736   -14.052 2.847   1.00 22.42 ? 85   LYS A O   1 
ATOM   678  C CB  . LYS A 1 86  ? 3.748   -12.968 0.236   1.00 24.53 ? 85   LYS A CB  1 
ATOM   679  C CG  . LYS A 1 86  ? 4.543   -11.914 -0.441  1.00 32.38 ? 85   LYS A CG  1 
ATOM   680  C CD  . LYS A 1 86  ? 5.710   -12.481 -1.335  1.00 36.59 ? 85   LYS A CD  1 
ATOM   681  C CE  . LYS A 1 86  ? 6.871   -11.402 -1.259  1.00 39.48 ? 85   LYS A CE  1 
ATOM   682  N NZ  . LYS A 1 86  ? 6.994   -10.705 -2.609  1.00 42.64 ? 85   LYS A NZ  1 
ATOM   683  N N   . LEU A 1 87  ? 0.925   -13.869 1.599   1.00 21.14 ? 86   LEU A N   1 
ATOM   684  C CA  . LEU A 1 87  ? 0.177   -14.892 2.268   1.00 23.64 ? 86   LEU A CA  1 
ATOM   685  C C   . LEU A 1 87  ? 0.869   -16.229 2.101   1.00 27.75 ? 86   LEU A C   1 
ATOM   686  O O   . LEU A 1 87  ? 1.173   -16.632 0.956   1.00 26.11 ? 86   LEU A O   1 
ATOM   687  C CB  . LEU A 1 87  ? -1.163  -14.933 1.657   1.00 23.06 ? 86   LEU A CB  1 
ATOM   688  C CG  . LEU A 1 87  ? -2.096  -15.908 2.349   1.00 24.22 ? 86   LEU A CG  1 
ATOM   689  C CD1 . LEU A 1 87  ? -2.447  -15.372 3.778   1.00 23.44 ? 86   LEU A CD1 1 
ATOM   690  C CD2 . LEU A 1 87  ? -3.412  -15.999 1.489   1.00 25.27 ? 86   LEU A CD2 1 
ATOM   691  N N   . LYS A 1 88  ? 1.149   -16.884 3.220   1.00 28.58 ? 87   LYS A N   1 
ATOM   692  C CA  . LYS A 1 88  ? 1.845   -18.162 3.205   1.00 33.59 ? 87   LYS A CA  1 
ATOM   693  C C   . LYS A 1 88  ? 0.715   -19.157 3.365   1.00 34.87 ? 87   LYS A C   1 
ATOM   694  O O   . LYS A 1 88  ? 0.683   -20.078 2.639   1.00 36.34 ? 87   LYS A O   1 
ATOM   695  C CB  . LYS A 1 88  ? 2.843   -18.267 4.351   1.00 34.19 ? 87   LYS A CB  1 
ATOM   696  C CG  . LYS A 1 88  ? 4.021   -19.237 4.113   1.00 40.52 ? 87   LYS A CG  1 
ATOM   697  C CD  . LYS A 1 88  ? 4.962   -18.962 2.806   1.00 43.53 ? 87   LYS A CD  1 
ATOM   698  C CE  . LYS A 1 88  ? 6.382   -19.579 3.031   1.00 45.12 ? 87   LYS A CE  1 
ATOM   699  N NZ  . LYS A 1 88  ? 7.452   -19.074 2.121   1.00 47.09 ? 87   LYS A NZ  1 
ATOM   700  N N   . SER A 1 89  ? -0.235  -18.970 4.295   1.00 35.74 ? 88   SER A N   1 
ATOM   701  C CA  . SER A 1 89  ? -1.369  -19.922 4.409   1.00 36.01 ? 88   SER A CA  1 
ATOM   702  C C   . SER A 1 89  ? -2.661  -19.323 5.001   1.00 35.30 ? 88   SER A C   1 
ATOM   703  O O   . SER A 1 89  ? -2.639  -18.216 5.530   1.00 32.73 ? 88   SER A O   1 
ATOM   704  C CB  . SER A 1 89  ? -0.942  -21.152 5.220   1.00 37.60 ? 88   SER A CB  1 
ATOM   705  O OG  . SER A 1 89  ? -0.572  -20.822 6.538   1.00 40.78 ? 88   SER A OG  1 
ATOM   706  N N   . GLY A 1 90  ? -3.762  -20.072 4.930   1.00 34.72 ? 89   GLY A N   1 
ATOM   707  C CA  . GLY A 1 90  ? -5.040  -19.638 5.489   1.00 35.50 ? 89   GLY A CA  1 
ATOM   708  C C   . GLY A 1 90  ? -5.907  -19.175 4.317   1.00 38.07 ? 89   GLY A C   1 
ATOM   709  O O   . GLY A 1 90  ? -5.364  -18.719 3.289   1.00 38.32 ? 89   GLY A O   1 
ATOM   710  N N   . ASN A 1 91  ? -7.225  -19.247 4.450   1.00 36.88 ? 90   ASN A N   1 
ATOM   711  C CA  . ASN A 1 91  ? -8.065  -18.837 3.373   1.00 39.24 ? 90   ASN A CA  1 
ATOM   712  C C   . ASN A 1 91  ? -8.902  -17.614 3.765   1.00 38.33 ? 90   ASN A C   1 
ATOM   713  O O   . ASN A 1 91  ? -9.149  -16.713 2.926   1.00 38.10 ? 90   ASN A O   1 
ATOM   714  C CB  . ASN A 1 91  ? -8.951  -20.009 2.944   1.00 41.48 ? 90   ASN A CB  1 
ATOM   715  C CG  . ASN A 1 91  ? -8.143  -21.186 2.441   1.00 43.94 ? 90   ASN A CG  1 
ATOM   716  O OD1 . ASN A 1 91  ? -7.842  -22.118 3.196   1.00 47.04 ? 90   ASN A OD1 1 
ATOM   717  N ND2 . ASN A 1 91  ? -7.739  -21.138 1.167   1.00 45.95 ? 90   ASN A ND2 1 
ATOM   718  N N   . ARG A 1 92  ? -9.345  -17.580 5.025   1.00 37.03 ? 91   ARG A N   1 
ATOM   719  C CA  . ARG A 1 92  ? -10.125 -16.427 5.455   1.00 37.06 ? 91   ARG A CA  1 
ATOM   720  C C   . ARG A 1 92  ? -9.663  -15.955 6.814   1.00 35.50 ? 91   ARG A C   1 
ATOM   721  O O   . ARG A 1 92  ? -9.015  -16.712 7.513   1.00 32.20 ? 91   ARG A O   1 
ATOM   722  C CB  . ARG A 1 92  ? -11.622 -16.772 5.571   1.00 40.63 ? 91   ARG A CB  1 
ATOM   723  C CG  . ARG A 1 92  ? -12.211 -17.517 4.342   1.00 45.58 ? 91   ARG A CG  1 
ATOM   724  C CD  . ARG A 1 92  ? -13.742 -17.507 4.486   1.00 50.08 ? 91   ARG A CD  1 
ATOM   725  N NE  . ARG A 1 92  ? -14.179 -16.114 4.419   1.00 55.54 ? 91   ARG A NE  1 
ATOM   726  C CZ  . ARG A 1 92  ? -14.683 -15.502 3.330   1.00 57.86 ? 91   ARG A CZ  1 
ATOM   727  N NH1 . ARG A 1 92  ? -14.852 -16.176 2.174   1.00 58.54 ? 91   ARG A NH1 1 
ATOM   728  N NH2 . ARG A 1 92  ? -14.955 -14.177 3.369   1.00 59.00 ? 91   ARG A NH2 1 
ATOM   729  N N   . ARG A 1 93  ? -10.002 -14.698 7.174   1.00 34.46 ? 92   ARG A N   1 
ATOM   730  C CA  . ARG A 1 93  ? -9.668  -14.180 8.531   1.00 34.59 ? 92   ARG A CA  1 
ATOM   731  C C   . ARG A 1 93  ? -10.395 -15.151 9.503   1.00 34.24 ? 92   ARG A C   1 
ATOM   732  O O   . ARG A 1 93  ? -11.533 -15.563 9.220   1.00 34.22 ? 92   ARG A O   1 
ATOM   733  C CB  . ARG A 1 93  ? -10.318 -12.814 8.798   1.00 37.64 ? 92   ARG A CB  1 
ATOM   734  C CG  . ARG A 1 93  ? -9.717  -11.583 8.171   1.00 40.38 ? 92   ARG A CG  1 
ATOM   735  C CD  . ARG A 1 93  ? -10.499 -10.272 8.652   1.00 41.16 ? 92   ARG A CD  1 
ATOM   736  N NE  . ARG A 1 93  ? -10.412 -9.927  10.091  1.00 42.55 ? 92   ARG A NE  1 
ATOM   737  C CZ  . ARG A 1 93  ? -9.523  -9.038  10.605  1.00 43.81 ? 92   ARG A CZ  1 
ATOM   738  N NH1 . ARG A 1 93  ? -8.620  -8.410  9.827   1.00 42.36 ? 92   ARG A NH1 1 
ATOM   739  N NH2 . ARG A 1 93  ? -9.594  -8.668  11.879  1.00 43.10 ? 92   ARG A NH2 1 
ATOM   740  N N   . PRO A 1 94  ? -9.811  -15.438 10.671  1.00 32.71 ? 93   PRO A N   1 
ATOM   741  C CA  . PRO A 1 94  ? -8.517  -14.891 11.143  1.00 31.72 ? 93   PRO A CA  1 
ATOM   742  C C   . PRO A 1 94  ? -7.329  -15.842 10.945  1.00 31.48 ? 93   PRO A C   1 
ATOM   743  O O   . PRO A 1 94  ? -6.281  -15.766 11.659  1.00 30.07 ? 93   PRO A O   1 
ATOM   744  C CB  . PRO A 1 94  ? -8.787  -14.743 12.632  1.00 32.92 ? 93   PRO A CB  1 
ATOM   745  C CG  . PRO A 1 94  ? -9.486  -16.173 12.929  1.00 32.49 ? 93   PRO A CG  1 
ATOM   746  C CD  . PRO A 1 94  ? -10.479 -16.247 11.727  1.00 32.10 ? 93   PRO A CD  1 
ATOM   747  N N   . ASN A 1 95  ? -7.450  -16.746 9.990   1.00 31.48 ? 94   ASN A N   1 
ATOM   748  C CA  . ASN A 1 95  ? -6.394  -17.703 9.890   1.00 31.46 ? 94   ASN A CA  1 
ATOM   749  C C   . ASN A 1 95  ? -5.258  -17.243 8.989   1.00 31.53 ? 94   ASN A C   1 
ATOM   750  O O   . ASN A 1 95  ? -4.355  -18.030 8.769   1.00 31.38 ? 94   ASN A O   1 
ATOM   751  C CB  . ASN A 1 95  ? -6.930  -19.022 9.334   1.00 33.65 ? 94   ASN A CB  1 
ATOM   752  C CG  . ASN A 1 95  ? -8.244  -19.464 9.994   1.00 37.61 ? 94   ASN A CG  1 
ATOM   753  O OD1 . ASN A 1 95  ? -8.379  -19.417 11.240  1.00 37.37 ? 94   ASN A OD1 1 
ATOM   754  N ND2 . ASN A 1 95  ? -9.206  -19.950 9.172   1.00 38.30 ? 94   ASN A ND2 1 
ATOM   755  N N   . CYS A 1 96  ? -5.306  -16.025 8.455   1.00 30.35 ? 95   CYS A N   1 
ATOM   756  C CA  . CYS A 1 96  ? -4.227  -15.626 7.553   1.00 29.03 ? 95   CYS A CA  1 
ATOM   757  C C   . CYS A 1 96  ? -2.807  -15.598 8.192   1.00 29.49 ? 95   CYS A C   1 
ATOM   758  O O   . CYS A 1 96  ? -2.628  -15.060 9.279   1.00 30.27 ? 95   CYS A O   1 
ATOM   759  C CB  . CYS A 1 96  ? -4.549  -14.241 6.984   1.00 27.60 ? 95   CYS A CB  1 
ATOM   760  S SG  . CYS A 1 96  ? -6.299  -13.988 6.556   1.00 29.41 ? 95   CYS A SG  1 
ATOM   761  N N   . GLN A 1 97  ? -1.796  -16.188 7.529   1.00 26.35 ? 96   GLN A N   1 
ATOM   762  C CA  . GLN A 1 97  ? -0.423  -16.082 7.975   1.00 23.90 ? 96   GLN A CA  1 
ATOM   763  C C   . GLN A 1 97  ? 0.421   -15.565 6.811   1.00 22.64 ? 96   GLN A C   1 
ATOM   764  O O   . GLN A 1 97  ? 0.332   -16.127 5.690   1.00 23.30 ? 96   GLN A O   1 
ATOM   765  C CB  . GLN A 1 97  ? 0.131   -17.423 8.394   1.00 24.40 ? 96   GLN A CB  1 
ATOM   766  C CG  . GLN A 1 97  ? -0.584  -17.898 9.653   1.00 32.21 ? 96   GLN A CG  1 
ATOM   767  C CD  . GLN A 1 97  ? 0.002   -19.203 10.175  1.00 34.67 ? 96   GLN A CD  1 
ATOM   768  O OE1 . GLN A 1 97  ? -0.684  -20.249 10.192  1.00 38.68 ? 96   GLN A OE1 1 
ATOM   769  N NE2 . GLN A 1 97  ? 1.269   -19.156 10.581  1.00 37.72 ? 96   GLN A NE2 1 
ATOM   770  N N   . TYR A 1 98  ? 1.271   -14.582 7.104   1.00 21.36 ? 97   TYR A N   1 
ATOM   771  C CA  . TYR A 1 98  ? 2.123   -13.936 6.069   1.00 21.76 ? 97   TYR A CA  1 
ATOM   772  C C   . TYR A 1 98  ? 3.620   -14.080 6.292   1.00 23.33 ? 97   TYR A C   1 
ATOM   773  O O   . TYR A 1 98  ? 4.069   -14.293 7.427   1.00 23.67 ? 97   TYR A O   1 
ATOM   774  C CB  . TYR A 1 98  ? 1.789   -12.416 6.055   1.00 19.87 ? 97   TYR A CB  1 
ATOM   775  C CG  . TYR A 1 98  ? 0.413   -12.119 5.614   1.00 18.33 ? 97   TYR A CG  1 
ATOM   776  C CD1 . TYR A 1 98  ? 0.142   -11.903 4.230   1.00 18.61 ? 97   TYR A CD1 1 
ATOM   777  C CD2 . TYR A 1 98  ? -0.660  -12.137 6.508   1.00 19.29 ? 97   TYR A CD2 1 
ATOM   778  C CE1 . TYR A 1 98  ? -1.124  -11.724 3.781   1.00 19.32 ? 97   TYR A CE1 1 
ATOM   779  C CE2 . TYR A 1 98  ? -1.956  -11.977 6.037   1.00 18.57 ? 97   TYR A CE2 1 
ATOM   780  C CZ  . TYR A 1 98  ? -2.162  -11.766 4.676   1.00 19.70 ? 97   TYR A CZ  1 
ATOM   781  O OH  . TYR A 1 98  ? -3.403  -11.543 4.179   1.00 20.29 ? 97   TYR A OH  1 
ATOM   782  N N   . ARG A 1 99  ? 4.412   -13.882 5.226   1.00 22.23 ? 98   ARG A N   1 
ATOM   783  C CA  . ARG A 1 99  ? 5.851   -13.843 5.375   1.00 24.32 ? 98   ARG A CA  1 
ATOM   784  C C   . ARG A 1 99  ? 6.145   -12.450 4.890   1.00 23.61 ? 98   ARG A C   1 
ATOM   785  O O   . ARG A 1 99  ? 5.550   -12.007 3.910   1.00 26.19 ? 98   ARG A O   1 
ATOM   786  C CB  . ARG A 1 99  ? 6.480   -14.883 4.446   1.00 27.76 ? 98   ARG A CB  1 
ATOM   787  C CG  . ARG A 1 99  ? 8.000   -14.798 4.227   1.00 36.84 ? 98   ARG A CG  1 
ATOM   788  C CD  . ARG A 1 99  ? 8.901   -15.111 5.496   1.00 42.92 ? 98   ARG A CD  1 
ATOM   789  N NE  . ARG A 1 99  ? 8.814   -16.484 6.088   1.00 50.44 ? 98   ARG A NE  1 
ATOM   790  C CZ  . ARG A 1 99  ? 8.474   -17.625 5.443   1.00 52.90 ? 98   ARG A CZ  1 
ATOM   791  N NH1 . ARG A 1 99  ? 8.159   -17.617 4.143   1.00 53.78 ? 98   ARG A NH1 1 
ATOM   792  N NH2 . ARG A 1 99  ? 8.449   -18.796 6.110   1.00 54.91 ? 98   ARG A NH2 1 
ATOM   793  N N   . GLY A 1 100 ? 7.033   -11.734 5.520   1.00 23.10 ? 99   GLY A N   1 
ATOM   794  C CA  . GLY A 1 100 ? 7.314   -10.379 5.060   1.00 24.77 ? 99   GLY A CA  1 
ATOM   795  C C   . GLY A 1 100 ? 8.724   -10.261 4.448   1.00 25.94 ? 99   GLY A C   1 
ATOM   796  O O   . GLY A 1 100 ? 9.636   -10.974 4.879   1.00 25.43 ? 99   GLY A O   1 
ATOM   797  N N   . THR A 1 101 ? 8.889   -9.391  3.457   1.00 24.82 ? 100  THR A N   1 
ATOM   798  C CA  . THR A 1 101 ? 10.192  -9.132  2.858   1.00 25.08 ? 100  THR A CA  1 
ATOM   799  C C   . THR A 1 101 ? 10.400  -7.630  2.779   1.00 25.82 ? 100  THR A C   1 
ATOM   800  O O   . THR A 1 101 ? 9.477   -6.888  2.413   1.00 25.35 ? 100  THR A O   1 
ATOM   801  C CB  . THR A 1 101 ? 10.230  -9.657  1.428   1.00 27.41 ? 100  THR A CB  1 
ATOM   802  O OG1 . THR A 1 101 ? 10.035  -11.060 1.442   1.00 26.71 ? 100  THR A OG1 1 
ATOM   803  C CG2 . THR A 1 101 ? 11.614  -9.347  0.798   1.00 28.29 ? 100  THR A CG2 1 
ATOM   804  N N   . SER A 1 102 ? 11.540  -7.125  3.214   1.00 24.74 ? 101  SER A N   1 
ATOM   805  C CA  . SER A 1 102 ? 11.660  -5.696  3.076   1.00 26.68 ? 101  SER A CA  1 
ATOM   806  C C   . SER A 1 102 ? 12.586  -5.500  1.855   1.00 26.54 ? 101  SER A C   1 
ATOM   807  O O   . SER A 1 102 ? 13.561  -6.276  1.644   1.00 25.86 ? 101  SER A O   1 
ATOM   808  C CB  . SER A 1 102 ? 12.248  -5.068  4.324   1.00 30.05 ? 101  SER A CB  1 
ATOM   809  O OG  . SER A 1 102 ? 13.649  -5.026  4.258   1.00 37.19 ? 101  SER A OG  1 
ATOM   810  N N   . SER A 1 103 ? 12.245  -4.528  1.026   1.00 24.01 ? 102  SER A N   1 
ATOM   811  C CA  . SER A 1 103 ? 13.100  -4.337  -0.096  1.00 23.31 ? 102  SER A CA  1 
ATOM   812  C C   . SER A 1 103 ? 12.982  -2.938  -0.519  1.00 21.03 ? 102  SER A C   1 
ATOM   813  O O   . SER A 1 103 ? 12.272  -2.116  0.123   1.00 20.13 ? 102  SER A O   1 
ATOM   814  C CB  . SER A 1 103 ? 12.713  -5.250  -1.243  1.00 24.80 ? 102  SER A CB  1 
ATOM   815  O OG  . SER A 1 103 ? 11.496  -4.753  -1.712  1.00 29.29 ? 102  SER A OG  1 
ATOM   816  N N   . THR A 1 104 ? 13.696  -2.579  -1.580  1.00 18.44 ? 103  THR A N   1 
ATOM   817  C CA  . THR A 1 104 ? 13.570  -1.223  -2.000  1.00 18.49 ? 103  THR A CA  1 
ATOM   818  C C   . THR A 1 104 ? 13.208  -1.283  -3.502  1.00 21.10 ? 103  THR A C   1 
ATOM   819  O O   . THR A 1 104 ? 13.746  -2.081  -4.241  1.00 21.93 ? 103  THR A O   1 
ATOM   820  C CB  . THR A 1 104 ? 14.893  -0.416  -1.736  1.00 19.12 ? 103  THR A CB  1 
ATOM   821  O OG1 . THR A 1 104 ? 15.944  -0.864  -2.611  1.00 21.68 ? 103  THR A OG1 1 
ATOM   822  C CG2 . THR A 1 104 ? 15.405  -0.663  -0.289  1.00 17.58 ? 103  THR A CG2 1 
ATOM   823  N N   . ARG A 1 105 ? 12.327  -0.425  -3.911  1.00 19.53 ? 104  ARG A N   1 
ATOM   824  C CA  . ARG A 1 105 ? 11.902  -0.429  -5.260  1.00 22.87 ? 104  ARG A CA  1 
ATOM   825  C C   . ARG A 1 105 ? 11.242  0.849   -5.643  1.00 20.83 ? 104  ARG A C   1 
ATOM   826  O O   . ARG A 1 105 ? 10.793  1.630   -4.822  1.00 19.74 ? 104  ARG A O   1 
ATOM   827  C CB  . ARG A 1 105 ? 10.916  -1.602  -5.445  1.00 27.14 ? 104  ARG A CB  1 
ATOM   828  C CG  . ARG A 1 105 ? 9.704   -1.548  -4.589  1.00 30.33 ? 104  ARG A CG  1 
ATOM   829  C CD  . ARG A 1 105 ? 8.769   -2.810  -4.824  1.00 39.12 ? 104  ARG A CD  1 
ATOM   830  N NE  . ARG A 1 105 ? 8.262   -2.772  -6.223  1.00 47.68 ? 104  ARG A NE  1 
ATOM   831  C CZ  . ARG A 1 105 ? 7.005   -2.489  -6.629  1.00 49.98 ? 104  ARG A CZ  1 
ATOM   832  N NH1 . ARG A 1 105 ? 6.053   -2.231  -5.729  1.00 52.10 ? 104  ARG A NH1 1 
ATOM   833  N NH2 . ARG A 1 105 ? 6.685   -2.492  -7.940  1.00 50.94 ? 104  ARG A NH2 1 
ATOM   834  N N   . TYR A 1 106 ? 11.175  1.080   -6.968  1.00 18.98 ? 105  TYR A N   1 
ATOM   835  C CA  . TYR A 1 106 ? 10.477  2.215   -7.495  1.00 18.14 ? 105  TYR A CA  1 
ATOM   836  C C   . TYR A 1 106 ? 8.975   1.870   -7.332  1.00 20.67 ? 105  TYR A C   1 
ATOM   837  O O   . TYR A 1 106 ? 8.532   0.849   -7.890  1.00 26.43 ? 105  TYR A O   1 
ATOM   838  C CB  . TYR A 1 106 ? 10.826  2.408   -9.019  1.00 16.28 ? 105  TYR A CB  1 
ATOM   839  C CG  . TYR A 1 106 ? 12.252  2.955   -9.126  1.00 16.31 ? 105  TYR A CG  1 
ATOM   840  C CD1 . TYR A 1 106 ? 12.491  4.267   -9.104  1.00 17.21 ? 105  TYR A CD1 1 
ATOM   841  C CD2 . TYR A 1 106 ? 13.356  2.054   -9.176  1.00 17.81 ? 105  TYR A CD2 1 
ATOM   842  C CE1 . TYR A 1 106 ? 13.802  4.792   -9.125  1.00 19.29 ? 105  TYR A CE1 1 
ATOM   843  C CE2 . TYR A 1 106 ? 14.706  2.546   -9.210  1.00 18.81 ? 105  TYR A CE2 1 
ATOM   844  C CZ  . TYR A 1 106 ? 14.895  3.918   -9.193  1.00 18.83 ? 105  TYR A CZ  1 
ATOM   845  O OH  . TYR A 1 106 ? 16.165  4.428   -9.331  1.00 21.64 ? 105  TYR A OH  1 
ATOM   846  N N   . ILE A 1 107 ? 8.203   2.706   -6.667  1.00 17.48 ? 106  ILE A N   1 
ATOM   847  C CA  . ILE A 1 107 ? 6.831   2.391   -6.430  1.00 15.63 ? 106  ILE A CA  1 
ATOM   848  C C   . ILE A 1 107 ? 6.000   3.065   -7.539  1.00 15.94 ? 106  ILE A C   1 
ATOM   849  O O   . ILE A 1 107 ? 6.331   4.165   -7.979  1.00 17.03 ? 106  ILE A O   1 
ATOM   850  C CB  . ILE A 1 107 ? 6.374   2.850   -5.039  1.00 16.28 ? 106  ILE A CB  1 
ATOM   851  C CG1 . ILE A 1 107 ? 6.637   4.380   -4.825  1.00 15.09 ? 106  ILE A CG1 1 
ATOM   852  C CG2 . ILE A 1 107 ? 7.114   1.992   -3.966  1.00 14.55 ? 106  ILE A CG2 1 
ATOM   853  C CD1 . ILE A 1 107 ? 6.010   4.979   -3.558  1.00 17.70 ? 106  ILE A CD1 1 
ATOM   854  N N   . VAL A 1 108 ? 4.899   2.389   -7.877  1.00 14.71 ? 107  VAL A N   1 
ATOM   855  C CA  . VAL A 1 108 ? 3.996   2.855   -8.932  1.00 13.79 ? 107  VAL A CA  1 
ATOM   856  C C   . VAL A 1 108 ? 2.622   3.015   -8.286  1.00 15.00 ? 107  VAL A C   1 
ATOM   857  O O   . VAL A 1 108 ? 2.100   2.046   -7.741  1.00 16.79 ? 107  VAL A O   1 
ATOM   858  C CB  . VAL A 1 108 ? 3.945   1.801   -10.025 1.00 15.32 ? 107  VAL A CB  1 
ATOM   859  C CG1 . VAL A 1 108 ? 2.933   2.316   -11.126 1.00 15.87 ? 107  VAL A CG1 1 
ATOM   860  C CG2 . VAL A 1 108 ? 5.408   1.639   -10.625 1.00 17.60 ? 107  VAL A CG2 1 
ATOM   861  N N   . LEU A 1 109 ? 2.075   4.211   -8.408  1.00 14.93 ? 108  LEU A N   1 
ATOM   862  C CA  . LEU A 1 109 ? 0.791   4.564   -7.800  1.00 16.66 ? 108  LEU A CA  1 
ATOM   863  C C   . LEU A 1 109 ? -0.255  5.033   -8.792  1.00 17.43 ? 108  LEU A C   1 
ATOM   864  O O   . LEU A 1 109 ? 0.117   5.578   -9.843  1.00 18.93 ? 108  LEU A O   1 
ATOM   865  C CB  . LEU A 1 109 ? 1.016   5.744   -6.876  1.00 15.89 ? 108  LEU A CB  1 
ATOM   866  C CG  . LEU A 1 109 ? 2.142   5.616   -5.790  1.00 15.84 ? 108  LEU A CG  1 
ATOM   867  C CD1 . LEU A 1 109 ? 2.162   6.938   -4.894  1.00 15.67 ? 108  LEU A CD1 1 
ATOM   868  C CD2 . LEU A 1 109 ? 1.977   4.293   -5.011  1.00 15.54 ? 108  LEU A CD2 1 
ATOM   869  N N   . GLY A 1 110 ? -1.521  4.798   -8.469  1.00 17.46 ? 109  GLY A N   1 
ATOM   870  C CA  . GLY A 1 110 ? -2.634  5.426   -9.199  1.00 17.16 ? 109  GLY A CA  1 
ATOM   871  C C   . GLY A 1 110 ? -2.813  6.694   -8.403  1.00 19.46 ? 109  GLY A C   1 
ATOM   872  O O   . GLY A 1 110 ? -2.675  6.713   -7.131  1.00 19.64 ? 109  GLY A O   1 
ATOM   873  N N   . CYS A 1 111 ? -3.090  7.802   -9.100  1.00 19.12 ? 110  CYS A N   1 
ATOM   874  C CA  . CYS A 1 111 ? -3.263  9.111   -8.494  1.00 21.45 ? 110  CYS A CA  1 
ATOM   875  C C   . CYS A 1 111 ? -4.533  9.763   -9.044  1.00 23.58 ? 110  CYS A C   1 
ATOM   876  O O   . CYS A 1 111 ? -4.902  9.533   -10.200 1.00 23.93 ? 110  CYS A O   1 
ATOM   877  C CB  . CYS A 1 111 ? -2.108  10.031  -8.893  1.00 21.49 ? 110  CYS A CB  1 
ATOM   878  S SG  . CYS A 1 111 ? -0.455  9.417   -8.390  1.00 20.01 ? 110  CYS A SG  1 
ATOM   879  N N   . ASP A 1 112 ? -5.150  10.569  -8.219  1.00 24.93 ? 111  ASP A N   1 
ATOM   880  C CA  . ASP A 1 112 ? -6.371  11.274  -8.628  1.00 26.62 ? 111  ASP A CA  1 
ATOM   881  C C   . ASP A 1 112 ? -6.342  12.686  -8.094  1.00 26.75 ? 111  ASP A C   1 
ATOM   882  O O   . ASP A 1 112 ? -6.360  12.947  -6.878  1.00 25.34 ? 111  ASP A O   1 
ATOM   883  C CB  . ASP A 1 112 ? -7.623  10.511  -8.167  1.00 28.62 ? 111  ASP A CB  1 
ATOM   884  C CG  . ASP A 1 112 ? -8.917  11.041  -8.865  1.00 32.41 ? 111  ASP A CG  1 
ATOM   885  O OD1 . ASP A 1 112 ? -8.882  12.149  -9.466  1.00 32.29 ? 111  ASP A OD1 1 
ATOM   886  O OD2 . ASP A 1 112 ? -9.903  10.327  -8.790  1.00 32.66 ? 111  ASP A OD2 1 
ATOM   887  N N   . LYS A 1 113 ? -6.238  13.630  -9.038  1.00 26.82 ? 112  LYS A N   1 
ATOM   888  C CA  . LYS A 1 113 ? -6.161  15.046  -8.671  1.00 28.51 ? 112  LYS A CA  1 
ATOM   889  C C   . LYS A 1 113 ? -5.031  15.349  -7.666  1.00 27.16 ? 112  LYS A C   1 
ATOM   890  O O   . LYS A 1 113 ? -5.218  16.200  -6.805  1.00 26.64 ? 112  LYS A O   1 
ATOM   891  C CB  . LYS A 1 113 ? -7.500  15.532  -8.079  1.00 31.67 ? 112  LYS A CB  1 
ATOM   892  C CG  . LYS A 1 113 ? -8.755  15.516  -9.088  1.00 35.10 ? 112  LYS A CG  1 
ATOM   893  C CD  . LYS A 1 113 ? -10.096 15.766  -8.342  1.00 36.06 ? 112  LYS A CD  1 
ATOM   894  C CE  . LYS A 1 113 ? -11.339 15.218  -9.067  1.00 39.66 ? 112  LYS A CE  1 
ATOM   895  N NZ  . LYS A 1 113 ? -11.236 13.692  -9.421  1.00 40.87 ? 112  LYS A NZ  1 
ATOM   896  N N   . GLY A 1 114 ? -3.876  14.684  -7.830  1.00 25.72 ? 113  GLY A N   1 
ATOM   897  C CA  . GLY A 1 114 ? -2.711  14.892  -6.999  1.00 25.37 ? 113  GLY A CA  1 
ATOM   898  C C   . GLY A 1 114 ? -2.664  13.982  -5.739  1.00 25.23 ? 113  GLY A C   1 
ATOM   899  O O   . GLY A 1 114 ? -1.711  14.104  -4.916  1.00 26.88 ? 113  GLY A O   1 
ATOM   900  N N   . TRP A 1 115 ? -3.680  13.138  -5.530  1.00 22.58 ? 114  TRP A N   1 
ATOM   901  C CA  . TRP A 1 115 ? -3.652  12.267  -4.279  1.00 22.24 ? 114  TRP A CA  1 
ATOM   902  C C   . TRP A 1 115 ? -3.483  10.822  -4.635  1.00 20.60 ? 114  TRP A C   1 
ATOM   903  O O   . TRP A 1 115 ? -4.088  10.330  -5.618  1.00 20.85 ? 114  TRP A O   1 
ATOM   904  C CB  . TRP A 1 115 ? -4.976  12.368  -3.520  1.00 23.58 ? 114  TRP A CB  1 
ATOM   905  C CG  . TRP A 1 115 ? -5.300  13.761  -3.144  1.00 27.03 ? 114  TRP A CG  1 
ATOM   906  C CD1 . TRP A 1 115 ? -6.068  14.685  -3.858  1.00 29.55 ? 114  TRP A CD1 1 
ATOM   907  C CD2 . TRP A 1 115 ? -4.763  14.453  -2.035  1.00 29.40 ? 114  TRP A CD2 1 
ATOM   908  N NE1 . TRP A 1 115 ? -6.014  15.914  -3.230  1.00 31.18 ? 114  TRP A NE1 1 
ATOM   909  C CE2 . TRP A 1 115 ? -5.233  15.806  -2.109  1.00 31.42 ? 114  TRP A CE2 1 
ATOM   910  C CE3 . TRP A 1 115 ? -3.929  14.072  -0.982  1.00 28.70 ? 114  TRP A CE3 1 
ATOM   911  C CZ2 . TRP A 1 115 ? -4.880  16.770  -1.148  1.00 32.78 ? 114  TRP A CZ2 1 
ATOM   912  C CZ3 . TRP A 1 115 ? -3.566  15.002  -0.034  1.00 32.46 ? 114  TRP A CZ3 1 
ATOM   913  C CH2 . TRP A 1 115 ? -4.040  16.348  -0.115  1.00 33.65 ? 114  TRP A CH2 1 
ATOM   914  N N   . PRO A 1 116 ? -2.726  10.068  -3.813  1.00 19.15 ? 115  PRO A N   1 
ATOM   915  C CA  . PRO A 1 116 ? -2.569  8.641   -4.166  1.00 18.73 ? 115  PRO A CA  1 
ATOM   916  C C   . PRO A 1 116 ? -3.835  7.823   -3.840  1.00 20.84 ? 115  PRO A C   1 
ATOM   917  O O   . PRO A 1 116 ? -4.375  7.936   -2.724  1.00 20.28 ? 115  PRO A O   1 
ATOM   918  C CB  . PRO A 1 116 ? -1.389  8.170   -3.306  1.00 18.27 ? 115  PRO A CB  1 
ATOM   919  C CG  . PRO A 1 116 ? -1.477  9.154   -2.005  1.00 15.31 ? 115  PRO A CG  1 
ATOM   920  C CD  . PRO A 1 116 ? -1.914  10.506  -2.657  1.00 17.85 ? 115  PRO A CD  1 
ATOM   921  N N   . VAL A 1 117 ? -4.278  6.984   -4.777  1.00 19.34 ? 116  VAL A N   1 
ATOM   922  C CA  . VAL A 1 117 ? -5.494  6.179   -4.539  1.00 20.63 ? 116  VAL A CA  1 
ATOM   923  C C   . VAL A 1 117 ? -5.273  4.721   -4.784  1.00 21.34 ? 116  VAL A C   1 
ATOM   924  O O   . VAL A 1 117 ? -6.209  3.902   -4.604  1.00 24.14 ? 116  VAL A O   1 
ATOM   925  C CB  . VAL A 1 117 ? -6.627  6.728   -5.530  1.00 20.69 ? 116  VAL A CB  1 
ATOM   926  C CG1 . VAL A 1 117 ? -6.991  8.123   -5.059  1.00 23.69 ? 116  VAL A CG1 1 
ATOM   927  C CG2 . VAL A 1 117 ? -6.072  6.758   -7.005  1.00 19.64 ? 116  VAL A CG2 1 
ATOM   928  N N   . HIS A 1 118 ? -4.066  4.316   -5.247  1.00 20.39 ? 117  HIS A N   1 
ATOM   929  C CA  . HIS A 1 118 ? -3.889  2.917   -5.528  1.00 19.64 ? 117  HIS A CA  1 
ATOM   930  C C   . HIS A 1 118 ? -2.390  2.615   -5.519  1.00 18.09 ? 117  HIS A C   1 
ATOM   931  O O   . HIS A 1 118 ? -1.594  3.466   -5.903  1.00 18.31 ? 117  HIS A O   1 
ATOM   932  C CB  . HIS A 1 118 ? -4.503  2.641   -6.956  1.00 21.82 ? 117  HIS A CB  1 
ATOM   933  C CG  . HIS A 1 118 ? -4.164  1.313   -7.526  1.00 26.07 ? 117  HIS A CG  1 
ATOM   934  N ND1 . HIS A 1 118 ? -4.785  0.143   -7.120  1.00 26.43 ? 117  HIS A ND1 1 
ATOM   935  C CD2 . HIS A 1 118 ? -3.239  0.950   -8.471  1.00 26.02 ? 117  HIS A CD2 1 
ATOM   936  C CE1 . HIS A 1 118 ? -4.268  -0.885  -7.782  1.00 26.60 ? 117  HIS A CE1 1 
ATOM   937  N NE2 . HIS A 1 118 ? -3.331  -0.426  -8.606  1.00 29.01 ? 117  HIS A NE2 1 
ATOM   938  N N   . TYR A 1 119 ? -2.056  1.424   -5.084  1.00 19.12 ? 118  TYR A N   1 
ATOM   939  C CA  . TYR A 1 119 ? -0.684  0.927   -5.086  1.00 17.90 ? 118  TYR A CA  1 
ATOM   940  C C   . TYR A 1 119 ? -0.593  -0.201  -6.073  1.00 19.14 ? 118  TYR A C   1 
ATOM   941  O O   . TYR A 1 119 ? -1.359  -1.177  -6.002  1.00 18.35 ? 118  TYR A O   1 
ATOM   942  C CB  . TYR A 1 119 ? -0.261  0.412   -3.701  1.00 18.28 ? 118  TYR A CB  1 
ATOM   943  C CG  . TYR A 1 119 ? 1.203   -0.106  -3.749  1.00 17.55 ? 118  TYR A CG  1 
ATOM   944  C CD1 . TYR A 1 119 ? 2.270   0.807   -3.683  1.00 20.11 ? 118  TYR A CD1 1 
ATOM   945  C CD2 . TYR A 1 119 ? 1.506   -1.451  -3.882  1.00 15.79 ? 118  TYR A CD2 1 
ATOM   946  C CE1 . TYR A 1 119 ? 3.600   0.393   -3.761  1.00 20.56 ? 118  TYR A CE1 1 
ATOM   947  C CE2 . TYR A 1 119 ? 2.858   -1.876  -3.912  1.00 16.41 ? 118  TYR A CE2 1 
ATOM   948  C CZ  . TYR A 1 119 ? 3.870   -0.915  -3.863  1.00 20.31 ? 118  TYR A CZ  1 
ATOM   949  O OH  . TYR A 1 119 ? 5.181   -1.315  -3.913  1.00 21.64 ? 118  TYR A OH  1 
ATOM   950  N N   . ASP A 1 120 ? 0.326   -0.165  -7.016  1.00 17.42 ? 119  ASP A N   1 
ATOM   951  C CA  . ASP A 1 120 ? 0.457   -1.282  -7.957  1.00 19.35 ? 119  ASP A CA  1 
ATOM   952  C C   . ASP A 1 120 ? 1.428   -2.320  -7.395  1.00 18.66 ? 119  ASP A C   1 
ATOM   953  O O   . ASP A 1 120 ? 2.614   -2.048  -7.295  1.00 20.69 ? 119  ASP A O   1 
ATOM   954  C CB  . ASP A 1 120 ? 0.955   -0.768  -9.307  1.00 22.25 ? 119  ASP A CB  1 
ATOM   955  C CG  . ASP A 1 120 ? 1.054   -1.820  -10.398 1.00 25.66 ? 119  ASP A CG  1 
ATOM   956  O OD1 . ASP A 1 120 ? 0.864   -3.019  -10.096 1.00 29.64 ? 119  ASP A OD1 1 
ATOM   957  O OD2 . ASP A 1 120 ? 1.321   -1.446  -11.572 1.00 30.81 ? 119  ASP A OD2 1 
ATOM   958  N N   . GLU A 1 121 ? 0.921   -3.515  -7.037  1.00 17.99 ? 120  GLU A N   1 
ATOM   959  C CA  . GLU A 1 121 ? 1.802   -4.567  -6.459  1.00 20.35 ? 120  GLU A CA  1 
ATOM   960  C C   . GLU A 1 121 ? 2.728   -5.188  -7.508  1.00 25.40 ? 120  GLU A C   1 
ATOM   961  O O   . GLU A 1 121 ? 3.745   -5.796  -7.159  1.00 28.43 ? 120  GLU A O   1 
ATOM   962  C CB  . GLU A 1 121 ? 1.005   -5.711  -5.811  1.00 21.10 ? 120  GLU A CB  1 
ATOM   963  C CG  . GLU A 1 121 ? 0.177   -5.302  -4.599  1.00 17.16 ? 120  GLU A CG  1 
ATOM   964  C CD  . GLU A 1 121 ? 0.994   -4.983  -3.349  1.00 15.04 ? 120  GLU A CD  1 
ATOM   965  O OE1 . GLU A 1 121 ? 2.206   -5.272  -3.334  1.00 17.59 ? 120  GLU A OE1 1 
ATOM   966  O OE2 . GLU A 1 121 ? 0.408   -4.425  -2.386  1.00 17.25 ? 120  GLU A OE2 1 
ATOM   967  N N   . GLY A 1 122 ? 2.404   -5.062  -8.783  1.00 29.09 ? 121  GLY A N   1 
ATOM   968  C CA  . GLY A 1 122 ? 3.304   -5.615  -9.799  1.00 34.38 ? 121  GLY A CA  1 
ATOM   969  C C   . GLY A 1 122 ? 2.640   -6.848  -10.426 1.00 37.47 ? 121  GLY A C   1 
ATOM   970  O O   . GLY A 1 122 ? 1.684   -7.415  -9.774  1.00 40.71 ? 121  GLY A O   1 
HETATM 971  C C   . ACT B 2 .   ? -10.360 -3.823  2.864   1.00 50.50 ? 5000 ACT A C   1 
HETATM 972  O O   . ACT B 2 .   ? -11.018 -2.780  3.073   1.00 50.29 ? 5000 ACT A O   1 
HETATM 973  O OXT . ACT B 2 .   ? -9.120  -3.872  2.711   1.00 49.82 ? 5000 ACT A OXT 1 
HETATM 974  C CH3 . ACT B 2 .   ? -11.139 -5.137  2.781   1.00 51.15 ? 5000 ACT A CH3 1 
HETATM 975  S S   . SO4 C 3 .   ? -4.703  -1.653  -3.941  0.89 44.49 ? 1000 SO4 A S   1 
HETATM 976  O O1  . SO4 C 3 .   ? -3.641  -2.581  -4.688  0.89 40.13 ? 1000 SO4 A O1  1 
HETATM 977  O O2  . SO4 C 3 .   ? -4.340  -0.136  -3.918  0.89 31.93 ? 1000 SO4 A O2  1 
HETATM 978  O O3  . SO4 C 3 .   ? -6.058  -1.836  -4.610  0.89 41.74 ? 1000 SO4 A O3  1 
HETATM 979  O O4  . SO4 C 3 .   ? -4.788  -2.274  -2.487  0.89 35.25 ? 1000 SO4 A O4  1 
HETATM 980  S S   . SO4 D 3 .   ? 8.967   13.547  5.480   0.97 36.87 ? 1001 SO4 A S   1 
HETATM 981  O O1  . SO4 D 3 .   ? 9.646   12.442  4.763   0.97 36.73 ? 1001 SO4 A O1  1 
HETATM 982  O O2  . SO4 D 3 .   ? 9.674   14.826  5.138   0.97 36.74 ? 1001 SO4 A O2  1 
HETATM 983  O O3  . SO4 D 3 .   ? 7.504   13.680  5.138   0.97 34.80 ? 1001 SO4 A O3  1 
HETATM 984  O O4  . SO4 D 3 .   ? 9.171   13.150  6.892   0.97 38.65 ? 1001 SO4 A O4  1 
HETATM 985  O O   . HOH E 4 .   ? 10.686  6.854   3.791   1.00 14.70 ? 5001 HOH A O   1 
HETATM 986  O O   . HOH E 4 .   ? 8.079   7.570   -16.514 1.00 20.02 ? 5002 HOH A O   1 
HETATM 987  O O   . HOH E 4 .   ? 4.735   -0.391  -7.092  1.00 22.29 ? 5003 HOH A O   1 
HETATM 988  O O   . HOH E 4 .   ? 2.760   -9.994  13.236  1.00 18.33 ? 5004 HOH A O   1 
HETATM 989  O O   . HOH E 4 .   ? -2.488  -4.353  -2.735  1.00 18.00 ? 5005 HOH A O   1 
HETATM 990  O O   . HOH E 4 .   ? 15.810  11.198  -1.526  1.00 19.18 ? 5006 HOH A O   1 
HETATM 991  O O   . HOH E 4 .   ? -3.323  7.361   -11.985 1.00 21.25 ? 5007 HOH A O   1 
HETATM 992  O O   . HOH E 4 .   ? 12.505  6.951   -0.906  1.00 21.07 ? 5008 HOH A O   1 
HETATM 993  O O   . HOH E 4 .   ? -4.282  8.165   -18.095 1.00 22.97 ? 5009 HOH A O   1 
HETATM 994  O O   . HOH E 4 .   ? -5.502  1.111   -1.536  1.00 23.76 ? 5010 HOH A O   1 
HETATM 995  O O   . HOH E 4 .   ? 10.267  7.132   -12.556 1.00 19.74 ? 5011 HOH A O   1 
HETATM 996  O O   . HOH E 4 .   ? -7.438  2.933   -2.388  1.00 22.98 ? 5012 HOH A O   1 
HETATM 997  O O   . HOH E 4 .   ? -6.116  -10.528 4.715   1.00 25.56 ? 5013 HOH A O   1 
HETATM 998  O O   . HOH E 4 .   ? 1.953   9.429   7.238   1.00 24.87 ? 5014 HOH A O   1 
HETATM 999  O O   . HOH E 4 .   ? 0.221   8.368   -16.228 1.00 20.36 ? 5015 HOH A O   1 
HETATM 1000 O O   . HOH E 4 .   ? -3.238  -11.451 9.503   1.00 22.60 ? 5016 HOH A O   1 
HETATM 1001 O O   . HOH E 4 .   ? -7.100  -11.531 12.715  1.00 21.90 ? 5017 HOH A O   1 
HETATM 1002 O O   . HOH E 4 .   ? 3.784   6.769   7.703   1.00 25.71 ? 5018 HOH A O   1 
HETATM 1003 O O   . HOH E 4 .   ? 12.267  -2.480  7.685   1.00 27.54 ? 5019 HOH A O   1 
HETATM 1004 O O   . HOH E 4 .   ? -1.070  12.989  1.692   1.00 33.72 ? 5020 HOH A O   1 
HETATM 1005 O O   . HOH E 4 .   ? 3.355   13.044  -10.624 1.00 27.44 ? 5021 HOH A O   1 
HETATM 1006 O O   . HOH E 4 .   ? -6.109  -16.537 14.255  1.00 28.61 ? 5022 HOH A O   1 
HETATM 1007 O O   . HOH E 4 .   ? 2.522   -10.112 15.811  1.00 32.68 ? 5023 HOH A O   1 
HETATM 1008 O O   . HOH E 4 .   ? -1.418  1.890   -16.383 1.00 25.90 ? 5024 HOH A O   1 
HETATM 1009 O O   . HOH E 4 .   ? 3.961   5.367   -20.215 1.00 33.91 ? 5025 HOH A O   1 
HETATM 1010 O O   . HOH E 4 .   ? 4.143   -6.196  -4.646  1.00 30.27 ? 5026 HOH A O   1 
HETATM 1011 O O   . HOH E 4 .   ? -1.045  1.384   7.108   1.00 26.06 ? 5027 HOH A O   1 
HETATM 1012 O O   . HOH E 4 .   ? 12.031  0.053   -12.406 1.00 41.93 ? 5028 HOH A O   1 
HETATM 1013 O O   . HOH E 4 .   ? 16.654  7.137   -9.023  1.00 27.78 ? 5029 HOH A O   1 
HETATM 1014 O O   . HOH E 4 .   ? -1.777  -4.316  -7.758  1.00 30.91 ? 5030 HOH A O   1 
HETATM 1015 O O   . HOH E 4 .   ? -1.151  5.410   7.411   1.00 34.24 ? 5031 HOH A O   1 
HETATM 1016 O O   . HOH E 4 .   ? 4.040   -11.830 10.262  1.00 30.37 ? 5032 HOH A O   1 
HETATM 1017 O O   . HOH E 4 .   ? -8.927  -3.417  13.902  1.00 31.48 ? 5033 HOH A O   1 
HETATM 1018 O O   . HOH E 4 .   ? 12.025  -1.125  -8.563  1.00 31.14 ? 5034 HOH A O   1 
HETATM 1019 O O   . HOH E 4 .   ? 11.632  -5.140  8.283   1.00 29.84 ? 5035 HOH A O   1 
HETATM 1020 O O   . HOH E 4 .   ? -4.248  1.543   -15.783 1.00 27.47 ? 5036 HOH A O   1 
HETATM 1021 O O   . HOH E 4 .   ? 3.408   -1.279  11.908  1.00 38.54 ? 5037 HOH A O   1 
HETATM 1022 O O   . HOH E 4 .   ? 13.478  -9.026  4.173   1.00 33.35 ? 5038 HOH A O   1 
HETATM 1023 O O   . HOH E 4 .   ? -9.173  -20.342 6.223   1.00 45.12 ? 5039 HOH A O   1 
HETATM 1024 O O   . HOH E 4 .   ? -7.421  -4.965  -0.535  1.00 35.76 ? 5040 HOH A O   1 
HETATM 1025 O O   . HOH E 4 .   ? 7.301   -11.665 1.425   1.00 33.13 ? 5041 HOH A O   1 
HETATM 1026 O O   . HOH E 4 .   ? -7.408  1.139   -6.086  1.00 48.81 ? 5042 HOH A O   1 
HETATM 1027 O O   . HOH E 4 .   ? 4.689   17.583  -4.906  1.00 33.66 ? 5043 HOH A O   1 
HETATM 1028 O O   . HOH E 4 .   ? 11.584  12.181  -1.734  1.00 28.90 ? 5044 HOH A O   1 
HETATM 1029 O O   . HOH E 4 .   ? -3.965  13.533  4.799   1.00 39.81 ? 5045 HOH A O   1 
HETATM 1030 O O   . HOH E 4 .   ? 9.564   10.261  -6.093  1.00 36.11 ? 5046 HOH A O   1 
HETATM 1031 O O   . HOH E 4 .   ? 0.575   15.561  -5.234  1.00 33.38 ? 5047 HOH A O   1 
HETATM 1032 O O   A HOH E 4 .   ? -3.324  13.213  -10.157 0.50 37.81 ? 5048 HOH A O   1 
HETATM 1033 O O   B HOH E 4 .   ? -1.328  13.385  -10.249 0.50 45.28 ? 5048 HOH A O   1 
HETATM 1034 O O   . HOH E 4 .   ? -6.877  -19.017 13.090  1.00 42.33 ? 5049 HOH A O   1 
HETATM 1035 O O   . HOH E 4 .   ? 2.850   -15.936 10.173  1.00 35.13 ? 5050 HOH A O   1 
HETATM 1036 O O   . HOH E 4 .   ? 12.273  13.779  -6.069  1.00 35.31 ? 5051 HOH A O   1 
HETATM 1037 O O   . HOH E 4 .   ? 9.251   -6.257  -0.735  1.00 36.22 ? 5052 HOH A O   1 
HETATM 1038 O O   A HOH E 4 .   ? -11.020 2.575   4.097   0.50 38.06 ? 5053 HOH A O   1 
HETATM 1039 O O   B HOH E 4 .   ? -9.933  3.452   5.245   0.50 43.10 ? 5053 HOH A O   1 
HETATM 1040 O O   . HOH E 4 .   ? -4.128  -13.691 10.871  1.00 29.80 ? 5054 HOH A O   1 
HETATM 1041 O O   . HOH E 4 .   ? -6.224  13.478  -11.870 1.00 40.58 ? 5055 HOH A O   1 
HETATM 1042 O O   . HOH E 4 .   ? -16.159 11.560  0.078   1.00 47.82 ? 5056 HOH A O   1 
HETATM 1043 O O   . HOH E 4 .   ? -12.705 7.916   -3.552  1.00 38.62 ? 5057 HOH A O   1 
HETATM 1044 O O   . HOH E 4 .   ? 3.050   15.945  -0.648  1.00 33.24 ? 5058 HOH A O   1 
HETATM 1045 O O   . HOH E 4 .   ? -2.822  1.469   11.485  1.00 46.37 ? 5059 HOH A O   1 
HETATM 1046 O O   . HOH E 4 .   ? 9.931   11.419  -3.372  1.00 36.90 ? 5060 HOH A O   1 
HETATM 1047 O O   . HOH E 4 .   ? 9.858   -12.241 -2.136  1.00 52.62 ? 5061 HOH A O   1 
HETATM 1048 O O   . HOH E 4 .   ? -11.994 -3.560  5.595   1.00 42.29 ? 5062 HOH A O   1 
HETATM 1049 O O   . HOH E 4 .   ? 8.501   -5.702  -3.210  1.00 61.77 ? 5063 HOH A O   1 
HETATM 1050 O O   . HOH E 4 .   ? 5.956   14.956  6.450   1.00 38.86 ? 5064 HOH A O   1 
HETATM 1051 O O   . HOH E 4 .   ? 10.197  0.235   10.498  1.00 42.03 ? 5065 HOH A O   1 
HETATM 1052 O O   . HOH E 4 .   ? -6.979  6.052   6.474   1.00 42.14 ? 5066 HOH A O   1 
HETATM 1053 O O   . HOH E 4 .   ? 8.831   -0.965  -10.004 1.00 52.19 ? 5067 HOH A O   1 
HETATM 1054 O O   . HOH E 4 .   ? -5.986  6.185   -11.195 1.00 57.42 ? 5068 HOH A O   1 
HETATM 1055 O O   . HOH E 4 .   ? 3.070   13.304  6.194   1.00 30.58 ? 5070 HOH A O   1 
HETATM 1056 O O   . HOH E 4 .   ? 2.692   16.556  -3.488  1.00 32.36 ? 5071 HOH A O   1 
HETATM 1057 O O   . HOH E 4 .   ? 9.838   14.128  -2.189  1.00 37.02 ? 5072 HOH A O   1 
HETATM 1058 O O   . HOH E 4 .   ? -0.469  8.267   7.386   1.00 35.79 ? 5073 HOH A O   1 
HETATM 1059 O O   . HOH E 4 .   ? -6.277  6.778   -16.047 1.00 45.88 ? 5074 HOH A O   1 
HETATM 1060 O O   . HOH E 4 .   ? 12.885  -1.329  9.761   1.00 45.58 ? 5075 HOH A O   1 
HETATM 1061 O O   . HOH E 4 .   ? -6.495  -12.556 10.057  1.00 43.01 ? 5076 HOH A O   1 
HETATM 1062 O O   . HOH E 4 .   ? -7.554  -9.284  7.815   1.00 44.13 ? 5077 HOH A O   1 
HETATM 1063 O O   . HOH E 4 .   ? 2.047   -3.514  14.662  1.00 40.54 ? 5078 HOH A O   1 
HETATM 1064 O O   . HOH E 4 .   ? -12.328 -1.154  6.727   1.00 48.75 ? 5079 HOH A O   1 
HETATM 1065 O O   . HOH E 4 .   ? 8.259   -12.990 7.881   1.00 49.09 ? 5080 HOH A O   1 
HETATM 1066 O O   A HOH E 4 .   ? -9.904  3.936   7.312   0.50 44.85 ? 5081 HOH A O   1 
HETATM 1067 O O   B HOH E 4 .   ? -8.004  4.540   8.036   0.50 57.61 ? 5081 HOH A O   1 
HETATM 1068 O O   . HOH E 4 .   ? 5.425   -11.142 16.020  1.00 51.68 ? 5082 HOH A O   1 
HETATM 1069 O O   . HOH E 4 .   ? -2.543  9.399   -16.572 1.00 47.33 ? 5083 HOH A O   1 
HETATM 1070 O O   . HOH E 4 .   ? -0.199  3.336   9.755   1.00 49.43 ? 5084 HOH A O   1 
HETATM 1071 O O   . HOH E 4 .   ? 3.007   5.714   9.730   1.00 41.47 ? 5085 HOH A O   1 
HETATM 1072 O O   . HOH E 4 .   ? -5.623  -10.984 8.294   1.00 39.84 ? 5086 HOH A O   1 
HETATM 1073 O O   . HOH E 4 .   ? 3.151   18.812  -9.005  1.00 42.62 ? 5087 HOH A O   1 
HETATM 1074 O O   . HOH E 4 .   ? -4.674  5.491   8.108   1.00 45.13 ? 5088 HOH A O   1 
HETATM 1075 O O   . HOH E 4 .   ? -5.760  4.037   -10.155 1.00 41.10 ? 5089 HOH A O   1 
HETATM 1076 O O   . HOH E 4 .   ? 1.160   -4.707  -12.373 1.00 48.44 ? 5090 HOH A O   1 
HETATM 1077 O O   . HOH E 4 .   ? -2.765  -1.282  -12.745 1.00 61.58 ? 5091 HOH A O   1 
HETATM 1078 O O   . HOH E 4 .   ? -1.419  -1.324  -10.585 1.00 49.08 ? 5092 HOH A O   1 
HETATM 1079 O O   . HOH E 4 .   ? 15.334  -7.563  -0.474  1.00 43.65 ? 5093 HOH A O   1 
HETATM 1080 O O   . HOH E 4 .   ? -1.985  17.492  -3.418  1.00 47.32 ? 5095 HOH A O   1 
HETATM 1081 O O   . HOH E 4 .   ? 5.592   20.350  -9.835  1.00 50.89 ? 5096 HOH A O   1 
HETATM 1082 O O   . HOH E 4 .   ? -4.361  9.401   -13.583 1.00 48.64 ? 5097 HOH A O   1 
HETATM 1083 O O   . HOH E 4 .   ? -0.192  15.168  2.519   1.00 48.75 ? 5098 HOH A O   1 
HETATM 1084 O O   A HOH E 4 .   ? 0.197   -2.603  13.726  0.52 28.92 ? 5099 HOH A O   1 
HETATM 1085 O O   B HOH E 4 .   ? 1.226   -2.181  12.770  0.48 30.74 ? 5099 HOH A O   1 
HETATM 1086 O O   . HOH E 4 .   ? 0.533   5.547   9.340   1.00 53.55 ? 5100 HOH A O   1 
HETATM 1087 O O   . HOH E 4 .   ? 6.318   -12.045 8.702   1.00 60.31 ? 5102 HOH A O   1 
HETATM 1088 O O   . HOH E 4 .   ? 12.657  -11.365 6.138   1.00 54.78 ? 5103 HOH A O   1 
HETATM 1089 O O   . HOH E 4 .   ? 5.741   -3.995  -4.313  1.00 34.30 ? 5104 HOH A O   1 
HETATM 1090 O O   . HOH E 4 .   ? -9.592  -6.391  14.050  1.00 43.18 ? 5105 HOH A O   1 
HETATM 1091 O O   . HOH E 4 .   ? -11.767 0.994   2.810   1.00 59.22 ? 5106 HOH A O   1 
HETATM 1092 O O   . HOH E 4 .   ? -12.216 4.412   2.859   1.00 48.52 ? 5107 HOH A O   1 
HETATM 1093 O O   . HOH E 4 .   ? -3.202  -19.761 1.682   1.00 48.84 ? 5110 HOH A O   1 
HETATM 1094 O O   . HOH E 4 .   ? -0.086  0.032   -15.497 1.00 45.20 ? 5111 HOH A O   1 
HETATM 1095 O O   . HOH E 4 .   ? -3.504  0.889   13.736  1.00 52.20 ? 5112 HOH A O   1 
HETATM 1096 O O   . HOH E 4 .   ? 5.190   17.144  5.069   1.00 48.06 ? 5114 HOH A O   1 
HETATM 1097 O O   . HOH E 4 .   ? -8.340  -3.828  -2.287  1.00 60.91 ? 5115 HOH A O   1 
HETATM 1098 O O   . HOH E 4 .   ? 4.825   -3.947  -7.418  1.00 65.20 ? 5116 HOH A O   1 
# 
